data_6E6W
# 
_entry.id   6E6W 
# 
_audit_conform.dict_name       mmcif_pdbx.dic 
_audit_conform.dict_version    5.379 
_audit_conform.dict_location   http://mmcif.pdb.org/dictionaries/ascii/mmcif_pdbx.dic 
# 
loop_
_database_2.database_id 
_database_2.database_code 
_database_2.pdbx_database_accession 
_database_2.pdbx_DOI 
PDB   6E6W         pdb_00006e6w 10.2210/pdb6e6w/pdb 
WWPDB D_1000235811 ?            ?                   
# 
loop_
_pdbx_database_related.db_name 
_pdbx_database_related.details 
_pdbx_database_related.db_id 
_pdbx_database_related.content_type 
PDB . 6E3N unspecified 
PDB . 6E3O unspecified 
PDB . 6E3M unspecified 
PDB . 6E3P unspecified 
PDB . 6E4C unspecified 
PDB . 6E4V unspecified 
PDB . 6E4X unspecified 
# 
_pdbx_database_status.status_code                     REL 
_pdbx_database_status.status_code_sf                  REL 
_pdbx_database_status.status_code_mr                  ? 
_pdbx_database_status.entry_id                        6E6W 
_pdbx_database_status.recvd_initial_deposition_date   2018-07-25 
_pdbx_database_status.SG_entry                        N 
_pdbx_database_status.deposit_site                    RCSB 
_pdbx_database_status.process_site                    RCSB 
_pdbx_database_status.status_code_cs                  ? 
_pdbx_database_status.methods_development_category    ? 
_pdbx_database_status.pdb_format_compatible           Y 
_pdbx_database_status.status_code_nmr_data            ? 
# 
loop_
_audit_author.name 
_audit_author.pdbx_ordinal 
_audit_author.identifier_ORCID 
'Dick, B.L.'     1 0000-0003-2024-7206 
'Morrison, C.N.' 2 0000-0002-4180-8407 
'Credille, C.V.' 3 ?                   
'Cohen, S.M.'    4 0000-0002-5233-2280 
# 
_citation.abstract                  ? 
_citation.abstract_id_CAS           ? 
_citation.book_id_ISBN              ? 
_citation.book_publisher            ? 
_citation.book_publisher_city       ? 
_citation.book_title                ? 
_citation.coordinate_linkage        ? 
_citation.country                   US 
_citation.database_id_Medline       ? 
_citation.details                   ? 
_citation.id                        primary 
_citation.journal_abbrev            J.Med.Chem. 
_citation.journal_id_ASTM           JMCMAR 
_citation.journal_id_CSD            0151 
_citation.journal_id_ISSN           0022-2623 
_citation.journal_full              ? 
_citation.journal_issue             ? 
_citation.journal_volume            62 
_citation.language                  ? 
_citation.page_first                9438 
_citation.page_last                 9449 
_citation.title                     'SAR Exploration of Tight-Binding Inhibitors of Influenza Virus PA Endonuclease.' 
_citation.year                      2019 
_citation.database_id_CSD           ? 
_citation.pdbx_database_id_DOI      10.1021/acs.jmedchem.9b00747 
_citation.pdbx_database_id_PubMed   31536340 
_citation.unpublished_flag          ? 
# 
loop_
_citation_author.citation_id 
_citation_author.name 
_citation_author.ordinal 
_citation_author.identifier_ORCID 
primary 'Credille, C.V.' 1 ?                   
primary 'Morrison, C.N.' 2 0000-0002-4180-8407 
primary 'Stokes, R.W.'   3 ?                   
primary 'Dick, B.L.'     4 ?                   
primary 'Feng, Y.'       5 ?                   
primary 'Sun, J.'        6 ?                   
primary 'Chen, Y.'       7 0000-0002-3465-7380 
primary 'Cohen, S.M.'    8 0000-0002-5233-2280 
# 
_cell.angle_alpha                  90.00 
_cell.angle_alpha_esd              ? 
_cell.angle_beta                   90.00 
_cell.angle_beta_esd               ? 
_cell.angle_gamma                  120.00 
_cell.angle_gamma_esd              ? 
_cell.entry_id                     6E6W 
_cell.details                      ? 
_cell.formula_units_Z              ? 
_cell.length_a                     74.920 
_cell.length_a_esd                 ? 
_cell.length_b                     74.920 
_cell.length_b_esd                 ? 
_cell.length_c                     120.010 
_cell.length_c_esd                 ? 
_cell.volume                       ? 
_cell.volume_esd                   ? 
_cell.Z_PDB                        12 
_cell.reciprocal_angle_alpha       ? 
_cell.reciprocal_angle_beta        ? 
_cell.reciprocal_angle_gamma       ? 
_cell.reciprocal_angle_alpha_esd   ? 
_cell.reciprocal_angle_beta_esd    ? 
_cell.reciprocal_angle_gamma_esd   ? 
_cell.reciprocal_length_a          ? 
_cell.reciprocal_length_b          ? 
_cell.reciprocal_length_c          ? 
_cell.reciprocal_length_a_esd      ? 
_cell.reciprocal_length_b_esd      ? 
_cell.reciprocal_length_c_esd      ? 
_cell.pdbx_unique_axis             ? 
# 
_symmetry.entry_id                         6E6W 
_symmetry.cell_setting                     ? 
_symmetry.Int_Tables_number                180 
_symmetry.space_group_name_Hall            ? 
_symmetry.space_group_name_H-M             'P 62 2 2' 
_symmetry.pdbx_full_space_group_name_H-M   ? 
# 
loop_
_entity.id 
_entity.type 
_entity.src_method 
_entity.pdbx_description 
_entity.formula_weight 
_entity.pdbx_number_of_molecules 
_entity.pdbx_ec 
_entity.pdbx_mutation 
_entity.pdbx_fragment 
_entity.details 
1 polymer     man 'Polymerase acidic protein'                                                                     22468.666 1  
3.1.-.- ? ? ? 
2 non-polymer syn 'MANGANESE (II) ION'                                                                            54.938    2  ? ? 
? ? 
3 non-polymer syn '3-hydroxy-6-[2-methyl-4-(1H-tetrazol-5-yl)phenyl]-4-oxo-1,4-dihydropyridine-2-carboxylic acid' 313.268   1  ? ? 
? ? 
4 water       nat water                                                                                           18.015    16 ? ? 
? ? 
# 
_entity_name_com.entity_id   1 
_entity_name_com.name        'RNA-directed RNA polymerase subunit P2' 
# 
_entity_poly.entity_id                      1 
_entity_poly.type                           'polypeptide(L)' 
_entity_poly.nstd_linkage                   no 
_entity_poly.nstd_monomer                   no 
_entity_poly.pdbx_seq_one_letter_code       
;MGSGMAMEDFVRQCFNPMIVELAEKAMKEYGEDPKIETNKFAAICTHLEVCFMYSDFGSGDPNALLKHRFEIIEGRDRIM
AWTVVNSICNTTGVEKPKFLPDLYDYKENRFIEIGVTRREVHIYYLEKANKIKSEKTHIHIFSFTGEEMATKADYTLDEE
SRARIKTRLFTIRQEMASRSLWDSFRQSERGE
;
_entity_poly.pdbx_seq_one_letter_code_can   
;MGSGMAMEDFVRQCFNPMIVELAEKAMKEYGEDPKIETNKFAAICTHLEVCFMYSDFGSGDPNALLKHRFEIIEGRDRIM
AWTVVNSICNTTGVEKPKFLPDLYDYKENRFIEIGVTRREVHIYYLEKANKIKSEKTHIHIFSFTGEEMATKADYTLDEE
SRARIKTRLFTIRQEMASRSLWDSFRQSERGE
;
_entity_poly.pdbx_strand_id                 A 
_entity_poly.pdbx_target_identifier         ? 
# 
loop_
_entity_poly_seq.entity_id 
_entity_poly_seq.num 
_entity_poly_seq.mon_id 
_entity_poly_seq.hetero 
1 1   MET n 
1 2   GLY n 
1 3   SER n 
1 4   GLY n 
1 5   MET n 
1 6   ALA n 
1 7   MET n 
1 8   GLU n 
1 9   ASP n 
1 10  PHE n 
1 11  VAL n 
1 12  ARG n 
1 13  GLN n 
1 14  CYS n 
1 15  PHE n 
1 16  ASN n 
1 17  PRO n 
1 18  MET n 
1 19  ILE n 
1 20  VAL n 
1 21  GLU n 
1 22  LEU n 
1 23  ALA n 
1 24  GLU n 
1 25  LYS n 
1 26  ALA n 
1 27  MET n 
1 28  LYS n 
1 29  GLU n 
1 30  TYR n 
1 31  GLY n 
1 32  GLU n 
1 33  ASP n 
1 34  PRO n 
1 35  LYS n 
1 36  ILE n 
1 37  GLU n 
1 38  THR n 
1 39  ASN n 
1 40  LYS n 
1 41  PHE n 
1 42  ALA n 
1 43  ALA n 
1 44  ILE n 
1 45  CYS n 
1 46  THR n 
1 47  HIS n 
1 48  LEU n 
1 49  GLU n 
1 50  VAL n 
1 51  CYS n 
1 52  PHE n 
1 53  MET n 
1 54  TYR n 
1 55  SER n 
1 56  ASP n 
1 57  PHE n 
1 58  GLY n 
1 59  SER n 
1 60  GLY n 
1 61  ASP n 
1 62  PRO n 
1 63  ASN n 
1 64  ALA n 
1 65  LEU n 
1 66  LEU n 
1 67  LYS n 
1 68  HIS n 
1 69  ARG n 
1 70  PHE n 
1 71  GLU n 
1 72  ILE n 
1 73  ILE n 
1 74  GLU n 
1 75  GLY n 
1 76  ARG n 
1 77  ASP n 
1 78  ARG n 
1 79  ILE n 
1 80  MET n 
1 81  ALA n 
1 82  TRP n 
1 83  THR n 
1 84  VAL n 
1 85  VAL n 
1 86  ASN n 
1 87  SER n 
1 88  ILE n 
1 89  CYS n 
1 90  ASN n 
1 91  THR n 
1 92  THR n 
1 93  GLY n 
1 94  VAL n 
1 95  GLU n 
1 96  LYS n 
1 97  PRO n 
1 98  LYS n 
1 99  PHE n 
1 100 LEU n 
1 101 PRO n 
1 102 ASP n 
1 103 LEU n 
1 104 TYR n 
1 105 ASP n 
1 106 TYR n 
1 107 LYS n 
1 108 GLU n 
1 109 ASN n 
1 110 ARG n 
1 111 PHE n 
1 112 ILE n 
1 113 GLU n 
1 114 ILE n 
1 115 GLY n 
1 116 VAL n 
1 117 THR n 
1 118 ARG n 
1 119 ARG n 
1 120 GLU n 
1 121 VAL n 
1 122 HIS n 
1 123 ILE n 
1 124 TYR n 
1 125 TYR n 
1 126 LEU n 
1 127 GLU n 
1 128 LYS n 
1 129 ALA n 
1 130 ASN n 
1 131 LYS n 
1 132 ILE n 
1 133 LYS n 
1 134 SER n 
1 135 GLU n 
1 136 LYS n 
1 137 THR n 
1 138 HIS n 
1 139 ILE n 
1 140 HIS n 
1 141 ILE n 
1 142 PHE n 
1 143 SER n 
1 144 PHE n 
1 145 THR n 
1 146 GLY n 
1 147 GLU n 
1 148 GLU n 
1 149 MET n 
1 150 ALA n 
1 151 THR n 
1 152 LYS n 
1 153 ALA n 
1 154 ASP n 
1 155 TYR n 
1 156 THR n 
1 157 LEU n 
1 158 ASP n 
1 159 GLU n 
1 160 GLU n 
1 161 SER n 
1 162 ARG n 
1 163 ALA n 
1 164 ARG n 
1 165 ILE n 
1 166 LYS n 
1 167 THR n 
1 168 ARG n 
1 169 LEU n 
1 170 PHE n 
1 171 THR n 
1 172 ILE n 
1 173 ARG n 
1 174 GLN n 
1 175 GLU n 
1 176 MET n 
1 177 ALA n 
1 178 SER n 
1 179 ARG n 
1 180 SER n 
1 181 LEU n 
1 182 TRP n 
1 183 ASP n 
1 184 SER n 
1 185 PHE n 
1 186 ARG n 
1 187 GLN n 
1 188 SER n 
1 189 GLU n 
1 190 ARG n 
1 191 GLY n 
1 192 GLU n 
# 
_entity_src_gen.entity_id                          1 
_entity_src_gen.pdbx_src_id                        1 
_entity_src_gen.pdbx_alt_source_flag               sample 
_entity_src_gen.pdbx_seq_type                      'Biological sequence' 
_entity_src_gen.pdbx_beg_seq_num                   1 
_entity_src_gen.pdbx_end_seq_num                   192 
_entity_src_gen.gene_src_common_name               ? 
_entity_src_gen.gene_src_genus                     ? 
_entity_src_gen.pdbx_gene_src_gene                 PA 
_entity_src_gen.gene_src_species                   ? 
_entity_src_gen.gene_src_strain                    'swl A/California/04/2009 H1N1' 
_entity_src_gen.gene_src_tissue                    ? 
_entity_src_gen.gene_src_tissue_fraction           ? 
_entity_src_gen.gene_src_details                   ? 
_entity_src_gen.pdbx_gene_src_fragment             ? 
_entity_src_gen.pdbx_gene_src_scientific_name      'Influenza A virus' 
_entity_src_gen.pdbx_gene_src_ncbi_taxonomy_id     641501 
_entity_src_gen.pdbx_gene_src_variant              ? 
_entity_src_gen.pdbx_gene_src_cell_line            ? 
_entity_src_gen.pdbx_gene_src_atcc                 ? 
_entity_src_gen.pdbx_gene_src_organ                ? 
_entity_src_gen.pdbx_gene_src_organelle            ? 
_entity_src_gen.pdbx_gene_src_cell                 ? 
_entity_src_gen.pdbx_gene_src_cellular_location    ? 
_entity_src_gen.host_org_common_name               ? 
_entity_src_gen.pdbx_host_org_scientific_name      'Escherichia coli BL21' 
_entity_src_gen.pdbx_host_org_ncbi_taxonomy_id     511693 
_entity_src_gen.host_org_genus                     ? 
_entity_src_gen.pdbx_host_org_gene                 ? 
_entity_src_gen.pdbx_host_org_organ                ? 
_entity_src_gen.host_org_species                   ? 
_entity_src_gen.pdbx_host_org_tissue               ? 
_entity_src_gen.pdbx_host_org_tissue_fraction      ? 
_entity_src_gen.pdbx_host_org_strain               ? 
_entity_src_gen.pdbx_host_org_variant              ? 
_entity_src_gen.pdbx_host_org_cell_line            ? 
_entity_src_gen.pdbx_host_org_atcc                 ? 
_entity_src_gen.pdbx_host_org_culture_collection   ? 
_entity_src_gen.pdbx_host_org_cell                 ? 
_entity_src_gen.pdbx_host_org_organelle            ? 
_entity_src_gen.pdbx_host_org_cellular_location    ? 
_entity_src_gen.pdbx_host_org_vector_type          ? 
_entity_src_gen.pdbx_host_org_vector               ? 
_entity_src_gen.host_org_details                   ? 
_entity_src_gen.expression_system_id               ? 
_entity_src_gen.plasmid_name                       ? 
_entity_src_gen.plasmid_details                    ? 
_entity_src_gen.pdbx_description                   ? 
# 
_struct_ref.id                         1 
_struct_ref.db_name                    UNP 
_struct_ref.db_code                    C3W5S0_I09A0 
_struct_ref.pdbx_db_accession          C3W5S0 
_struct_ref.pdbx_db_isoform            ? 
_struct_ref.entity_id                  1 
_struct_ref.pdbx_seq_one_letter_code   
;MEDFVRQCFNPMIVELAEKAMKEYGEDPKIETNKFAAICTHLEVCFMYSDFHFIDERGESIIVESGDPNALLKHRFEIIE
GRDRIMAWTVVNSICNTTGVEKPKFLPDLYDYKENRFIEIGVTRREVHIYYLEKANKIKSEKTHIHIFSFTGEEMATKAD
YTLDEESRARIKTRLFTIRQEMASRSLWDSFRQSERGE
;
_struct_ref.pdbx_align_begin           1 
# 
_struct_ref_seq.align_id                      1 
_struct_ref_seq.ref_id                        1 
_struct_ref_seq.pdbx_PDB_id_code              6E6W 
_struct_ref_seq.pdbx_strand_id                A 
_struct_ref_seq.seq_align_beg                 7 
_struct_ref_seq.pdbx_seq_align_beg_ins_code   ? 
_struct_ref_seq.seq_align_end                 192 
_struct_ref_seq.pdbx_seq_align_end_ins_code   ? 
_struct_ref_seq.pdbx_db_accession             C3W5S0 
_struct_ref_seq.db_align_beg                  1 
_struct_ref_seq.pdbx_db_align_beg_ins_code    ? 
_struct_ref_seq.db_align_end                  198 
_struct_ref_seq.pdbx_db_align_end_ins_code    ? 
_struct_ref_seq.pdbx_auth_seq_align_beg       1 
_struct_ref_seq.pdbx_auth_seq_align_end       198 
# 
loop_
_struct_ref_seq_dif.align_id 
_struct_ref_seq_dif.pdbx_pdb_id_code 
_struct_ref_seq_dif.mon_id 
_struct_ref_seq_dif.pdbx_pdb_strand_id 
_struct_ref_seq_dif.seq_num 
_struct_ref_seq_dif.pdbx_pdb_ins_code 
_struct_ref_seq_dif.pdbx_seq_db_name 
_struct_ref_seq_dif.pdbx_seq_db_accession_code 
_struct_ref_seq_dif.db_mon_id 
_struct_ref_seq_dif.pdbx_seq_db_seq_num 
_struct_ref_seq_dif.details 
_struct_ref_seq_dif.pdbx_auth_seq_num 
_struct_ref_seq_dif.pdbx_ordinal 
1 6E6W MET A 1  ? UNP C3W5S0 ?   ?  'expression tag' -5 1  
1 6E6W GLY A 2  ? UNP C3W5S0 ?   ?  'expression tag' -4 2  
1 6E6W SER A 3  ? UNP C3W5S0 ?   ?  'expression tag' -3 3  
1 6E6W GLY A 4  ? UNP C3W5S0 ?   ?  'expression tag' -2 4  
1 6E6W MET A 5  ? UNP C3W5S0 ?   ?  'expression tag' -1 5  
1 6E6W ALA A 6  ? UNP C3W5S0 ?   ?  'expression tag' 0  6  
1 6E6W GLY A 58 ? UNP C3W5S0 HIS 52 conflict         52 7  
1 6E6W ?   A ?  ? UNP C3W5S0 PHE 53 deletion         ?  8  
1 6E6W ?   A ?  ? UNP C3W5S0 ILE 54 deletion         ?  9  
1 6E6W ?   A ?  ? UNP C3W5S0 ASP 55 deletion         ?  10 
1 6E6W ?   A ?  ? UNP C3W5S0 GLU 56 deletion         ?  11 
1 6E6W ?   A ?  ? UNP C3W5S0 ARG 57 deletion         ?  12 
1 6E6W ?   A ?  ? UNP C3W5S0 GLY 58 deletion         ?  13 
1 6E6W ?   A ?  ? UNP C3W5S0 GLU 59 deletion         ?  14 
1 6E6W ?   A ?  ? UNP C3W5S0 SER 60 deletion         ?  15 
1 6E6W ?   A ?  ? UNP C3W5S0 ILE 61 deletion         ?  16 
1 6E6W ?   A ?  ? UNP C3W5S0 ILE 62 deletion         ?  17 
1 6E6W ?   A ?  ? UNP C3W5S0 VAL 63 deletion         ?  18 
1 6E6W ?   A ?  ? UNP C3W5S0 GLU 64 deletion         ?  19 
# 
loop_
_chem_comp.id 
_chem_comp.type 
_chem_comp.mon_nstd_flag 
_chem_comp.name 
_chem_comp.pdbx_synonyms 
_chem_comp.formula 
_chem_comp.formula_weight 
ALA 'L-peptide linking' y ALANINE                                                                                         ? 
'C3 H7 N O2'     89.093  
ARG 'L-peptide linking' y ARGININE                                                                                        ? 
'C6 H15 N4 O2 1' 175.209 
ASN 'L-peptide linking' y ASPARAGINE                                                                                      ? 
'C4 H8 N2 O3'    132.118 
ASP 'L-peptide linking' y 'ASPARTIC ACID'                                                                                 ? 
'C4 H7 N O4'     133.103 
CYS 'L-peptide linking' y CYSTEINE                                                                                        ? 
'C3 H7 N O2 S'   121.158 
GLN 'L-peptide linking' y GLUTAMINE                                                                                       ? 
'C5 H10 N2 O3'   146.144 
GLU 'L-peptide linking' y 'GLUTAMIC ACID'                                                                                 ? 
'C5 H9 N O4'     147.129 
GLY 'peptide linking'   y GLYCINE                                                                                         ? 
'C2 H5 N O2'     75.067  
HIS 'L-peptide linking' y HISTIDINE                                                                                       ? 
'C6 H10 N3 O2 1' 156.162 
HOH non-polymer         . WATER                                                                                           ? 'H2 O' 
18.015  
HWJ non-polymer         . '3-hydroxy-6-[2-methyl-4-(1H-tetrazol-5-yl)phenyl]-4-oxo-1,4-dihydropyridine-2-carboxylic acid' ? 
'C14 H11 N5 O4'  313.268 
ILE 'L-peptide linking' y ISOLEUCINE                                                                                      ? 
'C6 H13 N O2'    131.173 
LEU 'L-peptide linking' y LEUCINE                                                                                         ? 
'C6 H13 N O2'    131.173 
LYS 'L-peptide linking' y LYSINE                                                                                          ? 
'C6 H15 N2 O2 1' 147.195 
MET 'L-peptide linking' y METHIONINE                                                                                      ? 
'C5 H11 N O2 S'  149.211 
MN  non-polymer         . 'MANGANESE (II) ION'                                                                            ? 'Mn 2' 
54.938  
PHE 'L-peptide linking' y PHENYLALANINE                                                                                   ? 
'C9 H11 N O2'    165.189 
PRO 'L-peptide linking' y PROLINE                                                                                         ? 
'C5 H9 N O2'     115.130 
SER 'L-peptide linking' y SERINE                                                                                          ? 
'C3 H7 N O3'     105.093 
THR 'L-peptide linking' y THREONINE                                                                                       ? 
'C4 H9 N O3'     119.119 
TRP 'L-peptide linking' y TRYPTOPHAN                                                                                      ? 
'C11 H12 N2 O2'  204.225 
TYR 'L-peptide linking' y TYROSINE                                                                                        ? 
'C9 H11 N O3'    181.189 
VAL 'L-peptide linking' y VALINE                                                                                          ? 
'C5 H11 N O2'    117.146 
# 
_exptl.absorpt_coefficient_mu     ? 
_exptl.absorpt_correction_T_max   ? 
_exptl.absorpt_correction_T_min   ? 
_exptl.absorpt_correction_type    ? 
_exptl.absorpt_process_details    ? 
_exptl.entry_id                   6E6W 
_exptl.crystals_number            1 
_exptl.details                    ? 
_exptl.method                     'X-RAY DIFFRACTION' 
_exptl.method_details             ? 
# 
_exptl_crystal.colour                      ? 
_exptl_crystal.density_diffrn              ? 
_exptl_crystal.density_Matthews            2.16 
_exptl_crystal.density_method              ? 
_exptl_crystal.density_percent_sol         43.15 
_exptl_crystal.description                 ? 
_exptl_crystal.F_000                       ? 
_exptl_crystal.id                          1 
_exptl_crystal.preparation                 ? 
_exptl_crystal.size_max                    ? 
_exptl_crystal.size_mid                    ? 
_exptl_crystal.size_min                    ? 
_exptl_crystal.size_rad                    ? 
_exptl_crystal.colour_lustre               ? 
_exptl_crystal.colour_modifier             ? 
_exptl_crystal.colour_primary              ? 
_exptl_crystal.density_meas                ? 
_exptl_crystal.density_meas_esd            ? 
_exptl_crystal.density_meas_gt             ? 
_exptl_crystal.density_meas_lt             ? 
_exptl_crystal.density_meas_temp           ? 
_exptl_crystal.density_meas_temp_esd       ? 
_exptl_crystal.density_meas_temp_gt        ? 
_exptl_crystal.density_meas_temp_lt        ? 
_exptl_crystal.pdbx_crystal_image_url      ? 
_exptl_crystal.pdbx_crystal_image_format   ? 
_exptl_crystal.pdbx_mosaicity              ? 
_exptl_crystal.pdbx_mosaicity_esd          ? 
# 
_exptl_crystal_grow.apparatus       ? 
_exptl_crystal_grow.atmosphere      ? 
_exptl_crystal_grow.crystal_id      1 
_exptl_crystal_grow.details         ? 
_exptl_crystal_grow.method          'VAPOR DIFFUSION, HANGING DROP' 
_exptl_crystal_grow.method_ref      ? 
_exptl_crystal_grow.pH              7.8 
_exptl_crystal_grow.pressure        ? 
_exptl_crystal_grow.pressure_esd    ? 
_exptl_crystal_grow.seeding         ? 
_exptl_crystal_grow.seeding_ref     ? 
_exptl_crystal_grow.temp            306 
_exptl_crystal_grow.temp_details    ? 
_exptl_crystal_grow.temp_esd        ? 
_exptl_crystal_grow.time            ? 
_exptl_crystal_grow.pdbx_details    '30% PEG4000, 100 mM Tris, pH 8.35, 200-220 mM sodium acetate' 
_exptl_crystal_grow.pdbx_pH_range   ? 
# 
_diffrn.ambient_environment              ? 
_diffrn.ambient_temp                     100 
_diffrn.ambient_temp_details             ? 
_diffrn.ambient_temp_esd                 ? 
_diffrn.crystal_id                       1 
_diffrn.crystal_support                  ? 
_diffrn.crystal_treatment                ? 
_diffrn.details                          ? 
_diffrn.id                               1 
_diffrn.ambient_pressure                 ? 
_diffrn.ambient_pressure_esd             ? 
_diffrn.ambient_pressure_gt              ? 
_diffrn.ambient_pressure_lt              ? 
_diffrn.ambient_temp_gt                  ? 
_diffrn.ambient_temp_lt                  ? 
_diffrn.pdbx_serial_crystal_experiment   ? 
# 
_diffrn_detector.details                      ? 
_diffrn_detector.detector                     PIXEL 
_diffrn_detector.diffrn_id                    1 
_diffrn_detector.type                         'DECTRIS PILATUS3 6M' 
_diffrn_detector.area_resol_mean              ? 
_diffrn_detector.dtime                        ? 
_diffrn_detector.pdbx_frames_total            ? 
_diffrn_detector.pdbx_collection_time_total   ? 
_diffrn_detector.pdbx_collection_date         2017-12-15 
_diffrn_detector.pdbx_frequency               ? 
# 
_diffrn_radiation.collimation                      ? 
_diffrn_radiation.diffrn_id                        1 
_diffrn_radiation.filter_edge                      ? 
_diffrn_radiation.inhomogeneity                    ? 
_diffrn_radiation.monochromator                    'double-crystal Si(111)' 
_diffrn_radiation.polarisn_norm                    ? 
_diffrn_radiation.polarisn_ratio                   ? 
_diffrn_radiation.probe                            ? 
_diffrn_radiation.type                             ? 
_diffrn_radiation.xray_symbol                      ? 
_diffrn_radiation.wavelength_id                    1 
_diffrn_radiation.pdbx_monochromatic_or_laue_m_l   M 
_diffrn_radiation.pdbx_wavelength_list             ? 
_diffrn_radiation.pdbx_wavelength                  ? 
_diffrn_radiation.pdbx_diffrn_protocol             'SINGLE WAVELENGTH' 
_diffrn_radiation.pdbx_analyzer                    ? 
_diffrn_radiation.pdbx_scattering_type             x-ray 
# 
_diffrn_radiation_wavelength.id           1 
_diffrn_radiation_wavelength.wavelength   1.00 
_diffrn_radiation_wavelength.wt           1.0 
# 
_diffrn_source.current                     ? 
_diffrn_source.details                     ? 
_diffrn_source.diffrn_id                   1 
_diffrn_source.power                       ? 
_diffrn_source.size                        ? 
_diffrn_source.source                      SYNCHROTRON 
_diffrn_source.target                      ? 
_diffrn_source.type                        'ALS BEAMLINE 5.0.2' 
_diffrn_source.voltage                     ? 
_diffrn_source.take-off_angle              ? 
_diffrn_source.pdbx_wavelength_list        1.00 
_diffrn_source.pdbx_wavelength             ? 
_diffrn_source.pdbx_synchrotron_beamline   5.0.2 
_diffrn_source.pdbx_synchrotron_site       ALS 
# 
_reflns.B_iso_Wilson_estimate            ? 
_reflns.entry_id                         6E6W 
_reflns.data_reduction_details           ? 
_reflns.data_reduction_method            ? 
_reflns.d_resolution_high                2.35 
_reflns.d_resolution_low                 44.05 
_reflns.details                          ? 
_reflns.limit_h_max                      ? 
_reflns.limit_h_min                      ? 
_reflns.limit_k_max                      ? 
_reflns.limit_k_min                      ? 
_reflns.limit_l_max                      ? 
_reflns.limit_l_min                      ? 
_reflns.number_all                       ? 
_reflns.number_obs                       8854 
_reflns.observed_criterion               ? 
_reflns.observed_criterion_F_max         ? 
_reflns.observed_criterion_F_min         ? 
_reflns.observed_criterion_I_max         ? 
_reflns.observed_criterion_I_min         ? 
_reflns.observed_criterion_sigma_F       ? 
_reflns.observed_criterion_sigma_I       ? 
_reflns.percent_possible_obs             100.0 
_reflns.R_free_details                   ? 
_reflns.Rmerge_F_all                     ? 
_reflns.Rmerge_F_obs                     ? 
_reflns.Friedel_coverage                 ? 
_reflns.number_gt                        ? 
_reflns.threshold_expression             ? 
_reflns.pdbx_redundancy                  31.4 
_reflns.pdbx_Rmerge_I_obs                0.089 
_reflns.pdbx_Rmerge_I_all                ? 
_reflns.pdbx_Rsym_value                  ? 
_reflns.pdbx_netI_over_av_sigmaI         ? 
_reflns.pdbx_netI_over_sigmaI            25.3 
_reflns.pdbx_res_netI_over_av_sigmaI_2   ? 
_reflns.pdbx_res_netI_over_sigmaI_2      ? 
_reflns.pdbx_chi_squared                 ? 
_reflns.pdbx_scaling_rejects             ? 
_reflns.pdbx_d_res_high_opt              ? 
_reflns.pdbx_d_res_low_opt               ? 
_reflns.pdbx_d_res_opt_method            ? 
_reflns.phase_calculation_details        ? 
_reflns.pdbx_Rrim_I_all                  0.092 
_reflns.pdbx_Rpim_I_all                  0.022 
_reflns.pdbx_d_opt                       ? 
_reflns.pdbx_number_measured_all         ? 
_reflns.pdbx_diffrn_id                   1 
_reflns.pdbx_ordinal                     1 
_reflns.pdbx_CC_half                     ? 
_reflns.pdbx_R_split                     ? 
# 
_reflns_shell.d_res_high                  2.35 
_reflns_shell.d_res_low                   2.43 
_reflns_shell.meanI_over_sigI_all         ? 
_reflns_shell.meanI_over_sigI_obs         7.3 
_reflns_shell.number_measured_all         ? 
_reflns_shell.number_measured_obs         ? 
_reflns_shell.number_possible             ? 
_reflns_shell.number_unique_all           ? 
_reflns_shell.number_unique_obs           831 
_reflns_shell.percent_possible_all        100.0 
_reflns_shell.percent_possible_obs        ? 
_reflns_shell.Rmerge_F_all                ? 
_reflns_shell.Rmerge_F_obs                ? 
_reflns_shell.Rmerge_I_all                ? 
_reflns_shell.Rmerge_I_obs                0.426 
_reflns_shell.meanI_over_sigI_gt          ? 
_reflns_shell.meanI_over_uI_all           ? 
_reflns_shell.meanI_over_uI_gt            ? 
_reflns_shell.number_measured_gt          ? 
_reflns_shell.number_unique_gt            ? 
_reflns_shell.percent_possible_gt         ? 
_reflns_shell.Rmerge_F_gt                 ? 
_reflns_shell.Rmerge_I_gt                 ? 
_reflns_shell.pdbx_redundancy             31.1 
_reflns_shell.pdbx_Rsym_value             ? 
_reflns_shell.pdbx_chi_squared            ? 
_reflns_shell.pdbx_netI_over_sigmaI_all   ? 
_reflns_shell.pdbx_netI_over_sigmaI_obs   ? 
_reflns_shell.pdbx_Rrim_I_all             0.439 
_reflns_shell.pdbx_Rpim_I_all             0.107 
_reflns_shell.pdbx_rejects                ? 
_reflns_shell.pdbx_ordinal                1 
_reflns_shell.pdbx_diffrn_id              1 
_reflns_shell.pdbx_CC_half                ? 
_reflns_shell.pdbx_R_split                ? 
# 
_refine.aniso_B[1][1]                            -0.01 
_refine.aniso_B[1][2]                            -0.00 
_refine.aniso_B[1][3]                            -0.00 
_refine.aniso_B[2][2]                            -0.01 
_refine.aniso_B[2][3]                            0.00 
_refine.aniso_B[3][3]                            0.03 
_refine.B_iso_max                                ? 
_refine.B_iso_mean                               49.986 
_refine.B_iso_min                                ? 
_refine.correlation_coeff_Fo_to_Fc               0.943 
_refine.correlation_coeff_Fo_to_Fc_free          0.917 
_refine.details                                  'HYDROGENS HAVE BEEN ADDED IN THE RIDING POSITIONS' 
_refine.diff_density_max                         ? 
_refine.diff_density_max_esd                     ? 
_refine.diff_density_min                         ? 
_refine.diff_density_min_esd                     ? 
_refine.diff_density_rms                         ? 
_refine.diff_density_rms_esd                     ? 
_refine.entry_id                                 6E6W 
_refine.pdbx_refine_id                           'X-RAY DIFFRACTION' 
_refine.ls_abs_structure_details                 ? 
_refine.ls_abs_structure_Flack                   ? 
_refine.ls_abs_structure_Flack_esd               ? 
_refine.ls_abs_structure_Rogers                  ? 
_refine.ls_abs_structure_Rogers_esd              ? 
_refine.ls_d_res_high                            2.35 
_refine.ls_d_res_low                             44.05 
_refine.ls_extinction_coef                       ? 
_refine.ls_extinction_coef_esd                   ? 
_refine.ls_extinction_expression                 ? 
_refine.ls_extinction_method                     ? 
_refine.ls_goodness_of_fit_all                   ? 
_refine.ls_goodness_of_fit_all_esd               ? 
_refine.ls_goodness_of_fit_obs                   ? 
_refine.ls_goodness_of_fit_obs_esd               ? 
_refine.ls_hydrogen_treatment                    ? 
_refine.ls_matrix_type                           ? 
_refine.ls_number_constraints                    ? 
_refine.ls_number_parameters                     ? 
_refine.ls_number_reflns_all                     ? 
_refine.ls_number_reflns_obs                     8261 
_refine.ls_number_reflns_R_free                  525 
_refine.ls_number_reflns_R_work                  ? 
_refine.ls_number_restraints                     ? 
_refine.ls_percent_reflns_obs                    99.54 
_refine.ls_percent_reflns_R_free                 6.0 
_refine.ls_R_factor_all                          ? 
_refine.ls_R_factor_obs                          0.21410 
_refine.ls_R_factor_R_free                       0.27112 
_refine.ls_R_factor_R_free_error                 ? 
_refine.ls_R_factor_R_free_error_details         ? 
_refine.ls_R_factor_R_work                       0.21045 
_refine.ls_R_Fsqd_factor_obs                     ? 
_refine.ls_R_I_factor_obs                        ? 
_refine.ls_redundancy_reflns_all                 ? 
_refine.ls_redundancy_reflns_obs                 ? 
_refine.ls_restrained_S_all                      ? 
_refine.ls_restrained_S_obs                      ? 
_refine.ls_shift_over_esd_max                    ? 
_refine.ls_shift_over_esd_mean                   ? 
_refine.ls_structure_factor_coef                 ? 
_refine.ls_weighting_details                     ? 
_refine.ls_weighting_scheme                      ? 
_refine.ls_wR_factor_all                         ? 
_refine.ls_wR_factor_obs                         ? 
_refine.ls_wR_factor_R_free                      ? 
_refine.ls_wR_factor_R_work                      ? 
_refine.occupancy_max                            ? 
_refine.occupancy_min                            ? 
_refine.solvent_model_details                    ? 
_refine.solvent_model_param_bsol                 ? 
_refine.solvent_model_param_ksol                 ? 
_refine.ls_R_factor_gt                           ? 
_refine.ls_goodness_of_fit_gt                    ? 
_refine.ls_goodness_of_fit_ref                   ? 
_refine.ls_shift_over_su_max                     ? 
_refine.ls_shift_over_su_max_lt                  ? 
_refine.ls_shift_over_su_mean                    ? 
_refine.ls_shift_over_su_mean_lt                 ? 
_refine.pdbx_ls_sigma_I                          ? 
_refine.pdbx_ls_sigma_F                          ? 
_refine.pdbx_ls_sigma_Fsqd                       ? 
_refine.pdbx_data_cutoff_high_absF               ? 
_refine.pdbx_data_cutoff_high_rms_absF           ? 
_refine.pdbx_data_cutoff_low_absF                ? 
_refine.pdbx_isotropic_thermal_model             ? 
_refine.pdbx_ls_cross_valid_method               THROUGHOUT 
_refine.pdbx_method_to_determine_struct          'MOLECULAR REPLACEMENT' 
_refine.pdbx_starting_model                      'PDB entry 4AWM' 
_refine.pdbx_stereochemistry_target_values       ? 
_refine.pdbx_R_Free_selection_details            RANDOM 
_refine.pdbx_stereochem_target_val_spec_case     ? 
_refine.pdbx_overall_ESU_R                       0.406 
_refine.pdbx_overall_ESU_R_Free                  0.277 
_refine.pdbx_solvent_vdw_probe_radii             1.20 
_refine.pdbx_solvent_ion_probe_radii             0.80 
_refine.pdbx_solvent_shrinkage_radii             0.80 
_refine.pdbx_real_space_R                        ? 
_refine.pdbx_density_correlation                 ? 
_refine.pdbx_pd_number_of_powder_patterns        ? 
_refine.pdbx_pd_number_of_points                 ? 
_refine.pdbx_pd_meas_number_of_points            ? 
_refine.pdbx_pd_proc_ls_prof_R_factor            ? 
_refine.pdbx_pd_proc_ls_prof_wR_factor           ? 
_refine.pdbx_pd_Marquardt_correlation_coeff      ? 
_refine.pdbx_pd_Fsqrd_R_factor                   ? 
_refine.pdbx_pd_ls_matrix_band_width             ? 
_refine.pdbx_overall_phase_error                 ? 
_refine.pdbx_overall_SU_R_free_Cruickshank_DPI   ? 
_refine.pdbx_overall_SU_R_free_Blow_DPI          ? 
_refine.pdbx_overall_SU_R_Blow_DPI               ? 
_refine.pdbx_TLS_residual_ADP_flag               ? 
_refine.pdbx_diffrn_id                           1 
_refine.overall_SU_B                             8.542 
_refine.overall_SU_ML                            0.200 
_refine.overall_SU_R_Cruickshank_DPI             ? 
_refine.overall_SU_R_free                        ? 
_refine.overall_FOM_free_R_set                   ? 
_refine.overall_FOM_work_R_set                   ? 
_refine.pdbx_average_fsc_overall                 ? 
_refine.pdbx_average_fsc_work                    ? 
_refine.pdbx_average_fsc_free                    ? 
# 
_refine_hist.pdbx_refine_id                   'X-RAY DIFFRACTION' 
_refine_hist.cycle_id                         1 
_refine_hist.pdbx_number_atoms_protein        1448 
_refine_hist.pdbx_number_atoms_nucleic_acid   0 
_refine_hist.pdbx_number_atoms_ligand         25 
_refine_hist.number_atoms_solvent             16 
_refine_hist.number_atoms_total               1489 
_refine_hist.d_res_high                       2.35 
_refine_hist.d_res_low                        44.05 
# 
loop_
_refine_ls_restr.pdbx_refine_id 
_refine_ls_restr.criterion 
_refine_ls_restr.dev_ideal 
_refine_ls_restr.dev_ideal_target 
_refine_ls_restr.number 
_refine_ls_restr.rejects 
_refine_ls_restr.type 
_refine_ls_restr.weight 
_refine_ls_restr.pdbx_restraint_function 
'X-RAY DIFFRACTION' ? 0.015  0.019  1503 ? r_bond_refined_d             ? ? 
'X-RAY DIFFRACTION' ? 0.002  0.020  1400 ? r_bond_other_d               ? ? 
'X-RAY DIFFRACTION' ? 1.622  1.959  2017 ? r_angle_refined_deg          ? ? 
'X-RAY DIFFRACTION' ? 0.988  3.002  3219 ? r_angle_other_deg            ? ? 
'X-RAY DIFFRACTION' ? 5.769  5.000  171  ? r_dihedral_angle_1_deg       ? ? 
'X-RAY DIFFRACTION' ? 38.939 23.333 78   ? r_dihedral_angle_2_deg       ? ? 
'X-RAY DIFFRACTION' ? 17.894 15.000 278  ? r_dihedral_angle_3_deg       ? ? 
'X-RAY DIFFRACTION' ? 23.549 15.000 13   ? r_dihedral_angle_4_deg       ? ? 
'X-RAY DIFFRACTION' ? 0.094  0.200  211  ? r_chiral_restr               ? ? 
'X-RAY DIFFRACTION' ? 0.007  0.020  1659 ? r_gen_planes_refined         ? ? 
'X-RAY DIFFRACTION' ? 0.002  0.020  363  ? r_gen_planes_other           ? ? 
'X-RAY DIFFRACTION' ? ?      ?      ?    ? r_nbd_refined                ? ? 
'X-RAY DIFFRACTION' ? ?      ?      ?    ? r_nbd_other                  ? ? 
'X-RAY DIFFRACTION' ? ?      ?      ?    ? r_nbtor_refined              ? ? 
'X-RAY DIFFRACTION' ? ?      ?      ?    ? r_nbtor_other                ? ? 
'X-RAY DIFFRACTION' ? ?      ?      ?    ? r_xyhbond_nbd_refined        ? ? 
'X-RAY DIFFRACTION' ? ?      ?      ?    ? r_xyhbond_nbd_other          ? ? 
'X-RAY DIFFRACTION' ? ?      ?      ?    ? r_metal_ion_refined          ? ? 
'X-RAY DIFFRACTION' ? ?      ?      ?    ? r_metal_ion_other            ? ? 
'X-RAY DIFFRACTION' ? ?      ?      ?    ? r_symmetry_vdw_refined       ? ? 
'X-RAY DIFFRACTION' ? ?      ?      ?    ? r_symmetry_vdw_other         ? ? 
'X-RAY DIFFRACTION' ? ?      ?      ?    ? r_symmetry_hbond_refined     ? ? 
'X-RAY DIFFRACTION' ? ?      ?      ?    ? r_symmetry_hbond_other       ? ? 
'X-RAY DIFFRACTION' ? ?      ?      ?    ? r_symmetry_metal_ion_refined ? ? 
'X-RAY DIFFRACTION' ? ?      ?      ?    ? r_symmetry_metal_ion_other   ? ? 
'X-RAY DIFFRACTION' ? 3.481  4.642  693  ? r_mcbond_it                  ? ? 
'X-RAY DIFFRACTION' ? 3.465  4.640  692  ? r_mcbond_other               ? ? 
'X-RAY DIFFRACTION' ? 4.989  6.947  861  ? r_mcangle_it                 ? ? 
'X-RAY DIFFRACTION' ? 4.996  6.948  862  ? r_mcangle_other              ? ? 
'X-RAY DIFFRACTION' ? 4.833  5.218  810  ? r_scbond_it                  ? ? 
'X-RAY DIFFRACTION' ? 4.836  5.218  809  ? r_scbond_other               ? ? 
'X-RAY DIFFRACTION' ? ?      ?      ?    ? r_scangle_it                 ? ? 
'X-RAY DIFFRACTION' ? 7.332  7.611  1157 ? r_scangle_other              ? ? 
'X-RAY DIFFRACTION' ? 8.858  37.373 1783 ? r_long_range_B_refined       ? ? 
'X-RAY DIFFRACTION' ? 8.830  37.356 1780 ? r_long_range_B_other         ? ? 
'X-RAY DIFFRACTION' ? ?      ?      ?    ? r_rigid_bond_restr           ? ? 
'X-RAY DIFFRACTION' ? ?      ?      ?    ? r_sphericity_free            ? ? 
'X-RAY DIFFRACTION' ? ?      ?      ?    ? r_sphericity_bonded          ? ? 
# 
_refine_ls_shell.pdbx_refine_id                   'X-RAY DIFFRACTION' 
_refine_ls_shell.d_res_high                       2.350 
_refine_ls_shell.d_res_low                        2.411 
_refine_ls_shell.number_reflns_all                ? 
_refine_ls_shell.number_reflns_obs                ? 
_refine_ls_shell.number_reflns_R_free             33 
_refine_ls_shell.number_reflns_R_work             590 
_refine_ls_shell.percent_reflns_obs               99.36 
_refine_ls_shell.percent_reflns_R_free            ? 
_refine_ls_shell.R_factor_all                     ? 
_refine_ls_shell.R_factor_obs                     ? 
_refine_ls_shell.R_factor_R_free                  0.359 
_refine_ls_shell.R_factor_R_free_error            ? 
_refine_ls_shell.R_factor_R_work                  0.266 
_refine_ls_shell.redundancy_reflns_all            ? 
_refine_ls_shell.redundancy_reflns_obs            ? 
_refine_ls_shell.wR_factor_all                    ? 
_refine_ls_shell.wR_factor_obs                    ? 
_refine_ls_shell.wR_factor_R_free                 ? 
_refine_ls_shell.wR_factor_R_work                 ? 
_refine_ls_shell.pdbx_total_number_of_bins_used   20 
_refine_ls_shell.pdbx_phase_error                 ? 
_refine_ls_shell.pdbx_fsc_work                    ? 
_refine_ls_shell.pdbx_fsc_free                    ? 
# 
_struct.entry_id                     6E6W 
_struct.title                        
;The N-terminal domain of PA endonuclease from the influenza H1N1 virus in complex with 3-hydroxy-6-(2-methyl-4-(1H-tetrazol-5-yl)phenyl)-4-oxo-1,4-dihydropyridine-2-carboxylic acid
;
_struct.pdbx_model_details           ? 
_struct.pdbx_formula_weight          ? 
_struct.pdbx_formula_weight_method   ? 
_struct.pdbx_model_type_details      ? 
_struct.pdbx_CASP_flag               N 
# 
_struct_keywords.entry_id        6E6W 
_struct_keywords.text            'PA endonuclease, inhibitor, influenza, H1N1, HYDROLASE-HYDROLASE INHIBITOR complex' 
_struct_keywords.pdbx_keywords   'HYDROLASE/HYDROLASE INHIBITOR' 
# 
loop_
_struct_asym.id 
_struct_asym.pdbx_blank_PDB_chainid_flag 
_struct_asym.pdbx_modified 
_struct_asym.entity_id 
_struct_asym.details 
A N N 1 ? 
B N N 2 ? 
C N N 2 ? 
D N N 3 ? 
E N N 4 ? 
# 
loop_
_struct_conf.conf_type_id 
_struct_conf.id 
_struct_conf.pdbx_PDB_helix_id 
_struct_conf.beg_label_comp_id 
_struct_conf.beg_label_asym_id 
_struct_conf.beg_label_seq_id 
_struct_conf.pdbx_beg_PDB_ins_code 
_struct_conf.end_label_comp_id 
_struct_conf.end_label_asym_id 
_struct_conf.end_label_seq_id 
_struct_conf.pdbx_end_PDB_ins_code 
_struct_conf.beg_auth_comp_id 
_struct_conf.beg_auth_asym_id 
_struct_conf.beg_auth_seq_id 
_struct_conf.end_auth_comp_id 
_struct_conf.end_auth_asym_id 
_struct_conf.end_auth_seq_id 
_struct_conf.pdbx_PDB_helix_class 
_struct_conf.details 
_struct_conf.pdbx_PDB_helix_length 
HELX_P HELX_P1 AA1 MET A 5   ? PHE A 15  ? MET A -1  PHE A 9   1 ? 11 
HELX_P HELX_P2 AA2 ASN A 16  ? TYR A 30  ? ASN A 10  TYR A 24  1 ? 15 
HELX_P HELX_P3 AA3 GLU A 37  ? PHE A 57  ? GLU A 31  PHE A 51  1 ? 21 
HELX_P HELX_P4 AA4 ASP A 77  ? GLY A 93  ? ASP A 83  GLY A 99  1 ? 17 
HELX_P HELX_P5 AA5 GLU A 120 ? ILE A 132 ? GLU A 126 ILE A 138 1 ? 13 
HELX_P HELX_P6 AA6 LYS A 152 ? ASP A 154 ? LYS A 158 ASP A 160 5 ? 3  
HELX_P HELX_P7 AA7 ASP A 158 ? ARG A 179 ? ASP A 164 ARG A 185 1 ? 22 
HELX_P HELX_P8 AA8 LEU A 181 ? SER A 188 ? LEU A 187 SER A 194 1 ? 8  
# 
_struct_conf_type.id          HELX_P 
_struct_conf_type.criteria    ? 
_struct_conf_type.reference   ? 
# 
loop_
_struct_conn.id 
_struct_conn.conn_type_id 
_struct_conn.pdbx_leaving_atom_flag 
_struct_conn.pdbx_PDB_id 
_struct_conn.ptnr1_label_asym_id 
_struct_conn.ptnr1_label_comp_id 
_struct_conn.ptnr1_label_seq_id 
_struct_conn.ptnr1_label_atom_id 
_struct_conn.pdbx_ptnr1_label_alt_id 
_struct_conn.pdbx_ptnr1_PDB_ins_code 
_struct_conn.pdbx_ptnr1_standard_comp_id 
_struct_conn.ptnr1_symmetry 
_struct_conn.ptnr2_label_asym_id 
_struct_conn.ptnr2_label_comp_id 
_struct_conn.ptnr2_label_seq_id 
_struct_conn.ptnr2_label_atom_id 
_struct_conn.pdbx_ptnr2_label_alt_id 
_struct_conn.pdbx_ptnr2_PDB_ins_code 
_struct_conn.ptnr1_auth_asym_id 
_struct_conn.ptnr1_auth_comp_id 
_struct_conn.ptnr1_auth_seq_id 
_struct_conn.ptnr2_auth_asym_id 
_struct_conn.ptnr2_auth_comp_id 
_struct_conn.ptnr2_auth_seq_id 
_struct_conn.ptnr2_symmetry 
_struct_conn.pdbx_ptnr3_label_atom_id 
_struct_conn.pdbx_ptnr3_label_seq_id 
_struct_conn.pdbx_ptnr3_label_comp_id 
_struct_conn.pdbx_ptnr3_label_asym_id 
_struct_conn.pdbx_ptnr3_label_alt_id 
_struct_conn.pdbx_ptnr3_PDB_ins_code 
_struct_conn.details 
_struct_conn.pdbx_dist_value 
_struct_conn.pdbx_value_order 
_struct_conn.pdbx_role 
metalc1  metalc ? ? A HIS 47  NE2 ? ? ? 1_555 C MN  . MN  ? ? A HIS 41  A MN  202 1_555 ? ? ? ? ? ? ? 2.323 ? ? 
metalc2  metalc ? ? A GLU 74  OE2 ? ? ? 1_555 B MN  . MN  ? ? A GLU 80  A MN  201 1_555 ? ? ? ? ? ? ? 1.877 ? ? 
metalc3  metalc ? ? A ASP 102 OD1 ? ? ? 1_555 B MN  . MN  ? ? A ASP 108 A MN  201 1_555 ? ? ? ? ? ? ? 2.111 ? ? 
metalc4  metalc ? ? A ASP 102 OD2 ? ? ? 1_555 C MN  . MN  ? ? A ASP 108 A MN  202 1_555 ? ? ? ? ? ? ? 2.106 ? ? 
metalc5  metalc ? ? A GLU 113 OE2 ? ? ? 1_555 C MN  . MN  ? ? A GLU 119 A MN  202 1_555 ? ? ? ? ? ? ? 2.108 ? ? 
metalc6  metalc ? ? A ILE 114 O   ? ? ? 1_555 C MN  . MN  ? ? A ILE 120 A MN  202 1_555 ? ? ? ? ? ? ? 2.199 ? ? 
metalc7  metalc ? ? B MN  .   MN  ? ? ? 1_555 D HWJ . OAV ? ? A MN  201 A HWJ 203 1_555 ? ? ? ? ? ? ? 1.969 ? ? 
metalc8  metalc ? ? B MN  .   MN  ? ? ? 1_555 D HWJ . OAT ? ? A MN  201 A HWJ 203 1_555 ? ? ? ? ? ? ? 2.185 ? ? 
metalc9  metalc ? ? B MN  .   MN  ? ? ? 1_555 E HOH . O   ? ? A MN  201 A HOH 302 1_555 ? ? ? ? ? ? ? 2.301 ? ? 
metalc10 metalc ? ? B MN  .   MN  ? ? ? 1_555 E HOH . O   ? ? A MN  201 A HOH 304 1_555 ? ? ? ? ? ? ? 2.437 ? ? 
metalc11 metalc ? ? C MN  .   MN  ? ? ? 1_555 D HWJ . OAT ? ? A MN  202 A HWJ 203 1_555 ? ? ? ? ? ? ? 2.142 ? ? 
metalc12 metalc ? ? C MN  .   MN  ? ? ? 1_555 D HWJ . OAP ? ? A MN  202 A HWJ 203 1_555 ? ? ? ? ? ? ? 2.113 ? ? 
# 
_struct_conn_type.id          metalc 
_struct_conn_type.criteria    ? 
_struct_conn_type.reference   ? 
# 
_struct_sheet.id               AA1 
_struct_sheet.type             ? 
_struct_sheet.number_strands   5 
_struct_sheet.details          ? 
# 
loop_
_struct_sheet_order.sheet_id 
_struct_sheet_order.range_id_1 
_struct_sheet_order.range_id_2 
_struct_sheet_order.offset 
_struct_sheet_order.sense 
AA1 1 2 ? anti-parallel 
AA1 2 3 ? anti-parallel 
AA1 3 4 ? parallel      
AA1 4 5 ? anti-parallel 
# 
loop_
_struct_sheet_range.sheet_id 
_struct_sheet_range.id 
_struct_sheet_range.beg_label_comp_id 
_struct_sheet_range.beg_label_asym_id 
_struct_sheet_range.beg_label_seq_id 
_struct_sheet_range.pdbx_beg_PDB_ins_code 
_struct_sheet_range.end_label_comp_id 
_struct_sheet_range.end_label_asym_id 
_struct_sheet_range.end_label_seq_id 
_struct_sheet_range.pdbx_end_PDB_ins_code 
_struct_sheet_range.beg_auth_comp_id 
_struct_sheet_range.beg_auth_asym_id 
_struct_sheet_range.beg_auth_seq_id 
_struct_sheet_range.end_auth_comp_id 
_struct_sheet_range.end_auth_asym_id 
_struct_sheet_range.end_auth_seq_id 
AA1 1 PHE A 70  ? ILE A 72  ? PHE A 76  ILE A 78  
AA1 2 LEU A 103 ? ASP A 105 ? LEU A 109 ASP A 111 
AA1 3 ARG A 110 ? THR A 117 ? ARG A 116 THR A 123 
AA1 4 HIS A 138 ? SER A 143 ? HIS A 144 SER A 149 
AA1 5 GLU A 148 ? ALA A 150 ? GLU A 154 ALA A 156 
# 
loop_
_pdbx_struct_sheet_hbond.sheet_id 
_pdbx_struct_sheet_hbond.range_id_1 
_pdbx_struct_sheet_hbond.range_id_2 
_pdbx_struct_sheet_hbond.range_1_label_atom_id 
_pdbx_struct_sheet_hbond.range_1_label_comp_id 
_pdbx_struct_sheet_hbond.range_1_label_asym_id 
_pdbx_struct_sheet_hbond.range_1_label_seq_id 
_pdbx_struct_sheet_hbond.range_1_PDB_ins_code 
_pdbx_struct_sheet_hbond.range_1_auth_atom_id 
_pdbx_struct_sheet_hbond.range_1_auth_comp_id 
_pdbx_struct_sheet_hbond.range_1_auth_asym_id 
_pdbx_struct_sheet_hbond.range_1_auth_seq_id 
_pdbx_struct_sheet_hbond.range_2_label_atom_id 
_pdbx_struct_sheet_hbond.range_2_label_comp_id 
_pdbx_struct_sheet_hbond.range_2_label_asym_id 
_pdbx_struct_sheet_hbond.range_2_label_seq_id 
_pdbx_struct_sheet_hbond.range_2_PDB_ins_code 
_pdbx_struct_sheet_hbond.range_2_auth_atom_id 
_pdbx_struct_sheet_hbond.range_2_auth_comp_id 
_pdbx_struct_sheet_hbond.range_2_auth_asym_id 
_pdbx_struct_sheet_hbond.range_2_auth_seq_id 
AA1 1 2 N GLU A 71  ? N GLU A 77  O TYR A 104 ? O TYR A 110 
AA1 2 3 N LEU A 103 ? N LEU A 109 O ILE A 112 ? O ILE A 118 
AA1 3 4 N GLU A 113 ? N GLU A 119 O HIS A 138 ? O HIS A 144 
AA1 4 5 N ILE A 141 ? N ILE A 147 O MET A 149 ? O MET A 155 
# 
loop_
_struct_site.id 
_struct_site.pdbx_evidence_code 
_struct_site.pdbx_auth_asym_id 
_struct_site.pdbx_auth_comp_id 
_struct_site.pdbx_auth_seq_id 
_struct_site.pdbx_auth_ins_code 
_struct_site.pdbx_num_residues 
_struct_site.details 
AC1 Software A MN  201 ? 5  'binding site for residue MN A 201'  
AC2 Software A MN  202 ? 5  'binding site for residue MN A 202'  
AC3 Software A HWJ 203 ? 13 'binding site for residue HWJ A 203' 
# 
loop_
_struct_site_gen.id 
_struct_site_gen.site_id 
_struct_site_gen.pdbx_num_res 
_struct_site_gen.label_comp_id 
_struct_site_gen.label_asym_id 
_struct_site_gen.label_seq_id 
_struct_site_gen.pdbx_auth_ins_code 
_struct_site_gen.auth_comp_id 
_struct_site_gen.auth_asym_id 
_struct_site_gen.auth_seq_id 
_struct_site_gen.label_atom_id 
_struct_site_gen.label_alt_id 
_struct_site_gen.symmetry 
_struct_site_gen.details 
1  AC1 5  GLU A 74  ? GLU A 80  . ? 1_555 ? 
2  AC1 5  ASP A 102 ? ASP A 108 . ? 1_555 ? 
3  AC1 5  HWJ D .   ? HWJ A 203 . ? 1_555 ? 
4  AC1 5  HOH E .   ? HOH A 302 . ? 1_555 ? 
5  AC1 5  HOH E .   ? HOH A 304 . ? 1_555 ? 
6  AC2 5  HIS A 47  ? HIS A 41  . ? 1_555 ? 
7  AC2 5  ASP A 102 ? ASP A 108 . ? 1_555 ? 
8  AC2 5  GLU A 113 ? GLU A 119 . ? 1_555 ? 
9  AC2 5  ILE A 114 ? ILE A 120 . ? 1_555 ? 
10 AC2 5  HWJ D .   ? HWJ A 203 . ? 1_555 ? 
11 AC3 13 LYS A 40  ? LYS A 34  . ? 1_555 ? 
12 AC3 13 HIS A 47  ? HIS A 41  . ? 1_555 ? 
13 AC3 13 GLU A 74  ? GLU A 80  . ? 1_555 ? 
14 AC3 13 ASP A 102 ? ASP A 108 . ? 1_555 ? 
15 AC3 13 GLU A 113 ? GLU A 119 . ? 1_555 ? 
16 AC3 13 ILE A 114 ? ILE A 120 . ? 1_555 ? 
17 AC3 13 LYS A 128 ? LYS A 134 . ? 1_555 ? 
18 AC3 13 MN  B .   ? MN  A 201 . ? 1_555 ? 
19 AC3 13 MN  C .   ? MN  A 202 . ? 1_555 ? 
20 AC3 13 HOH E .   ? HOH A 301 . ? 1_555 ? 
21 AC3 13 HOH E .   ? HOH A 302 . ? 1_555 ? 
22 AC3 13 HOH E .   ? HOH A 303 . ? 1_555 ? 
23 AC3 13 HOH E .   ? HOH A 306 . ? 1_555 ? 
# 
_atom_sites.entry_id                    6E6W 
_atom_sites.fract_transf_matrix[1][1]   0.01428915 
_atom_sites.fract_transf_matrix[1][2]   -0.00572831 
_atom_sites.fract_transf_matrix[1][3]   -0.00074708 
_atom_sites.fract_transf_matrix[2][1]   0.00220721 
_atom_sites.fract_transf_matrix[2][2]   -0.01469300 
_atom_sites.fract_transf_matrix[2][3]   -0.00409558 
_atom_sites.fract_transf_matrix[3][1]   0.00050568 
_atom_sites.fract_transf_matrix[3][2]   0.00230375 
_atom_sites.fract_transf_matrix[3][3]   -0.00799224 
_atom_sites.fract_transf_vector[1]      -0.192199 
_atom_sites.fract_transf_vector[2]      0.218832 
_atom_sites.fract_transf_vector[3]      1.078647 
# 
loop_
_atom_type.symbol 
C  
MN 
N  
O  
S  
# 
loop_
_atom_site.group_PDB 
_atom_site.id 
_atom_site.type_symbol 
_atom_site.label_atom_id 
_atom_site.label_alt_id 
_atom_site.label_comp_id 
_atom_site.label_asym_id 
_atom_site.label_entity_id 
_atom_site.label_seq_id 
_atom_site.pdbx_PDB_ins_code 
_atom_site.Cartn_x 
_atom_site.Cartn_y 
_atom_site.Cartn_z 
_atom_site.occupancy 
_atom_site.B_iso_or_equiv 
_atom_site.pdbx_formal_charge 
_atom_site.auth_seq_id 
_atom_site.auth_comp_id 
_atom_site.auth_asym_id 
_atom_site.auth_atom_id 
_atom_site.pdbx_PDB_model_num 
ATOM   1    N  N   . MET A 1 5   ? -17.698 7.762   -15.198 1.00 59.96  ? -1  MET A N   1 
ATOM   2    C  CA  . MET A 1 5   ? -17.452 6.508   -14.409 1.00 62.25  ? -1  MET A CA  1 
ATOM   3    C  C   . MET A 1 5   ? -17.615 6.769   -12.930 1.00 58.41  ? -1  MET A C   1 
ATOM   4    O  O   . MET A 1 5   ? -17.023 7.694   -12.360 1.00 59.00  ? -1  MET A O   1 
ATOM   5    C  CB  . MET A 1 5   ? -16.072 5.874   -14.697 1.00 64.26  ? -1  MET A CB  1 
ATOM   6    C  CG  . MET A 1 5   ? -15.923 4.382   -14.388 1.00 74.25  ? -1  MET A CG  1 
ATOM   7    S  SD  . MET A 1 5   ? -17.290 3.194   -14.709 1.00 88.70  ? -1  MET A SD  1 
ATOM   8    C  CE  . MET A 1 5   ? -18.062 3.778   -16.236 1.00 80.79  ? -1  MET A CE  1 
ATOM   9    N  N   . ALA A 1 6   ? -18.478 5.954   -12.329 1.00 57.65  ? 0   ALA A N   1 
ATOM   10   C  CA  . ALA A 1 6   ? -18.767 6.022   -10.918 1.00 51.87  ? 0   ALA A CA  1 
ATOM   11   C  C   . ALA A 1 6   ? -17.495 5.679   -10.143 1.00 49.83  ? 0   ALA A C   1 
ATOM   12   O  O   . ALA A 1 6   ? -17.239 6.246   -9.076  1.00 51.79  ? 0   ALA A O   1 
ATOM   13   C  CB  . ALA A 1 6   ? -19.908 5.084   -10.582 1.00 53.48  ? 0   ALA A CB  1 
ATOM   14   N  N   . MET A 1 7   ? -16.656 4.822   -10.721 1.00 48.14  ? 1   MET A N   1 
ATOM   15   C  CA  . MET A 1 7   ? -15.400 4.440   -10.088 1.00 50.59  ? 1   MET A CA  1 
ATOM   16   C  C   . MET A 1 7   ? -14.492 5.612   -9.900  1.00 49.78  ? 1   MET A C   1 
ATOM   17   O  O   . MET A 1 7   ? -13.921 5.790   -8.823  1.00 57.96  ? 1   MET A O   1 
ATOM   18   C  CB  . MET A 1 7   ? -14.694 3.282   -10.822 1.00 49.39  ? 1   MET A CB  1 
ATOM   19   C  CG  . MET A 1 7   ? -13.399 2.821   -10.156 1.00 53.70  ? 1   MET A CG  1 
ATOM   20   S  SD  . MET A 1 7   ? -13.550 2.462   -8.390  1.00 52.75  ? 1   MET A SD  1 
ATOM   21   C  CE  . MET A 1 7   ? -13.892 0.716   -8.424  1.00 54.70  ? 1   MET A CE  1 
ATOM   22   N  N   . GLU A 1 8   ? -14.385 6.429   -10.923 1.00 53.54  ? 2   GLU A N   1 
ATOM   23   C  CA  . GLU A 1 8   ? -13.598 7.646   -10.818 1.00 57.51  ? 2   GLU A CA  1 
ATOM   24   C  C   . GLU A 1 8   ? -14.173 8.604   -9.752  1.00 57.26  ? 2   GLU A C   1 
ATOM   25   O  O   . GLU A 1 8   ? -13.449 9.128   -8.913  1.00 52.36  ? 2   GLU A O   1 
ATOM   26   C  CB  . GLU A 1 8   ? -13.551 8.310   -12.183 1.00 63.29  ? 2   GLU A CB  1 
ATOM   27   C  CG  . GLU A 1 8   ? -12.617 9.506   -12.204 1.00 72.78  ? 2   GLU A CG  1 
ATOM   28   C  CD  . GLU A 1 8   ? -12.827 10.425  -13.392 1.00 70.46  ? 2   GLU A CD  1 
ATOM   29   O  OE1 . GLU A 1 8   ? -13.327 9.967   -14.426 1.00 77.77  ? 2   GLU A OE1 1 
ATOM   30   O  OE2 . GLU A 1 8   ? -12.465 11.607  -13.296 1.00 75.49  ? 2   GLU A OE2 1 
ATOM   31   N  N   . ASP A 1 9   ? -15.492 8.808   -9.784  1.00 59.79  ? 3   ASP A N   1 
ATOM   32   C  CA  . ASP A 1 9   ? -16.167 9.642   -8.790  1.00 56.32  ? 3   ASP A CA  1 
ATOM   33   C  C   . ASP A 1 9   ? -15.979 9.061   -7.414  1.00 54.01  ? 3   ASP A C   1 
ATOM   34   O  O   . ASP A 1 9   ? -15.685 9.806   -6.509  1.00 53.63  ? 3   ASP A O   1 
ATOM   35   C  CB  . ASP A 1 9   ? -17.665 9.781   -9.065  1.00 61.46  ? 3   ASP A CB  1 
ATOM   36   C  CG  . ASP A 1 9   ? -17.963 10.363  -10.441 1.00 66.88  ? 3   ASP A CG  1 
ATOM   37   O  OD1 . ASP A 1 9   ? -17.121 11.097  -10.999 1.00 67.40  ? 3   ASP A OD1 1 
ATOM   38   O  OD2 . ASP A 1 9   ? -19.039 10.054  -10.978 1.00 74.46  ? 3   ASP A OD2 1 
ATOM   39   N  N   . PHE A 1 10  ? -16.109 7.740   -7.258  1.00 46.79  ? 4   PHE A N   1 
ATOM   40   C  CA  . PHE A 1 10  ? -15.949 7.120   -5.953  1.00 41.97  ? 4   PHE A CA  1 
ATOM   41   C  C   . PHE A 1 10  ? -14.586 7.446   -5.321  1.00 40.29  ? 4   PHE A C   1 
ATOM   42   O  O   . PHE A 1 10  ? -14.497 7.817   -4.129  1.00 38.19  ? 4   PHE A O   1 
ATOM   43   C  CB  . PHE A 1 10  ? -16.182 5.589   -6.016  1.00 48.99  ? 4   PHE A CB  1 
ATOM   44   C  CG  . PHE A 1 10  ? -15.469 4.849   -4.936  1.00 43.68  ? 4   PHE A CG  1 
ATOM   45   C  CD1 . PHE A 1 10  ? -15.982 4.849   -3.635  1.00 45.65  ? 4   PHE A CD1 1 
ATOM   46   C  CD2 . PHE A 1 10  ? -14.244 4.274   -5.176  1.00 41.23  ? 4   PHE A CD2 1 
ATOM   47   C  CE1 . PHE A 1 10  ? -15.301 4.240   -2.592  1.00 44.99  ? 4   PHE A CE1 1 
ATOM   48   C  CE2 . PHE A 1 10  ? -13.551 3.660   -4.128  1.00 50.58  ? 4   PHE A CE2 1 
ATOM   49   C  CZ  . PHE A 1 10  ? -14.086 3.631   -2.831  1.00 47.35  ? 4   PHE A CZ  1 
ATOM   50   N  N   . VAL A 1 11  ? -13.539 7.366   -6.136  1.00 38.95  ? 5   VAL A N   1 
ATOM   51   C  CA  . VAL A 1 11  ? -12.175 7.623   -5.665  1.00 40.72  ? 5   VAL A CA  1 
ATOM   52   C  C   . VAL A 1 11  ? -12.022 9.050   -5.211  1.00 45.38  ? 5   VAL A C   1 
ATOM   53   O  O   . VAL A 1 11  ? -11.366 9.348   -4.195  1.00 49.65  ? 5   VAL A O   1 
ATOM   54   C  CB  . VAL A 1 11  ? -11.151 7.342   -6.781  1.00 43.99  ? 5   VAL A CB  1 
ATOM   55   C  CG1 . VAL A 1 11  ? -9.744  7.839   -6.417  1.00 49.16  ? 5   VAL A CG1 1 
ATOM   56   C  CG2 . VAL A 1 11  ? -11.104 5.851   -7.085  1.00 45.78  ? 5   VAL A CG2 1 
ATOM   57   N  N   . ARG A 1 12  ? -12.590 9.933   -6.019  1.00 52.55  ? 6   ARG A N   1 
ATOM   58   C  CA  . ARG A 1 12  ? -12.702 11.338  -5.691  1.00 53.32  ? 6   ARG A CA  1 
ATOM   59   C  C   . ARG A 1 12  ? -13.399 11.570  -4.360  1.00 52.22  ? 6   ARG A C   1 
ATOM   60   O  O   . ARG A 1 12  ? -12.946 12.368  -3.565  1.00 55.90  ? 6   ARG A O   1 
ATOM   61   C  CB  . ARG A 1 12  ? -13.461 12.070  -6.803  1.00 58.98  ? 6   ARG A CB  1 
ATOM   62   C  CG  . ARG A 1 12  ? -12.605 12.949  -7.680  1.00 65.16  ? 6   ARG A CG  1 
ATOM   63   C  CD  . ARG A 1 12  ? -12.120 12.275  -8.949  1.00 64.87  ? 6   ARG A CD  1 
ATOM   64   N  NE  . ARG A 1 12  ? -10.785 12.790  -9.266  1.00 76.25  ? 6   ARG A NE  1 
ATOM   65   C  CZ  . ARG A 1 12  ? -10.141 12.629  -10.416 1.00 73.59  ? 6   ARG A CZ  1 
ATOM   66   N  NH1 . ARG A 1 12  ? -10.685 11.981  -11.436 1.00 68.95  ? 6   ARG A NH1 1 
ATOM   67   N  NH2 . ARG A 1 12  ? -8.927  13.129  -10.537 1.00 71.77  ? 6   ARG A NH2 1 
ATOM   68   N  N   . GLN A 1 13  ? -14.510 10.881  -4.134  1.00 58.31  ? 7   GLN A N   1 
ATOM   69   C  CA  . GLN A 1 13  ? -15.285 11.050  -2.915  1.00 57.38  ? 7   GLN A CA  1 
ATOM   70   C  C   . GLN A 1 13  ? -14.574 10.465  -1.712  1.00 54.58  ? 7   GLN A C   1 
ATOM   71   O  O   . GLN A 1 13  ? -14.541 11.095  -0.686  1.00 57.70  ? 7   GLN A O   1 
ATOM   72   C  CB  . GLN A 1 13  ? -16.698 10.437  -3.055  1.00 69.74  ? 7   GLN A CB  1 
ATOM   73   C  CG  . GLN A 1 13  ? -17.825 11.434  -3.404  1.00 78.67  ? 7   GLN A CG  1 
ATOM   74   C  CD  . GLN A 1 13  ? -18.140 11.574  -4.899  1.00 78.21  ? 7   GLN A CD  1 
ATOM   75   O  OE1 . GLN A 1 13  ? -18.832 10.731  -5.486  1.00 82.95  ? 7   GLN A OE1 1 
ATOM   76   N  NE2 . GLN A 1 13  ? -17.679 12.665  -5.507  1.00 77.45  ? 7   GLN A NE2 1 
ATOM   77   N  N   . CYS A 1 14  ? -13.978 9.276   -1.849  1.00 60.38  ? 8   CYS A N   1 
ATOM   78   C  CA  . CYS A 1 14  ? -13.467 8.502   -0.684  1.00 56.22  ? 8   CYS A CA  1 
ATOM   79   C  C   . CYS A 1 14  ? -11.998 8.640   -0.276  1.00 53.11  ? 8   CYS A C   1 
ATOM   80   O  O   . CYS A 1 14  ? -11.641 8.207   0.801   1.00 52.85  ? 8   CYS A O   1 
ATOM   81   C  CB  . CYS A 1 14  ? -13.788 7.012   -0.802  1.00 56.03  ? 8   CYS A CB  1 
ATOM   82   S  SG  . CYS A 1 14  ? -14.961 6.513   0.450   1.00 60.48  ? 8   CYS A SG  1 
ATOM   83   N  N   . PHE A 1 15  ? -11.136 9.195   -1.104  1.00 48.54  ? 9   PHE A N   1 
ATOM   84   C  CA  . PHE A 1 15  ? -9.760  9.411   -0.650  1.00 51.02  ? 9   PHE A CA  1 
ATOM   85   C  C   . PHE A 1 15  ? -9.483  10.888  -0.675  1.00 51.87  ? 9   PHE A C   1 
ATOM   86   O  O   . PHE A 1 15  ? -10.115 11.611  -1.458  1.00 50.84  ? 9   PHE A O   1 
ATOM   87   C  CB  . PHE A 1 15  ? -8.782  8.695   -1.554  1.00 47.39  ? 9   PHE A CB  1 
ATOM   88   C  CG  . PHE A 1 15  ? -8.969  7.216   -1.596  1.00 43.76  ? 9   PHE A CG  1 
ATOM   89   C  CD1 . PHE A 1 15  ? -8.387  6.405   -0.627  1.00 44.16  ? 9   PHE A CD1 1 
ATOM   90   C  CD2 . PHE A 1 15  ? -9.700  6.630   -2.611  1.00 40.44  ? 9   PHE A CD2 1 
ATOM   91   C  CE1 . PHE A 1 15  ? -8.547  5.030   -0.686  1.00 45.13  ? 9   PHE A CE1 1 
ATOM   92   C  CE2 . PHE A 1 15  ? -9.852  5.276   -2.661  1.00 42.17  ? 9   PHE A CE2 1 
ATOM   93   C  CZ  . PHE A 1 15  ? -9.273  4.474   -1.700  1.00 38.98  ? 9   PHE A CZ  1 
ATOM   94   N  N   . ASN A 1 16  ? -8.548  11.327  0.158   1.00 49.40  ? 10  ASN A N   1 
ATOM   95   C  CA  . ASN A 1 16  ? -8.306  12.734  0.277   1.00 54.22  ? 10  ASN A CA  1 
ATOM   96   C  C   . ASN A 1 16  ? -7.413  13.215  -0.835  1.00 55.52  ? 10  ASN A C   1 
ATOM   97   O  O   . ASN A 1 16  ? -6.579  12.443  -1.363  1.00 53.48  ? 10  ASN A O   1 
ATOM   98   C  CB  . ASN A 1 16  ? -7.854  13.160  1.688   1.00 63.56  ? 10  ASN A CB  1 
ATOM   99   C  CG  . ASN A 1 16  ? -6.400  12.929  1.972   1.00 67.55  ? 10  ASN A CG  1 
ATOM   100  O  OD1 . ASN A 1 16  ? -5.522  13.150  1.143   1.00 77.90  ? 10  ASN A OD1 1 
ATOM   101  N  ND2 . ASN A 1 16  ? -6.129  12.546  3.205   1.00 75.35  ? 10  ASN A ND2 1 
ATOM   102  N  N   . PRO A 1 17  ? -7.580  14.497  -1.205  1.00 51.76  ? 11  PRO A N   1 
ATOM   103  C  CA  . PRO A 1 17  ? -6.993  14.988  -2.430  1.00 48.76  ? 11  PRO A CA  1 
ATOM   104  C  C   . PRO A 1 17  ? -5.522  14.657  -2.638  1.00 43.07  ? 11  PRO A C   1 
ATOM   105  O  O   . PRO A 1 17  ? -5.091  14.426  -3.765  1.00 45.21  ? 11  PRO A O   1 
ATOM   106  C  CB  . PRO A 1 17  ? -7.229  16.517  -2.328  1.00 48.58  ? 11  PRO A CB  1 
ATOM   107  C  CG  . PRO A 1 17  ? -8.535  16.611  -1.636  1.00 50.27  ? 11  PRO A CG  1 
ATOM   108  C  CD  . PRO A 1 17  ? -8.459  15.518  -0.591  1.00 54.12  ? 11  PRO A CD  1 
ATOM   109  N  N   . MET A 1 18  ? -4.744  14.655  -1.572  1.00 47.91  ? 12  MET A N   1 
ATOM   110  C  CA  . MET A 1 18  ? -3.326  14.355  -1.680  1.00 50.89  ? 12  MET A CA  1 
ATOM   111  C  C   . MET A 1 18  ? -3.140  12.955  -2.230  1.00 49.64  ? 12  MET A C   1 
ATOM   112  O  O   . MET A 1 18  ? -2.374  12.774  -3.168  1.00 51.57  ? 12  MET A O   1 
ATOM   113  C  CB  . MET A 1 18  ? -2.660  14.451  -0.328  1.00 55.13  ? 12  MET A CB  1 
ATOM   114  C  CG  . MET A 1 18  ? -1.164  14.191  -0.357  1.00 65.89  ? 12  MET A CG  1 
ATOM   115  S  SD  . MET A 1 18  ? -0.437  14.178  1.301   1.00 89.73  ? 12  MET A SD  1 
ATOM   116  C  CE  . MET A 1 18  ? -1.674  13.374  2.351   1.00 83.16  ? 12  MET A CE  1 
ATOM   117  N  N   . ILE A 1 19  ? -3.842  11.975  -1.654  1.00 48.38  ? 13  ILE A N   1 
ATOM   118  C  CA  . ILE A 1 19  ? -3.713  10.588  -2.123  1.00 48.50  ? 13  ILE A CA  1 
ATOM   119  C  C   . ILE A 1 19  ? -4.146  10.563  -3.583  1.00 42.99  ? 13  ILE A C   1 
ATOM   120  O  O   . ILE A 1 19  ? -3.436  10.053  -4.420  1.00 37.87  ? 13  ILE A O   1 
ATOM   121  C  CB  . ILE A 1 19  ? -4.514  9.585   -1.250  1.00 53.95  ? 13  ILE A CB  1 
ATOM   122  C  CG1 . ILE A 1 19  ? -3.788  9.394   0.093   1.00 56.07  ? 13  ILE A CG1 1 
ATOM   123  C  CG2 . ILE A 1 19  ? -4.672  8.242   -1.981  1.00 52.81  ? 13  ILE A CG2 1 
ATOM   124  C  CD1 . ILE A 1 19  ? -4.590  8.684   1.157   1.00 56.99  ? 13  ILE A CD1 1 
ATOM   125  N  N   . VAL A 1 20  ? -5.286  11.181  -3.879  1.00 41.50  ? 14  VAL A N   1 
ATOM   126  C  CA  . VAL A 1 20  ? -5.826  11.159  -5.238  1.00 45.97  ? 14  VAL A CA  1 
ATOM   127  C  C   . VAL A 1 20  ? -4.781  11.731  -6.220  1.00 47.33  ? 14  VAL A C   1 
ATOM   128  O  O   . VAL A 1 20  ? -4.485  11.144  -7.258  1.00 46.45  ? 14  VAL A O   1 
ATOM   129  C  CB  . VAL A 1 20  ? -7.169  11.946  -5.327  1.00 43.78  ? 14  VAL A CB  1 
ATOM   130  C  CG1 . VAL A 1 20  ? -7.606  12.158  -6.784  1.00 43.67  ? 14  VAL A CG1 1 
ATOM   131  C  CG2 . VAL A 1 20  ? -8.271  11.261  -4.511  1.00 42.88  ? 14  VAL A CG2 1 
ATOM   132  N  N   . GLU A 1 21  ? -4.199  12.856  -5.841  1.00 48.45  ? 15  GLU A N   1 
ATOM   133  C  CA  . GLU A 1 21  ? -3.275  13.591  -6.694  1.00 51.93  ? 15  GLU A CA  1 
ATOM   134  C  C   . GLU A 1 21  ? -1.985  12.818  -6.867  1.00 44.26  ? 15  GLU A C   1 
ATOM   135  O  O   . GLU A 1 21  ? -1.454  12.712  -7.992  1.00 38.47  ? 15  GLU A O   1 
ATOM   136  C  CB  . GLU A 1 21  ? -2.987  14.975  -6.095  1.00 58.29  ? 15  GLU A CB  1 
ATOM   137  C  CG  . GLU A 1 21  ? -2.301  15.906  -7.081  1.00 69.36  ? 15  GLU A CG  1 
ATOM   138  C  CD  . GLU A 1 21  ? -1.303  16.841  -6.436  1.00 81.38  ? 15  GLU A CD  1 
ATOM   139  O  OE1 . GLU A 1 21  ? -0.349  16.333  -5.803  1.00 93.77  ? 15  GLU A OE1 1 
ATOM   140  O  OE2 . GLU A 1 21  ? -1.455  18.079  -6.586  1.00 85.44  ? 15  GLU A OE2 1 
ATOM   141  N  N   . LEU A 1 22  ? -1.473  12.299  -5.747  1.00 40.98  ? 16  LEU A N   1 
ATOM   142  C  CA  . LEU A 1 22  ? -0.331  11.413  -5.802  1.00 45.97  ? 16  LEU A CA  1 
ATOM   143  C  C   . LEU A 1 22  ? -0.627  10.213  -6.711  1.00 46.70  ? 16  LEU A C   1 
ATOM   144  O  O   . LEU A 1 22  ? 0.203   9.857   -7.557  1.00 41.96  ? 16  LEU A O   1 
ATOM   145  C  CB  . LEU A 1 22  ? 0.111   10.970  -4.393  1.00 48.63  ? 16  LEU A CB  1 
ATOM   146  C  CG  . LEU A 1 22  ? 1.044   11.996  -3.705  1.00 48.99  ? 16  LEU A CG  1 
ATOM   147  C  CD1 . LEU A 1 22  ? 1.289   11.662  -2.238  1.00 44.46  ? 16  LEU A CD1 1 
ATOM   148  C  CD2 . LEU A 1 22  ? 2.371   12.109  -4.464  1.00 48.45  ? 16  LEU A CD2 1 
ATOM   149  N  N   . ALA A 1 23  ? -1.820  9.631   -6.598  1.00 46.61  ? 17  ALA A N   1 
ATOM   150  C  CA  . ALA A 1 23  ? -2.134  8.465   -7.414  1.00 48.54  ? 17  ALA A CA  1 
ATOM   151  C  C   . ALA A 1 23  ? -2.236  8.874   -8.881  1.00 47.52  ? 17  ALA A C   1 
ATOM   152  O  O   . ALA A 1 23  ? -1.730  8.187   -9.779  1.00 44.92  ? 17  ALA A O   1 
ATOM   153  C  CB  . ALA A 1 23  ? -3.405  7.784   -6.919  1.00 49.55  ? 17  ALA A CB  1 
ATOM   154  N  N   . GLU A 1 24  ? -2.854  10.019  -9.128  1.00 51.00  ? 18  GLU A N   1 
ATOM   155  C  CA  . GLU A 1 24  ? -2.980  10.515  -10.501 1.00 54.95  ? 18  GLU A CA  1 
ATOM   156  C  C   . GLU A 1 24  ? -1.678  10.796  -11.193 1.00 55.68  ? 18  GLU A C   1 
ATOM   157  O  O   . GLU A 1 24  ? -1.545  10.533  -12.411 1.00 50.40  ? 18  GLU A O   1 
ATOM   158  C  CB  . GLU A 1 24  ? -3.830  11.776  -10.556 1.00 56.40  ? 18  GLU A CB  1 
ATOM   159  C  CG  . GLU A 1 24  ? -5.285  11.419  -10.667 1.00 62.95  ? 18  GLU A CG  1 
ATOM   160  C  CD  . GLU A 1 24  ? -6.130  12.587  -11.043 1.00 67.39  ? 18  GLU A CD  1 
ATOM   161  O  OE1 . GLU A 1 24  ? -6.084  13.573  -10.282 1.00 66.37  ? 18  GLU A OE1 1 
ATOM   162  O  OE2 . GLU A 1 24  ? -6.887  12.486  -12.048 1.00 69.25  ? 18  GLU A OE2 1 
ATOM   163  N  N   . LYS A 1 25  ? -0.764  11.387  -10.419 1.00 58.78  ? 19  LYS A N   1 
ATOM   164  C  CA  . LYS A 1 25  ? 0.579   11.755  -10.874 1.00 59.97  ? 19  LYS A CA  1 
ATOM   165  C  C   . LYS A 1 25  ? 1.283   10.488  -11.333 1.00 56.88  ? 19  LYS A C   1 
ATOM   166  O  O   . LYS A 1 25  ? 1.718   10.389  -12.479 1.00 62.77  ? 19  LYS A O   1 
ATOM   167  C  CB  . LYS A 1 25  ? 1.334   12.455  -9.721  1.00 71.60  ? 19  LYS A CB  1 
ATOM   168  C  CG  . LYS A 1 25  ? 2.829   12.730  -9.932  1.00 77.26  ? 19  LYS A CG  1 
ATOM   169  C  CD  . LYS A 1 25  ? 3.389   13.698  -8.885  1.00 78.22  ? 19  LYS A CD  1 
ATOM   170  C  CE  . LYS A 1 25  ? 4.746   14.274  -9.282  1.00 82.24  ? 19  LYS A CE  1 
ATOM   171  N  NZ  . LYS A 1 25  ? 5.810   13.229  -9.320  1.00 87.91  ? 19  LYS A NZ  1 
ATOM   172  N  N   . ALA A 1 26  ? 1.322   9.504   -10.446 1.00 49.96  ? 20  ALA A N   1 
ATOM   173  C  CA  . ALA A 1 26  ? 1.942   8.239   -10.718 1.00 51.64  ? 20  ALA A CA  1 
ATOM   174  C  C   . ALA A 1 26  ? 1.394   7.716   -12.024 1.00 53.15  ? 20  ALA A C   1 
ATOM   175  O  O   . ALA A 1 26  ? 2.146   7.437   -12.921 1.00 57.50  ? 20  ALA A O   1 
ATOM   176  C  CB  . ALA A 1 26  ? 1.678   7.248   -9.589  1.00 49.08  ? 20  ALA A CB  1 
ATOM   177  N  N   . MET A 1 27  ? 0.081   7.645   -12.162 1.00 50.90  ? 21  MET A N   1 
ATOM   178  C  CA  . MET A 1 27  ? -0.475  7.123   -13.404 1.00 51.70  ? 21  MET A CA  1 
ATOM   179  C  C   . MET A 1 27  ? -0.096  7.975   -14.624 1.00 53.80  ? 21  MET A C   1 
ATOM   180  O  O   . MET A 1 27  ? 0.448   7.457   -15.613 1.00 52.89  ? 21  MET A O   1 
ATOM   181  C  CB  . MET A 1 27  ? -1.965  6.960   -13.296 1.00 46.46  ? 21  MET A CB  1 
ATOM   182  C  CG  . MET A 1 27  ? -2.335  5.881   -12.301 1.00 47.92  ? 21  MET A CG  1 
ATOM   183  S  SD  . MET A 1 27  ? -4.114  5.605   -12.282 1.00 52.69  ? 21  MET A SD  1 
ATOM   184  C  CE  . MET A 1 27  ? -4.249  4.621   -13.760 1.00 47.20  ? 21  MET A CE  1 
ATOM   185  N  N   . LYS A 1 28  ? -0.338  9.276   -14.529 1.00 54.88  ? 22  LYS A N   1 
ATOM   186  C  CA  . LYS A 1 28  ? -0.236  10.145  -15.700 1.00 60.41  ? 22  LYS A CA  1 
ATOM   187  C  C   . LYS A 1 28  ? 1.207   10.307  -16.190 1.00 61.46  ? 22  LYS A C   1 
ATOM   188  O  O   . LYS A 1 28  ? 1.445   10.268  -17.377 1.00 69.35  ? 22  LYS A O   1 
ATOM   189  C  CB  . LYS A 1 28  ? -0.926  11.483  -15.429 1.00 62.40  ? 22  LYS A CB  1 
ATOM   190  C  CG  . LYS A 1 28  ? -2.446  11.344  -15.359 1.00 62.21  ? 22  LYS A CG  1 
ATOM   191  C  CD  . LYS A 1 28  ? -3.104  12.453  -14.546 1.00 68.55  ? 22  LYS A CD  1 
ATOM   192  C  CE  . LYS A 1 28  ? -2.994  13.824  -15.190 1.00 67.85  ? 22  LYS A CE  1 
ATOM   193  N  NZ  . LYS A 1 28  ? -3.370  14.886  -14.207 1.00 68.82  ? 22  LYS A NZ  1 
ATOM   194  N  N   . GLU A 1 29  ? 2.171   10.374  -15.289 1.00 58.08  ? 23  GLU A N   1 
ATOM   195  C  CA  . GLU A 1 29  ? 3.571   10.404  -15.694 1.00 61.52  ? 23  GLU A CA  1 
ATOM   196  C  C   . GLU A 1 29  ? 4.067   9.186   -16.498 1.00 63.74  ? 23  GLU A C   1 
ATOM   197  O  O   . GLU A 1 29  ? 5.007   9.305   -17.286 1.00 63.83  ? 23  GLU A O   1 
ATOM   198  C  CB  . GLU A 1 29  ? 4.453   10.629  -14.469 1.00 64.59  ? 23  GLU A CB  1 
ATOM   199  C  CG  . GLU A 1 29  ? 4.286   12.037  -13.908 1.00 66.34  ? 23  GLU A CG  1 
ATOM   200  C  CD  . GLU A 1 29  ? 5.322   12.400  -12.867 1.00 73.00  ? 23  GLU A CD  1 
ATOM   201  O  OE1 . GLU A 1 29  ? 5.367   13.604  -12.513 1.00 66.73  ? 23  GLU A OE1 1 
ATOM   202  O  OE2 . GLU A 1 29  ? 6.085   11.496  -12.419 1.00 74.43  ? 23  GLU A OE2 1 
ATOM   203  N  N   . TYR A 1 30  ? 3.439   8.033   -16.315 1.00 62.79  ? 24  TYR A N   1 
ATOM   204  C  CA  . TYR A 1 30  ? 3.751   6.855   -17.123 1.00 67.94  ? 24  TYR A CA  1 
ATOM   205  C  C   . TYR A 1 30  ? 2.702   6.599   -18.218 1.00 68.83  ? 24  TYR A C   1 
ATOM   206  O  O   . TYR A 1 30  ? 2.653   5.504   -18.768 1.00 71.45  ? 24  TYR A O   1 
ATOM   207  C  CB  . TYR A 1 30  ? 3.927   5.642   -16.205 1.00 69.11  ? 24  TYR A CB  1 
ATOM   208  C  CG  . TYR A 1 30  ? 4.930   5.934   -15.105 1.00 75.65  ? 24  TYR A CG  1 
ATOM   209  C  CD1 . TYR A 1 30  ? 6.303   5.888   -15.348 1.00 80.18  ? 24  TYR A CD1 1 
ATOM   210  C  CD2 . TYR A 1 30  ? 4.514   6.295   -13.832 1.00 76.18  ? 24  TYR A CD2 1 
ATOM   211  C  CE1 . TYR A 1 30  ? 7.228   6.175   -14.345 1.00 76.89  ? 24  TYR A CE1 1 
ATOM   212  C  CE2 . TYR A 1 30  ? 5.426   6.578   -12.812 1.00 78.16  ? 24  TYR A CE2 1 
ATOM   213  C  CZ  . TYR A 1 30  ? 6.786   6.521   -13.081 1.00 76.98  ? 24  TYR A CZ  1 
ATOM   214  O  OH  . TYR A 1 30  ? 7.715   6.803   -12.107 1.00 74.13  ? 24  TYR A OH  1 
ATOM   215  N  N   . GLY A 1 31  ? 1.887   7.616   -18.531 1.00 64.55  ? 25  GLY A N   1 
ATOM   216  C  CA  . GLY A 1 31  ? 0.970   7.604   -19.668 1.00 58.70  ? 25  GLY A CA  1 
ATOM   217  C  C   . GLY A 1 31  ? -0.341  6.878   -19.473 1.00 61.56  ? 25  GLY A C   1 
ATOM   218  O  O   . GLY A 1 31  ? -1.008  6.530   -20.448 1.00 65.42  ? 25  GLY A O   1 
ATOM   219  N  N   . GLU A 1 32  ? -0.734  6.636   -18.228 1.00 64.35  ? 26  GLU A N   1 
ATOM   220  C  CA  . GLU A 1 32  ? -1.963  5.890   -17.965 1.00 62.08  ? 26  GLU A CA  1 
ATOM   221  C  C   . GLU A 1 32  ? -3.045  6.860   -17.554 1.00 60.64  ? 26  GLU A C   1 
ATOM   222  O  O   . GLU A 1 32  ? -2.887  7.626   -16.604 1.00 60.10  ? 26  GLU A O   1 
ATOM   223  C  CB  . GLU A 1 32  ? -1.759  4.873   -16.863 1.00 61.68  ? 26  GLU A CB  1 
ATOM   224  C  CG  . GLU A 1 32  ? -0.805  3.761   -17.240 1.00 72.69  ? 26  GLU A CG  1 
ATOM   225  C  CD  . GLU A 1 32  ? -0.035  3.193   -16.054 1.00 81.07  ? 26  GLU A CD  1 
ATOM   226  O  OE1 . GLU A 1 32  ? 0.104   1.963   -15.994 1.00 87.64  ? 26  GLU A OE1 1 
ATOM   227  O  OE2 . GLU A 1 32  ? 0.461   3.963   -15.194 1.00 90.66  ? 26  GLU A OE2 1 
ATOM   228  N  N   . ASP A 1 33  ? -4.167  6.812   -18.252 1.00 60.21  ? 27  ASP A N   1 
ATOM   229  C  CA  . ASP A 1 33  ? -5.264  7.686   -17.929 1.00 57.14  ? 27  ASP A CA  1 
ATOM   230  C  C   . ASP A 1 33  ? -6.072  7.078   -16.760 1.00 52.98  ? 27  ASP A C   1 
ATOM   231  O  O   . ASP A 1 33  ? -6.678  6.021   -16.905 1.00 43.69  ? 27  ASP A O   1 
ATOM   232  C  CB  . ASP A 1 33  ? -6.121  7.887   -19.170 1.00 59.66  ? 27  ASP A CB  1 
ATOM   233  C  CG  . ASP A 1 33  ? -7.108  9.008   -19.018 1.00 61.07  ? 27  ASP A CG  1 
ATOM   234  O  OD1 . ASP A 1 33  ? -7.316  9.479   -17.883 1.00 66.15  ? 27  ASP A OD1 1 
ATOM   235  O  OD2 . ASP A 1 33  ? -7.708  9.405   -20.037 1.00 71.45  ? 27  ASP A OD2 1 
ATOM   236  N  N   . PRO A 1 34  ? -6.105  7.763   -15.606 1.00 53.03  ? 28  PRO A N   1 
ATOM   237  C  CA  . PRO A 1 34  ? -6.929  7.251   -14.508 1.00 53.17  ? 28  PRO A CA  1 
ATOM   238  C  C   . PRO A 1 34  ? -8.424  7.182   -14.804 1.00 54.48  ? 28  PRO A C   1 
ATOM   239  O  O   . PRO A 1 34  ? -9.144  6.517   -14.081 1.00 53.73  ? 28  PRO A O   1 
ATOM   240  C  CB  . PRO A 1 34  ? -6.671  8.250   -13.375 1.00 54.66  ? 28  PRO A CB  1 
ATOM   241  C  CG  . PRO A 1 34  ? -5.453  9.017   -13.757 1.00 55.14  ? 28  PRO A CG  1 
ATOM   242  C  CD  . PRO A 1 34  ? -5.479  9.052   -15.252 1.00 56.27  ? 28  PRO A CD  1 
ATOM   243  N  N   . LYS A 1 35  ? -8.889  7.879   -15.839 1.00 58.14  ? 29  LYS A N   1 
ATOM   244  C  CA  . LYS A 1 35  ? -10.301 7.803   -16.262 1.00 53.08  ? 29  LYS A CA  1 
ATOM   245  C  C   . LYS A 1 35  ? -10.625 6.547   -17.059 1.00 47.69  ? 29  LYS A C   1 
ATOM   246  O  O   . LYS A 1 35  ? -11.776 6.181   -17.180 1.00 47.79  ? 29  LYS A O   1 
ATOM   247  C  CB  . LYS A 1 35  ? -10.673 9.044   -17.063 1.00 55.71  ? 29  LYS A CB  1 
ATOM   248  C  CG  . LYS A 1 35  ? -10.669 10.292  -16.201 1.00 59.51  ? 29  LYS A CG  1 
ATOM   249  C  CD  . LYS A 1 35  ? -10.545 11.609  -16.967 1.00 66.98  ? 29  LYS A CD  1 
ATOM   250  C  CE  . LYS A 1 35  ? -11.580 12.652  -16.505 1.00 71.04  ? 29  LYS A CE  1 
ATOM   251  N  NZ  . LYS A 1 35  ? -10.925 13.884  -15.987 1.00 75.12  ? 29  LYS A NZ  1 
ATOM   252  N  N   . ILE A 1 36  ? -9.617  5.873   -17.585 1.00 50.58  ? 30  ILE A N   1 
ATOM   253  C  CA  . ILE A 1 36  ? -9.798  4.595   -18.304 1.00 51.49  ? 30  ILE A CA  1 
ATOM   254  C  C   . ILE A 1 36  ? -9.419  3.411   -17.404 1.00 47.32  ? 30  ILE A C   1 
ATOM   255  O  O   . ILE A 1 36  ? -10.132 2.395   -17.373 1.00 41.66  ? 30  ILE A O   1 
ATOM   256  C  CB  . ILE A 1 36  ? -8.932  4.582   -19.588 1.00 51.15  ? 30  ILE A CB  1 
ATOM   257  C  CG1 . ILE A 1 36  ? -9.437  5.632   -20.579 1.00 59.28  ? 30  ILE A CG1 1 
ATOM   258  C  CG2 . ILE A 1 36  ? -8.891  3.200   -20.230 1.00 52.45  ? 30  ILE A CG2 1 
ATOM   259  C  CD1 . ILE A 1 36  ? -8.395  6.060   -21.603 1.00 63.68  ? 30  ILE A CD1 1 
ATOM   260  N  N   . GLU A 1 37  ? -8.269  3.521   -16.733 1.00 43.20  ? 31  GLU A N   1 
ATOM   261  C  CA  . GLU A 1 37  ? -7.777  2.475   -15.836 1.00 44.16  ? 31  GLU A CA  1 
ATOM   262  C  C   . GLU A 1 37  ? -8.230  2.750   -14.391 1.00 41.52  ? 31  GLU A C   1 
ATOM   263  O  O   . GLU A 1 37  ? -7.439  2.914   -13.478 1.00 37.53  ? 31  GLU A O   1 
ATOM   264  C  CB  . GLU A 1 37  ? -6.265  2.346   -15.978 1.00 52.41  ? 31  GLU A CB  1 
ATOM   265  C  CG  . GLU A 1 37  ? -5.810  2.025   -17.414 1.00 61.89  ? 31  GLU A CG  1 
ATOM   266  C  CD  . GLU A 1 37  ? -4.522  1.205   -17.457 1.00 77.08  ? 31  GLU A CD  1 
ATOM   267  O  OE1 . GLU A 1 37  ? -4.617  -0.041  -17.323 1.00 90.98  ? 31  GLU A OE1 1 
ATOM   268  O  OE2 . GLU A 1 37  ? -3.417  1.788   -17.623 1.00 77.76  ? 31  GLU A OE2 1 
ATOM   269  N  N   . THR A 1 38  ? -9.547  2.782   -14.225 1.00 41.46  ? 32  THR A N   1 
ATOM   270  C  CA  . THR A 1 38  ? -10.185 3.283   -13.031 1.00 43.48  ? 32  THR A CA  1 
ATOM   271  C  C   . THR A 1 38  ? -9.944  2.325   -11.854 1.00 43.77  ? 32  THR A C   1 
ATOM   272  O  O   . THR A 1 38  ? -9.775  2.804   -10.719 1.00 38.10  ? 32  THR A O   1 
ATOM   273  C  CB  . THR A 1 38  ? -11.689 3.515   -13.269 1.00 43.84  ? 32  THR A CB  1 
ATOM   274  O  OG1 . THR A 1 38  ? -12.252 2.342   -13.829 1.00 47.98  ? 32  THR A OG1 1 
ATOM   275  C  CG2 . THR A 1 38  ? -11.934 4.667   -14.253 1.00 43.54  ? 32  THR A CG2 1 
ATOM   276  N  N   . ASN A 1 39  ? -9.860  1.010   -12.141 1.00 34.10  ? 33  ASN A N   1 
ATOM   277  C  CA  . ASN A 1 39  ? -9.579  0.019   -11.116 1.00 39.11  ? 33  ASN A CA  1 
ATOM   278  C  C   . ASN A 1 39  ? -8.164  0.123   -10.628 1.00 37.42  ? 33  ASN A C   1 
ATOM   279  O  O   . ASN A 1 39  ? -7.936  0.041   -9.432  1.00 38.29  ? 33  ASN A O   1 
ATOM   280  C  CB  . ASN A 1 39  ? -9.917  -1.423  -11.537 1.00 38.21  ? 33  ASN A CB  1 
ATOM   281  C  CG  . ASN A 1 39  ? -11.408 -1.669  -11.599 1.00 40.82  ? 33  ASN A CG  1 
ATOM   282  O  OD1 . ASN A 1 39  ? -12.190 -0.936  -11.008 1.00 45.44  ? 33  ASN A OD1 1 
ATOM   283  N  ND2 . ASN A 1 39  ? -11.813 -2.705  -12.310 1.00 44.82  ? 33  ASN A ND2 1 
ATOM   284  N  N   . LYS A 1 40  ? -7.236  0.336   -11.540 1.00 40.09  ? 34  LYS A N   1 
ATOM   285  C  CA  . LYS A 1 40  ? -5.863  0.609   -11.174 1.00 41.63  ? 34  LYS A CA  1 
ATOM   286  C  C   . LYS A 1 40  ? -5.763  1.848   -10.261 1.00 44.23  ? 34  LYS A C   1 
ATOM   287  O  O   . LYS A 1 40  ? -5.096  1.807   -9.221  1.00 43.74  ? 34  LYS A O   1 
ATOM   288  C  CB  . LYS A 1 40  ? -4.989  0.811   -12.402 1.00 41.86  ? 34  LYS A CB  1 
ATOM   289  C  CG  . LYS A 1 40  ? -3.516  0.969   -12.032 1.00 48.38  ? 34  LYS A CG  1 
ATOM   290  C  CD  . LYS A 1 40  ? -2.592  1.233   -13.208 1.00 52.88  ? 34  LYS A CD  1 
ATOM   291  C  CE  . LYS A 1 40  ? -1.864  -0.019  -13.631 1.00 56.78  ? 34  LYS A CE  1 
ATOM   292  N  NZ  . LYS A 1 40  ? -1.142  0.150   -14.919 1.00 65.23  ? 34  LYS A NZ  1 
ATOM   293  N  N   . PHE A 1 41  ? -6.422  2.924   -10.679 1.00 40.71  ? 35  PHE A N   1 
ATOM   294  C  CA  . PHE A 1 41  ? -6.489  4.184   -9.951  1.00 39.94  ? 35  PHE A CA  1 
ATOM   295  C  C   . PHE A 1 41  ? -6.973  3.929   -8.506  1.00 35.21  ? 35  PHE A C   1 
ATOM   296  O  O   . PHE A 1 41  ? -6.291  4.288   -7.543  1.00 33.46  ? 35  PHE A O   1 
ATOM   297  C  CB  . PHE A 1 41  ? -7.434  5.115   -10.764 1.00 42.26  ? 35  PHE A CB  1 
ATOM   298  C  CG  . PHE A 1 41  ? -7.571  6.516   -10.256 1.00 41.04  ? 35  PHE A CG  1 
ATOM   299  C  CD1 . PHE A 1 41  ? -6.492  7.211   -9.686  1.00 43.92  ? 35  PHE A CD1 1 
ATOM   300  C  CD2 . PHE A 1 41  ? -8.802  7.183   -10.418 1.00 46.96  ? 35  PHE A CD2 1 
ATOM   301  C  CE1 . PHE A 1 41  ? -6.663  8.524   -9.224  1.00 47.26  ? 35  PHE A CE1 1 
ATOM   302  C  CE2 . PHE A 1 41  ? -8.980  8.495   -9.975  1.00 48.09  ? 35  PHE A CE2 1 
ATOM   303  C  CZ  . PHE A 1 41  ? -7.903  9.162   -9.376  1.00 48.81  ? 35  PHE A CZ  1 
ATOM   304  N  N   . ALA A 1 42  ? -8.132  3.289   -8.373  1.00 35.37  ? 36  ALA A N   1 
ATOM   305  C  CA  . ALA A 1 42  ? -8.656  2.897   -7.066  1.00 36.37  ? 36  ALA A CA  1 
ATOM   306  C  C   . ALA A 1 42  ? -7.678  2.036   -6.260  1.00 37.00  ? 36  ALA A C   1 
ATOM   307  O  O   . ALA A 1 42  ? -7.577  2.229   -5.074  1.00 43.18  ? 36  ALA A O   1 
ATOM   308  C  CB  . ALA A 1 42  ? -9.984  2.177   -7.193  1.00 35.80  ? 36  ALA A CB  1 
ATOM   309  N  N   . ALA A 1 43  ? -6.966  1.100   -6.883  1.00 33.89  ? 37  ALA A N   1 
ATOM   310  C  CA  . ALA A 1 43  ? -6.021  0.253   -6.146  1.00 30.97  ? 37  ALA A CA  1 
ATOM   311  C  C   . ALA A 1 43  ? -4.826  1.017   -5.677  1.00 30.80  ? 37  ALA A C   1 
ATOM   312  O  O   . ALA A 1 43  ? -4.346  0.756   -4.600  1.00 29.90  ? 37  ALA A O   1 
ATOM   313  C  CB  . ALA A 1 43  ? -5.538  -0.887  -6.978  1.00 28.67  ? 37  ALA A CB  1 
ATOM   314  N  N   . ILE A 1 44  ? -4.305  1.909   -6.525  1.00 31.95  ? 38  ILE A N   1 
ATOM   315  C  CA  . ILE A 1 44  ? -3.167  2.715   -6.173  1.00 35.29  ? 38  ILE A CA  1 
ATOM   316  C  C   . ILE A 1 44  ? -3.558  3.634   -4.995  1.00 39.10  ? 38  ILE A C   1 
ATOM   317  O  O   . ILE A 1 44  ? -2.795  3.747   -4.044  1.00 35.81  ? 38  ILE A O   1 
ATOM   318  C  CB  . ILE A 1 44  ? -2.679  3.524   -7.356  1.00 40.06  ? 38  ILE A CB  1 
ATOM   319  C  CG1 . ILE A 1 44  ? -1.997  2.587   -8.345  1.00 41.02  ? 38  ILE A CG1 1 
ATOM   320  C  CG2 . ILE A 1 44  ? -1.713  4.628   -6.918  1.00 38.60  ? 38  ILE A CG2 1 
ATOM   321  C  CD1 . ILE A 1 44  ? -1.634  3.244   -9.673  1.00 39.12  ? 38  ILE A CD1 1 
ATOM   322  N  N   . CYS A 1 45  ? -4.747  4.250   -5.043  1.00 37.33  ? 39  CYS A N   1 
ATOM   323  C  CA  . CYS A 1 45  ? -5.236  5.058   -3.909  1.00 34.85  ? 39  CYS A CA  1 
ATOM   324  C  C   . CYS A 1 45  ? -5.292  4.252   -2.652  1.00 35.93  ? 39  CYS A C   1 
ATOM   325  O  O   . CYS A 1 45  ? -4.745  4.680   -1.625  1.00 35.40  ? 39  CYS A O   1 
ATOM   326  C  CB  . CYS A 1 45  ? -6.606  5.662   -4.186  1.00 37.12  ? 39  CYS A CB  1 
ATOM   327  S  SG  . CYS A 1 45  ? -6.468  6.980   -5.417  1.00 42.73  ? 39  CYS A SG  1 
ATOM   328  N  N   . THR A 1 46  ? -5.898  3.058   -2.758  1.00 34.77  ? 40  THR A N   1 
ATOM   329  C  CA  . THR A 1 46  ? -6.103  2.163   -1.612  1.00 32.67  ? 40  THR A CA  1 
ATOM   330  C  C   . THR A 1 46  ? -4.792  1.847   -1.012  1.00 32.56  ? 40  THR A C   1 
ATOM   331  O  O   . THR A 1 46  ? -4.621  2.056   0.177   1.00 34.78  ? 40  THR A O   1 
ATOM   332  C  CB  . THR A 1 46  ? -6.867  0.871   -1.958  1.00 35.06  ? 40  THR A CB  1 
ATOM   333  O  OG1 . THR A 1 46  ? -8.169  1.205   -2.460  1.00 35.91  ? 40  THR A OG1 1 
ATOM   334  C  CG2 . THR A 1 46  ? -7.079  -0.015  -0.745  1.00 34.92  ? 40  THR A CG2 1 
ATOM   335  N  N   . HIS A 1 47  ? -3.845  1.404   -1.830  1.00 34.62  ? 41  HIS A N   1 
ATOM   336  C  CA  . HIS A 1 47  ? -2.541  1.032   -1.340  1.00 33.70  ? 41  HIS A CA  1 
ATOM   337  C  C   . HIS A 1 47  ? -1.776  2.229   -0.733  1.00 37.32  ? 41  HIS A C   1 
ATOM   338  O  O   . HIS A 1 47  ? -1.115  2.084   0.301   1.00 35.34  ? 41  HIS A O   1 
ATOM   339  C  CB  . HIS A 1 47  ? -1.735  0.429   -2.461  1.00 31.66  ? 41  HIS A CB  1 
ATOM   340  C  CG  . HIS A 1 47  ? -0.345  0.059   -2.062  1.00 31.53  ? 41  HIS A CG  1 
ATOM   341  N  ND1 . HIS A 1 47  ? 0.759   0.840   -2.349  1.00 33.42  ? 41  HIS A ND1 1 
ATOM   342  C  CD2 . HIS A 1 47  ? 0.119   -1.013  -1.395  1.00 33.21  ? 41  HIS A CD2 1 
ATOM   343  C  CE1 . HIS A 1 47  ? 1.842   0.267   -1.867  1.00 34.01  ? 41  HIS A CE1 1 
ATOM   344  N  NE2 . HIS A 1 47  ? 1.482   -0.864  -1.285  1.00 36.81  ? 41  HIS A NE2 1 
ATOM   345  N  N   . LEU A 1 48  ? -1.822  3.390   -1.382  1.00 37.73  ? 42  LEU A N   1 
ATOM   346  C  CA  . LEU A 1 48  ? -1.182  4.583   -0.805  1.00 38.90  ? 42  LEU A CA  1 
ATOM   347  C  C   . LEU A 1 48  ? -1.725  4.880   0.580   1.00 36.32  ? 42  LEU A C   1 
ATOM   348  O  O   . LEU A 1 48  ? -0.967  5.046   1.539   1.00 37.58  ? 42  LEU A O   1 
ATOM   349  C  CB  . LEU A 1 48  ? -1.352  5.834   -1.666  1.00 42.54  ? 42  LEU A CB  1 
ATOM   350  C  CG  . LEU A 1 48  ? -0.105  6.384   -2.341  1.00 46.93  ? 42  LEU A CG  1 
ATOM   351  C  CD1 . LEU A 1 48  ? -0.464  7.682   -3.043  1.00 53.87  ? 42  LEU A CD1 1 
ATOM   352  C  CD2 . LEU A 1 48  ? 1.036   6.638   -1.370  1.00 47.96  ? 42  LEU A CD2 1 
ATOM   353  N  N   . GLU A 1 49  ? -3.039  4.932   0.670   1.00 34.00  ? 43  GLU A N   1 
ATOM   354  C  CA  . GLU A 1 49  ? -3.670  5.133   1.930   1.00 37.51  ? 43  GLU A CA  1 
ATOM   355  C  C   . GLU A 1 49  ? -3.267  4.173   3.019   1.00 38.34  ? 43  GLU A C   1 
ATOM   356  O  O   . GLU A 1 49  ? -2.976  4.618   4.116   1.00 41.77  ? 43  GLU A O   1 
ATOM   357  C  CB  . GLU A 1 49  ? -5.182  5.097   1.842   1.00 41.81  ? 43  GLU A CB  1 
ATOM   358  C  CG  . GLU A 1 49  ? -5.812  5.659   3.115   1.00 48.54  ? 43  GLU A CG  1 
ATOM   359  C  CD  . GLU A 1 49  ? -7.186  6.230   2.895   1.00 56.19  ? 43  GLU A CD  1 
ATOM   360  O  OE1 . GLU A 1 49  ? -8.133  5.436   2.888   1.00 57.43  ? 43  GLU A OE1 1 
ATOM   361  O  OE2 . GLU A 1 49  ? -7.317  7.465   2.714   1.00 72.63  ? 43  GLU A OE2 1 
ATOM   362  N  N   . VAL A 1 50  ? -3.302  2.868   2.752   1.00 34.99  ? 44  VAL A N   1 
ATOM   363  C  CA  . VAL A 1 50  ? -2.801  1.903   3.709   1.00 30.73  ? 44  VAL A CA  1 
ATOM   364  C  C   . VAL A 1 50  ? -1.401  2.262   4.112   1.00 29.66  ? 44  VAL A C   1 
ATOM   365  O  O   . VAL A 1 50  ? -1.078  2.215   5.298   1.00 31.36  ? 44  VAL A O   1 
ATOM   366  C  CB  . VAL A 1 50  ? -2.830  0.442   3.193   1.00 31.81  ? 44  VAL A CB  1 
ATOM   367  C  CG1 . VAL A 1 50  ? -2.045  -0.475  4.112   1.00 32.04  ? 44  VAL A CG1 1 
ATOM   368  C  CG2 . VAL A 1 50  ? -4.244  -0.058  3.149   1.00 31.60  ? 44  VAL A CG2 1 
ATOM   369  N  N   . CYS A 1 51  ? -0.560  2.600   3.152   1.00 30.06  ? 45  CYS A N   1 
ATOM   370  C  CA  . CYS A 1 51  ? 0.828   2.944   3.479   1.00 33.93  ? 45  CYS A CA  1 
ATOM   371  C  C   . CYS A 1 51  ? 0.946   4.174   4.402   1.00 38.19  ? 45  CYS A C   1 
ATOM   372  O  O   . CYS A 1 51  ? 1.791   4.173   5.306   1.00 34.71  ? 45  CYS A O   1 
ATOM   373  C  CB  . CYS A 1 51  ? 1.654   3.208   2.234   1.00 34.72  ? 45  CYS A CB  1 
ATOM   374  S  SG  . CYS A 1 51  ? 2.085   1.688   1.370   1.00 38.22  ? 45  CYS A SG  1 
ATOM   375  N  N   . PHE A 1 52  ? 0.133   5.206   4.132   1.00 35.36  ? 46  PHE A N   1 
ATOM   376  C  CA  . PHE A 1 52  ? 0.116   6.428   4.919   1.00 36.84  ? 46  PHE A CA  1 
ATOM   377  C  C   . PHE A 1 52  ? -0.470  6.142   6.279   1.00 38.77  ? 46  PHE A C   1 
ATOM   378  O  O   . PHE A 1 52  ? 0.069   6.623   7.277   1.00 39.23  ? 46  PHE A O   1 
ATOM   379  C  CB  . PHE A 1 52  ? -0.663  7.561   4.218   1.00 36.48  ? 46  PHE A CB  1 
ATOM   380  C  CG  . PHE A 1 52  ? 0.043   8.139   3.012   1.00 40.11  ? 46  PHE A CG  1 
ATOM   381  C  CD1 . PHE A 1 52  ? 1.321   7.732   2.622   1.00 46.36  ? 46  PHE A CD1 1 
ATOM   382  C  CD2 . PHE A 1 52  ? -0.544  9.136   2.300   1.00 44.06  ? 46  PHE A CD2 1 
ATOM   383  C  CE1 . PHE A 1 52  ? 1.952   8.289   1.516   1.00 44.92  ? 46  PHE A CE1 1 
ATOM   384  C  CE2 . PHE A 1 52  ? 0.076   9.694   1.219   1.00 41.14  ? 46  PHE A CE2 1 
ATOM   385  C  CZ  . PHE A 1 52  ? 1.308   9.270   0.814   1.00 42.80  ? 46  PHE A CZ  1 
ATOM   386  N  N   . MET A 1 53  ? -1.504  5.306   6.347   1.00 36.96  ? 47  MET A N   1 
ATOM   387  C  CA  . MET A 1 53  ? -2.079  4.971   7.632   1.00 35.42  ? 47  MET A CA  1 
ATOM   388  C  C   . MET A 1 53  ? -1.084  4.241   8.504   1.00 39.66  ? 47  MET A C   1 
ATOM   389  O  O   . MET A 1 53  ? -1.055  4.459   9.719   1.00 39.01  ? 47  MET A O   1 
ATOM   390  C  CB  . MET A 1 53  ? -3.326  4.123   7.517   1.00 37.81  ? 47  MET A CB  1 
ATOM   391  C  CG  . MET A 1 53  ? -4.592  4.873   7.189   1.00 41.46  ? 47  MET A CG  1 
ATOM   392  S  SD  . MET A 1 53  ? -5.857  3.629   6.825   1.00 42.75  ? 47  MET A SD  1 
ATOM   393  C  CE  . MET A 1 53  ? -6.569  3.481   8.460   1.00 46.24  ? 47  MET A CE  1 
ATOM   394  N  N   . TYR A 1 54  ? -0.284  3.374   7.883   1.00 38.69  ? 48  TYR A N   1 
ATOM   395  C  CA  . TYR A 1 54  ? 0.598   2.484   8.590   1.00 36.45  ? 48  TYR A CA  1 
ATOM   396  C  C   . TYR A 1 54  ? 1.733   3.291   9.227   1.00 40.54  ? 48  TYR A C   1 
ATOM   397  O  O   . TYR A 1 54  ? 2.111   3.033   10.387  1.00 40.71  ? 48  TYR A O   1 
ATOM   398  C  CB  . TYR A 1 54  ? 1.139   1.476   7.603   1.00 35.58  ? 48  TYR A CB  1 
ATOM   399  C  CG  . TYR A 1 54  ? 1.778   0.187   8.119   1.00 36.34  ? 48  TYR A CG  1 
ATOM   400  C  CD1 . TYR A 1 54  ? 2.962   0.178   8.842   1.00 36.37  ? 48  TYR A CD1 1 
ATOM   401  C  CD2 . TYR A 1 54  ? 1.213   -1.039  7.790   1.00 37.13  ? 48  TYR A CD2 1 
ATOM   402  C  CE1 . TYR A 1 54  ? 3.550   -1.026  9.238   1.00 37.43  ? 48  TYR A CE1 1 
ATOM   403  C  CE2 . TYR A 1 54  ? 1.778   -2.226  8.185   1.00 39.97  ? 48  TYR A CE2 1 
ATOM   404  C  CZ  . TYR A 1 54  ? 2.945   -2.226  8.898   1.00 40.07  ? 48  TYR A CZ  1 
ATOM   405  O  OH  . TYR A 1 54  ? 3.457   -3.462  9.251   1.00 39.67  ? 48  TYR A OH  1 
ATOM   406  N  N   . SER A 1 55  ? 2.302   4.228   8.461   1.00 41.57  ? 49  SER A N   1 
ATOM   407  C  CA  . SER A 1 55  ? 3.267   5.207   9.014   1.00 45.26  ? 49  SER A CA  1 
ATOM   408  C  C   . SER A 1 55  ? 2.700   6.053   10.112  1.00 42.60  ? 49  SER A C   1 
ATOM   409  O  O   . SER A 1 55  ? 3.365   6.282   11.097  1.00 55.01  ? 49  SER A O   1 
ATOM   410  C  CB  . SER A 1 55  ? 3.842   6.130   7.952   1.00 46.78  ? 49  SER A CB  1 
ATOM   411  O  OG  . SER A 1 55  ? 2.819   6.732   7.208   1.00 56.98  ? 49  SER A OG  1 
ATOM   412  N  N   . ASP A 1 56  ? 1.479   6.519   9.939   1.00 44.89  ? 50  ASP A N   1 
ATOM   413  C  CA  . ASP A 1 56  ? 0.837   7.348   10.946  1.00 52.27  ? 50  ASP A CA  1 
ATOM   414  C  C   . ASP A 1 56  ? 0.658   6.674   12.285  1.00 55.78  ? 50  ASP A C   1 
ATOM   415  O  O   . ASP A 1 56  ? 0.756   7.325   13.316  1.00 54.28  ? 50  ASP A O   1 
ATOM   416  C  CB  . ASP A 1 56  ? -0.533  7.828   10.474  1.00 50.94  ? 50  ASP A CB  1 
ATOM   417  C  CG  . ASP A 1 56  ? -0.435  8.928   9.468   1.00 52.92  ? 50  ASP A CG  1 
ATOM   418  O  OD1 . ASP A 1 56  ? 0.680   9.448   9.184   1.00 58.80  ? 50  ASP A OD1 1 
ATOM   419  O  OD2 . ASP A 1 56  ? -1.494  9.256   8.924   1.00 61.10  ? 50  ASP A OD2 1 
ATOM   420  N  N   . PHE A 1 57  ? 0.453   5.368   12.295  1.00 64.93  ? 51  PHE A N   1 
ATOM   421  C  CA  . PHE A 1 57  ? 0.467   4.638   13.559  1.00 67.89  ? 51  PHE A CA  1 
ATOM   422  C  C   . PHE A 1 57  ? 1.909   4.377   14.023  1.00 70.72  ? 51  PHE A C   1 
ATOM   423  O  O   . PHE A 1 57  ? 2.234   3.263   14.370  1.00 83.14  ? 51  PHE A O   1 
ATOM   424  C  CB  . PHE A 1 57  ? -0.377  3.363   13.468  1.00 67.69  ? 51  PHE A CB  1 
ATOM   425  C  CG  . PHE A 1 57  ? -1.789  3.603   12.988  1.00 69.66  ? 51  PHE A CG  1 
ATOM   426  C  CD1 . PHE A 1 57  ? -2.590  4.563   13.579  1.00 72.41  ? 51  PHE A CD1 1 
ATOM   427  C  CD2 . PHE A 1 57  ? -2.321  2.871   11.932  1.00 71.51  ? 51  PHE A CD2 1 
ATOM   428  C  CE1 . PHE A 1 57  ? -3.879  4.791   13.127  1.00 73.10  ? 51  PHE A CE1 1 
ATOM   429  C  CE2 . PHE A 1 57  ? -3.618  3.100   11.483  1.00 69.23  ? 51  PHE A CE2 1 
ATOM   430  C  CZ  . PHE A 1 57  ? -4.393  4.064   12.077  1.00 69.08  ? 51  PHE A CZ  1 
ATOM   431  N  N   . GLY A 1 58  ? 2.747   5.423   14.037  1.00 73.25  ? 52  GLY A N   1 
ATOM   432  C  CA  . GLY A 1 58  ? 4.100   5.393   14.590  1.00 72.86  ? 52  GLY A CA  1 
ATOM   433  C  C   . GLY A 1 58  ? 4.591   6.809   14.876  1.00 75.06  ? 52  GLY A C   1 
ATOM   434  O  O   . GLY A 1 58  ? 3.844   7.655   15.381  1.00 77.22  ? 52  GLY A O   1 
ATOM   435  N  N   . HIS A 1 68  ? 8.534   9.508   15.093  1.00 78.32  ? 74  HIS A N   1 
ATOM   436  C  CA  . HIS A 1 68  ? 8.094   8.719   13.955  1.00 75.36  ? 74  HIS A CA  1 
ATOM   437  C  C   . HIS A 1 68  ? 8.867   7.370   13.833  1.00 67.90  ? 74  HIS A C   1 
ATOM   438  O  O   . HIS A 1 68  ? 10.084  7.323   13.598  1.00 65.56  ? 74  HIS A O   1 
ATOM   439  C  CB  . HIS A 1 68  ? 8.115   9.574   12.668  1.00 81.83  ? 74  HIS A CB  1 
ATOM   440  C  CG  . HIS A 1 68  ? 9.488   9.875   12.123  1.00 87.61  ? 74  HIS A CG  1 
ATOM   441  N  ND1 . HIS A 1 68  ? 9.785   9.801   10.776  1.00 85.81  ? 74  HIS A ND1 1 
ATOM   442  C  CD2 . HIS A 1 68  ? 10.635  10.260  12.735  1.00 86.90  ? 74  HIS A CD2 1 
ATOM   443  C  CE1 . HIS A 1 68  ? 11.049  10.127  10.581  1.00 82.89  ? 74  HIS A CE1 1 
ATOM   444  N  NE2 . HIS A 1 68  ? 11.590  10.402  11.756  1.00 89.21  ? 74  HIS A NE2 1 
ATOM   445  N  N   . ARG A 1 69  ? 8.141   6.281   14.071  1.00 54.57  ? 75  ARG A N   1 
ATOM   446  C  CA  . ARG A 1 69  ? 8.664   4.931   13.914  1.00 49.81  ? 75  ARG A CA  1 
ATOM   447  C  C   . ARG A 1 69  ? 8.969   4.533   12.447  1.00 47.61  ? 75  ARG A C   1 
ATOM   448  O  O   . ARG A 1 69  ? 9.898   3.787   12.207  1.00 50.93  ? 75  ARG A O   1 
ATOM   449  C  CB  . ARG A 1 69  ? 7.678   3.933   14.503  1.00 49.08  ? 75  ARG A CB  1 
ATOM   450  C  CG  . ARG A 1 69  ? 8.204   2.528   14.431  1.00 51.34  ? 75  ARG A CG  1 
ATOM   451  C  CD  . ARG A 1 69  ? 7.284   1.511   15.056  1.00 49.51  ? 75  ARG A CD  1 
ATOM   452  N  NE  . ARG A 1 69  ? 7.763   0.190   14.689  1.00 46.12  ? 75  ARG A NE  1 
ATOM   453  C  CZ  . ARG A 1 69  ? 7.258   -0.957  15.118  1.00 53.77  ? 75  ARG A CZ  1 
ATOM   454  N  NH1 . ARG A 1 69  ? 6.234   -0.985  15.958  1.00 60.42  ? 75  ARG A NH1 1 
ATOM   455  N  NH2 . ARG A 1 69  ? 7.797   -2.093  14.710  1.00 58.86  ? 75  ARG A NH2 1 
ATOM   456  N  N   . PHE A 1 70  ? 8.197   5.052   11.492  1.00 45.76  ? 76  PHE A N   1 
ATOM   457  C  CA  . PHE A 1 70  ? 8.275   4.671   10.108  1.00 42.93  ? 76  PHE A CA  1 
ATOM   458  C  C   . PHE A 1 70  ? 8.723   5.781   9.206   1.00 46.43  ? 76  PHE A C   1 
ATOM   459  O  O   . PHE A 1 70  ? 8.352   6.916   9.404   1.00 52.02  ? 76  PHE A O   1 
ATOM   460  C  CB  . PHE A 1 70  ? 6.915   4.196   9.676   1.00 41.29  ? 76  PHE A CB  1 
ATOM   461  C  CG  . PHE A 1 70  ? 6.454   2.998   10.450  1.00 41.51  ? 76  PHE A CG  1 
ATOM   462  C  CD1 . PHE A 1 70  ? 7.106   1.787   10.305  1.00 39.46  ? 76  PHE A CD1 1 
ATOM   463  C  CD2 . PHE A 1 70  ? 5.375   3.072   11.319  1.00 42.21  ? 76  PHE A CD2 1 
ATOM   464  C  CE1 . PHE A 1 70  ? 6.699   0.676   11.021  1.00 43.13  ? 76  PHE A CE1 1 
ATOM   465  C  CE2 . PHE A 1 70  ? 4.962   1.957   12.047  1.00 43.04  ? 76  PHE A CE2 1 
ATOM   466  C  CZ  . PHE A 1 70  ? 5.620   0.754   11.894  1.00 41.14  ? 76  PHE A CZ  1 
ATOM   467  N  N   . GLU A 1 71  ? 9.551   5.449   8.219   1.00 50.34  ? 77  GLU A N   1 
ATOM   468  C  CA  . GLU A 1 71  ? 9.799   6.327   7.059   1.00 50.19  ? 77  GLU A CA  1 
ATOM   469  C  C   . GLU A 1 71  ? 8.969   5.854   5.900   1.00 49.89  ? 77  GLU A C   1 
ATOM   470  O  O   . GLU A 1 71  ? 9.114   4.738   5.473   1.00 53.88  ? 77  GLU A O   1 
ATOM   471  C  CB  . GLU A 1 71  ? 11.249  6.289   6.594   1.00 49.56  ? 77  GLU A CB  1 
ATOM   472  C  CG  . GLU A 1 71  ? 11.601  7.482   5.713   1.00 51.70  ? 77  GLU A CG  1 
ATOM   473  C  CD  . GLU A 1 71  ? 11.596  8.754   6.529   1.00 54.05  ? 77  GLU A CD  1 
ATOM   474  O  OE1 . GLU A 1 71  ? 12.298  8.785   7.569   1.00 51.36  ? 77  GLU A OE1 1 
ATOM   475  O  OE2 . GLU A 1 71  ? 10.826  9.667   6.181   1.00 58.05  ? 77  GLU A OE2 1 
ATOM   476  N  N   . ILE A 1 72  ? 8.124   6.723   5.377   1.00 50.78  ? 78  ILE A N   1 
ATOM   477  C  CA  . ILE A 1 72  ? 7.317   6.410   4.232   1.00 48.25  ? 78  ILE A CA  1 
ATOM   478  C  C   . ILE A 1 72  ? 8.196   6.534   3.003   1.00 49.61  ? 78  ILE A C   1 
ATOM   479  O  O   . ILE A 1 72  ? 8.782   7.587   2.746   1.00 45.02  ? 78  ILE A O   1 
ATOM   480  C  CB  . ILE A 1 72  ? 6.077   7.313   4.128   1.00 51.50  ? 78  ILE A CB  1 
ATOM   481  C  CG1 . ILE A 1 72  ? 5.208   6.871   2.955   1.00 60.09  ? 78  ILE A CG1 1 
ATOM   482  C  CG2 . ILE A 1 72  ? 6.430   8.769   3.902   1.00 57.58  ? 78  ILE A CG2 1 
ATOM   483  C  CD1 . ILE A 1 72  ? 4.454   5.583   3.168   1.00 61.08  ? 78  ILE A CD1 1 
ATOM   484  N  N   . ILE A 1 73  ? 8.282   5.451   2.243   1.00 41.90  ? 79  ILE A N   1 
ATOM   485  C  CA  . ILE A 1 73  ? 9.010   5.470   0.991   1.00 44.07  ? 79  ILE A CA  1 
ATOM   486  C  C   . ILE A 1 73  ? 8.042   5.628   -0.179  1.00 43.40  ? 79  ILE A C   1 
ATOM   487  O  O   . ILE A 1 73  ? 8.295   6.435   -1.094  1.00 42.55  ? 79  ILE A O   1 
ATOM   488  C  CB  . ILE A 1 73  ? 9.928   4.232   0.903   1.00 43.62  ? 79  ILE A CB  1 
ATOM   489  C  CG1 . ILE A 1 73  ? 11.030  4.402   1.932   1.00 43.33  ? 79  ILE A CG1 1 
ATOM   490  C  CG2 . ILE A 1 73  ? 10.570  4.082   -0.477  1.00 43.42  ? 79  ILE A CG2 1 
ATOM   491  C  CD1 . ILE A 1 73  ? 11.457  3.111   2.544   1.00 47.96  ? 79  ILE A CD1 1 
ATOM   492  N  N   . GLU A 1 74  ? 6.941   4.873   -0.132  1.00 40.57  ? 80  GLU A N   1 
ATOM   493  C  CA  . GLU A 1 74  ? 5.884   4.947   -1.151  1.00 45.44  ? 80  GLU A CA  1 
ATOM   494  C  C   . GLU A 1 74  ? 5.291   6.353   -1.223  1.00 43.16  ? 80  GLU A C   1 
ATOM   495  O  O   . GLU A 1 74  ? 5.227   7.061   -0.222  1.00 44.70  ? 80  GLU A O   1 
ATOM   496  C  CB  . GLU A 1 74  ? 4.772   3.915   -0.876  1.00 45.21  ? 80  GLU A CB  1 
ATOM   497  C  CG  . GLU A 1 74  ? 3.726   3.738   -1.979  1.00 52.10  ? 80  GLU A CG  1 
ATOM   498  C  CD  . GLU A 1 74  ? 4.214   3.106   -3.280  1.00 52.77  ? 80  GLU A CD  1 
ATOM   499  O  OE1 . GLU A 1 74  ? 4.310   3.812   -4.324  1.00 72.12  ? 80  GLU A OE1 1 
ATOM   500  O  OE2 . GLU A 1 74  ? 4.445   1.888   -3.291  1.00 44.45  ? 80  GLU A OE2 1 
ATOM   501  N  N   . GLY A 1 75  ? 4.918   6.764   -2.421  1.00 42.02  ? 81  GLY A N   1 
ATOM   502  C  CA  . GLY A 1 75  ? 4.276   8.047   -2.613  1.00 48.40  ? 81  GLY A CA  1 
ATOM   503  C  C   . GLY A 1 75  ? 5.206   9.197   -2.899  1.00 47.92  ? 81  GLY A C   1 
ATOM   504  O  O   . GLY A 1 75  ? 4.746   10.270  -3.276  1.00 56.90  ? 81  GLY A O   1 
ATOM   505  N  N   . ARG A 1 76  ? 6.498   9.001   -2.681  1.00 50.04  ? 82  ARG A N   1 
ATOM   506  C  CA  . ARG A 1 76  ? 7.493   9.966   -3.075  1.00 44.47  ? 82  ARG A CA  1 
ATOM   507  C  C   . ARG A 1 76  ? 7.823   9.679   -4.515  1.00 48.79  ? 82  ARG A C   1 
ATOM   508  O  O   . ARG A 1 76  ? 7.782   8.530   -4.936  1.00 45.66  ? 82  ARG A O   1 
ATOM   509  C  CB  . ARG A 1 76  ? 8.764   9.764   -2.296  1.00 46.19  ? 82  ARG A CB  1 
ATOM   510  C  CG  . ARG A 1 76  ? 8.635   9.949   -0.817  1.00 49.73  ? 82  ARG A CG  1 
ATOM   511  C  CD  . ARG A 1 76  ? 9.961   9.612   -0.173  1.00 50.97  ? 82  ARG A CD  1 
ATOM   512  N  NE  . ARG A 1 76  ? 9.791   9.558   1.268   1.00 57.17  ? 82  ARG A NE  1 
ATOM   513  C  CZ  . ARG A 1 76  ? 9.719   10.612  2.074   1.00 58.42  ? 82  ARG A CZ  1 
ATOM   514  N  NH1 . ARG A 1 76  ? 9.841   11.846  1.599   1.00 59.44  ? 82  ARG A NH1 1 
ATOM   515  N  NH2 . ARG A 1 76  ? 9.549   10.419  3.381   1.00 57.95  ? 82  ARG A NH2 1 
ATOM   516  N  N   . ASP A 1 77  ? 8.238   10.712  -5.244  1.00 52.26  ? 83  ASP A N   1 
ATOM   517  C  CA  . ASP A 1 77  ? 8.902   10.530  -6.522  1.00 51.16  ? 83  ASP A CA  1 
ATOM   518  C  C   . ASP A 1 77  ? 10.197  9.681   -6.310  1.00 51.39  ? 83  ASP A C   1 
ATOM   519  O  O   . ASP A 1 77  ? 10.750  9.596   -5.197  1.00 45.01  ? 83  ASP A O   1 
ATOM   520  C  CB  . ASP A 1 77  ? 9.160   11.883  -7.196  1.00 53.86  ? 83  ASP A CB  1 
ATOM   521  C  CG  . ASP A 1 77  ? 10.551  12.417  -6.926  1.00 59.62  ? 83  ASP A CG  1 
ATOM   522  O  OD1 . ASP A 1 77  ? 10.861  12.808  -5.778  1.00 62.42  ? 83  ASP A OD1 1 
ATOM   523  O  OD2 . ASP A 1 77  ? 11.350  12.406  -7.882  1.00 66.26  ? 83  ASP A OD2 1 
ATOM   524  N  N   . ARG A 1 78  ? 10.641  9.031   -7.379  1.00 49.03  ? 84  ARG A N   1 
ATOM   525  C  CA  . ARG A 1 78  ? 11.661  7.984   -7.278  1.00 50.23  ? 84  ARG A CA  1 
ATOM   526  C  C   . ARG A 1 78  ? 13.012  8.458   -6.796  1.00 51.67  ? 84  ARG A C   1 
ATOM   527  O  O   . ARG A 1 78  ? 13.677  7.738   -6.034  1.00 48.86  ? 84  ARG A O   1 
ATOM   528  C  CB  . ARG A 1 78  ? 11.810  7.243   -8.605  1.00 53.46  ? 84  ARG A CB  1 
ATOM   529  C  CG  . ARG A 1 78  ? 10.695  6.250   -8.810  1.00 56.51  ? 84  ARG A CG  1 
ATOM   530  C  CD  . ARG A 1 78  ? 10.496  5.842   -10.250 1.00 62.21  ? 84  ARG A CD  1 
ATOM   531  N  NE  . ARG A 1 78  ? 10.279  4.397   -10.306 1.00 69.62  ? 84  ARG A NE  1 
ATOM   532  C  CZ  . ARG A 1 78  ? 9.652   3.735   -11.270 1.00 72.86  ? 84  ARG A CZ  1 
ATOM   533  N  NH1 . ARG A 1 78  ? 9.128   4.349   -12.330 1.00 74.59  ? 84  ARG A NH1 1 
ATOM   534  N  NH2 . ARG A 1 78  ? 9.559   2.419   -11.161 1.00 81.49  ? 84  ARG A NH2 1 
ATOM   535  N  N   . ILE A 1 79  ? 13.394  9.662   -7.224  1.00 52.03  ? 85  ILE A N   1 
ATOM   536  C  CA  . ILE A 1 79  ? 14.626  10.335  -6.760  1.00 49.55  ? 85  ILE A CA  1 
ATOM   537  C  C   . ILE A 1 79  ? 14.630  10.443  -5.244  1.00 48.69  ? 85  ILE A C   1 
ATOM   538  O  O   . ILE A 1 79  ? 15.581  10.001  -4.584  1.00 53.47  ? 85  ILE A O   1 
ATOM   539  C  CB  . ILE A 1 79  ? 14.755  11.760  -7.354  1.00 52.87  ? 85  ILE A CB  1 
ATOM   540  C  CG1 . ILE A 1 79  ? 14.909  11.692  -8.891  1.00 52.00  ? 85  ILE A CG1 1 
ATOM   541  C  CG2 . ILE A 1 79  ? 15.934  12.503  -6.726  1.00 52.03  ? 85  ILE A CG2 1 
ATOM   542  C  CD1 . ILE A 1 79  ? 14.219  12.813  -9.618  1.00 52.19  ? 85  ILE A CD1 1 
ATOM   543  N  N   . MET A 1 80  ? 13.558  11.009  -4.701  1.00 52.42  ? 86  MET A N   1 
ATOM   544  C  CA  . MET A 1 80  ? 13.382  11.087  -3.243  1.00 56.00  ? 86  MET A CA  1 
ATOM   545  C  C   . MET A 1 80  ? 13.351  9.721   -2.540  1.00 50.65  ? 86  MET A C   1 
ATOM   546  O  O   . MET A 1 80  ? 14.037  9.525   -1.526  1.00 50.13  ? 86  MET A O   1 
ATOM   547  C  CB  . MET A 1 80  ? 12.130  11.927  -2.849  1.00 58.08  ? 86  MET A CB  1 
ATOM   548  C  CG  . MET A 1 80  ? 12.445  13.407  -2.658  1.00 65.86  ? 86  MET A CG  1 
ATOM   549  S  SD  . MET A 1 80  ? 13.694  13.706  -1.347  1.00 75.81  ? 86  MET A SD  1 
ATOM   550  C  CE  . MET A 1 80  ? 12.914  13.113  0.162   1.00 78.77  ? 86  MET A CE  1 
ATOM   551  N  N   . ALA A 1 81  ? 12.560  8.794   -3.072  1.00 48.04  ? 87  ALA A N   1 
ATOM   552  C  CA  . ALA A 1 81  ? 12.456  7.452   -2.483  1.00 47.43  ? 87  ALA A CA  1 
ATOM   553  C  C   . ALA A 1 81  ? 13.832  6.780   -2.379  1.00 43.50  ? 87  ALA A C   1 
ATOM   554  O  O   . ALA A 1 81  ? 14.211  6.267   -1.302  1.00 39.04  ? 87  ALA A O   1 
ATOM   555  C  CB  . ALA A 1 81  ? 11.516  6.603   -3.309  1.00 48.50  ? 87  ALA A CB  1 
ATOM   556  N  N   . TRP A 1 82  ? 14.581  6.816   -3.488  1.00 41.38  ? 88  TRP A N   1 
ATOM   557  C  CA  . TRP A 1 82  ? 15.943  6.302   -3.483  1.00 43.80  ? 88  TRP A CA  1 
ATOM   558  C  C   . TRP A 1 82  ? 16.853  7.099   -2.586  1.00 47.07  ? 88  TRP A C   1 
ATOM   559  O  O   . TRP A 1 82  ? 17.668  6.486   -1.911  1.00 43.87  ? 88  TRP A O   1 
ATOM   560  C  CB  . TRP A 1 82  ? 16.531  6.150   -4.876  1.00 43.62  ? 88  TRP A CB  1 
ATOM   561  C  CG  . TRP A 1 82  ? 15.945  4.953   -5.546  1.00 46.36  ? 88  TRP A CG  1 
ATOM   562  C  CD1 . TRP A 1 82  ? 15.087  4.939   -6.612  1.00 48.43  ? 88  TRP A CD1 1 
ATOM   563  C  CD2 . TRP A 1 82  ? 16.119  3.591   -5.167  1.00 43.06  ? 88  TRP A CD2 1 
ATOM   564  N  NE1 . TRP A 1 82  ? 14.742  3.655   -6.923  1.00 45.80  ? 88  TRP A NE1 1 
ATOM   565  C  CE2 . TRP A 1 82  ? 15.360  2.807   -6.055  1.00 40.85  ? 88  TRP A CE2 1 
ATOM   566  C  CE3 . TRP A 1 82  ? 16.855  2.958   -4.183  1.00 43.05  ? 88  TRP A CE3 1 
ATOM   567  C  CZ2 . TRP A 1 82  ? 15.329  1.445   -5.990  1.00 40.54  ? 88  TRP A CZ2 1 
ATOM   568  C  CZ3 . TRP A 1 82  ? 16.813  1.603   -4.112  1.00 42.71  ? 88  TRP A CZ3 1 
ATOM   569  C  CH2 . TRP A 1 82  ? 16.061  0.855   -5.009  1.00 43.79  ? 88  TRP A CH2 1 
ATOM   570  N  N   . THR A 1 83  ? 16.688  8.426   -2.518  1.00 44.51  ? 89  THR A N   1 
ATOM   571  C  CA  . THR A 1 83  ? 17.467  9.214   -1.566  1.00 43.76  ? 89  THR A CA  1 
ATOM   572  C  C   . THR A 1 83  ? 17.183  8.765   -0.141  1.00 45.00  ? 89  THR A C   1 
ATOM   573  O  O   . THR A 1 83  ? 18.081  8.641   0.682   1.00 42.05  ? 89  THR A O   1 
ATOM   574  C  CB  . THR A 1 83  ? 17.197  10.737  -1.727  1.00 50.07  ? 89  THR A CB  1 
ATOM   575  O  OG1 . THR A 1 83  ? 17.548  11.144  -3.056  1.00 47.93  ? 89  THR A OG1 1 
ATOM   576  C  CG2 . THR A 1 83  ? 18.037  11.576  -0.722  1.00 49.17  ? 89  THR A CG2 1 
ATOM   577  N  N   . VAL A 1 84  ? 15.915  8.499   0.152   1.00 46.09  ? 90  VAL A N   1 
ATOM   578  C  CA  . VAL A 1 84  ? 15.530  8.115   1.494   1.00 42.70  ? 90  VAL A CA  1 
ATOM   579  C  C   . VAL A 1 84  ? 16.126  6.740   1.812   1.00 43.92  ? 90  VAL A C   1 
ATOM   580  O  O   . VAL A 1 84  ? 16.831  6.561   2.823   1.00 46.90  ? 90  VAL A O   1 
ATOM   581  C  CB  . VAL A 1 84  ? 13.992  8.170   1.655   1.00 40.39  ? 90  VAL A CB  1 
ATOM   582  C  CG1 . VAL A 1 84  ? 13.558  7.640   2.991   1.00 40.55  ? 90  VAL A CG1 1 
ATOM   583  C  CG2 . VAL A 1 84  ? 13.471  9.596   1.523   1.00 44.71  ? 90  VAL A CG2 1 
ATOM   584  N  N   . VAL A 1 85  ? 15.842  5.778   0.934   1.00 45.97  ? 91  VAL A N   1 
ATOM   585  C  CA  . VAL A 1 85  ? 16.383  4.408   1.048   1.00 46.42  ? 91  VAL A CA  1 
ATOM   586  C  C   . VAL A 1 85  ? 17.892  4.418   1.214   1.00 43.08  ? 91  VAL A C   1 
ATOM   587  O  O   . VAL A 1 85  ? 18.412  3.819   2.118   1.00 43.49  ? 91  VAL A O   1 
ATOM   588  C  CB  . VAL A 1 85  ? 16.056  3.546   -0.202  1.00 46.61  ? 91  VAL A CB  1 
ATOM   589  C  CG1 . VAL A 1 85  ? 16.844  2.234   -0.179  1.00 46.31  ? 91  VAL A CG1 1 
ATOM   590  C  CG2 . VAL A 1 85  ? 14.553  3.285   -0.298  1.00 46.03  ? 91  VAL A CG2 1 
ATOM   591  N  N   . ASN A 1 86  ? 18.567  5.142   0.346   1.00 44.78  ? 92  ASN A N   1 
ATOM   592  C  CA  . ASN A 1 86  ? 20.008  5.266   0.397   1.00 56.97  ? 92  ASN A CA  1 
ATOM   593  C  C   . ASN A 1 86  ? 20.515  5.847   1.713   1.00 59.20  ? 92  ASN A C   1 
ATOM   594  O  O   . ASN A 1 86  ? 21.481  5.346   2.300   1.00 57.00  ? 92  ASN A O   1 
ATOM   595  C  CB  . ASN A 1 86  ? 20.478  6.161   -0.727  1.00 65.64  ? 92  ASN A CB  1 
ATOM   596  C  CG  . ASN A 1 86  ? 21.881  5.881   -1.107  1.00 76.74  ? 92  ASN A CG  1 
ATOM   597  O  OD1 . ASN A 1 86  ? 22.805  6.456   -0.539  1.00 77.72  ? 92  ASN A OD1 1 
ATOM   598  N  ND2 . ASN A 1 86  ? 22.066  4.953   -2.050  1.00 85.57  ? 92  ASN A ND2 1 
ATOM   599  N  N   . SER A 1 87  ? 19.847  6.899   2.171   1.00 56.84  ? 93  SER A N   1 
ATOM   600  C  CA  . SER A 1 87  ? 20.210  7.557   3.420   1.00 57.78  ? 93  SER A CA  1 
ATOM   601  C  C   . SER A 1 87  ? 19.988  6.608   4.608   1.00 53.32  ? 93  SER A C   1 
ATOM   602  O  O   . SER A 1 87  ? 20.773  6.577   5.576   1.00 49.86  ? 93  SER A O   1 
ATOM   603  C  CB  . SER A 1 87  ? 19.417  8.867   3.572   1.00 63.16  ? 93  SER A CB  1 
ATOM   604  O  OG  . SER A 1 87  ? 20.057  9.753   4.470   1.00 76.77  ? 93  SER A OG  1 
ATOM   605  N  N   . ILE A 1 88  ? 18.945  5.802   4.516   1.00 47.67  ? 94  ILE A N   1 
ATOM   606  C  CA  . ILE A 1 88  ? 18.738  4.760   5.530   1.00 53.32  ? 94  ILE A CA  1 
ATOM   607  C  C   . ILE A 1 88  ? 19.821  3.665   5.524   1.00 50.37  ? 94  ILE A C   1 
ATOM   608  O  O   . ILE A 1 88  ? 20.200  3.175   6.599   1.00 50.81  ? 94  ILE A O   1 
ATOM   609  C  CB  . ILE A 1 88  ? 17.333  4.109   5.413   1.00 49.96  ? 94  ILE A CB  1 
ATOM   610  C  CG1 . ILE A 1 88  ? 16.276  5.149   5.795   1.00 47.21  ? 94  ILE A CG1 1 
ATOM   611  C  CG2 . ILE A 1 88  ? 17.214  2.867   6.306   1.00 48.62  ? 94  ILE A CG2 1 
ATOM   612  C  CD1 . ILE A 1 88  ? 14.924  4.865   5.212   1.00 46.08  ? 94  ILE A CD1 1 
ATOM   613  N  N   . CYS A 1 89  ? 20.281  3.269   4.331   1.00 49.72  ? 95  CYS A N   1 
ATOM   614  C  CA  . CYS A 1 89  ? 21.247  2.172   4.198   1.00 53.47  ? 95  CYS A CA  1 
ATOM   615  C  C   . CYS A 1 89  ? 22.593  2.596   4.779   1.00 58.72  ? 95  CYS A C   1 
ATOM   616  O  O   . CYS A 1 89  ? 23.130  1.901   5.650   1.00 64.61  ? 95  CYS A O   1 
ATOM   617  C  CB  . CYS A 1 89  ? 21.342  1.690   2.741   1.00 59.47  ? 95  CYS A CB  1 
ATOM   618  S  SG  . CYS A 1 89  ? 19.832  0.821   2.171   1.00 61.89  ? 95  CYS A SG  1 
ATOM   619  N  N   . ASN A 1 90  ? 23.070  3.779   4.382   1.00 57.38  ? 96  ASN A N   1 
ATOM   620  C  CA  . ASN A 1 90  ? 24.329  4.322   4.897   1.00 63.37  ? 96  ASN A CA  1 
ATOM   621  C  C   . ASN A 1 90  ? 24.359  4.619   6.387   1.00 61.68  ? 96  ASN A C   1 
ATOM   622  O  O   . ASN A 1 90  ? 25.418  4.518   6.998   1.00 69.10  ? 96  ASN A O   1 
ATOM   623  C  CB  . ASN A 1 90  ? 24.736  5.575   4.147   1.00 65.05  ? 96  ASN A CB  1 
ATOM   624  C  CG  . ASN A 1 90  ? 24.829  5.352   2.657   1.00 69.22  ? 96  ASN A CG  1 
ATOM   625  O  OD1 . ASN A 1 90  ? 25.021  4.225   2.176   1.00 66.62  ? 96  ASN A OD1 1 
ATOM   626  N  ND2 . ASN A 1 90  ? 24.660  6.430   1.905   1.00 73.91  ? 96  ASN A ND2 1 
ATOM   627  N  N   . THR A 1 91  ? 23.230  4.955   6.989   1.00 62.87  ? 97  THR A N   1 
ATOM   628  C  CA  . THR A 1 91  ? 23.234  5.244   8.425   1.00 64.42  ? 97  THR A CA  1 
ATOM   629  C  C   . THR A 1 91  ? 22.899  4.047   9.318   1.00 65.94  ? 97  THR A C   1 
ATOM   630  O  O   . THR A 1 91  ? 23.083  4.135   10.535  1.00 67.14  ? 97  THR A O   1 
ATOM   631  C  CB  . THR A 1 91  ? 22.318  6.427   8.797   1.00 67.36  ? 97  THR A CB  1 
ATOM   632  O  OG1 . THR A 1 91  ? 20.949  5.998   8.865   1.00 67.38  ? 97  THR A OG1 1 
ATOM   633  C  CG2 . THR A 1 91  ? 22.501  7.606   7.805   1.00 68.96  ? 97  THR A CG2 1 
ATOM   634  N  N   . THR A 1 92  ? 22.425  2.943   8.731   1.00 69.23  ? 98  THR A N   1 
ATOM   635  C  CA  . THR A 1 92  ? 22.097  1.718   9.489   1.00 64.55  ? 98  THR A CA  1 
ATOM   636  C  C   . THR A 1 92  ? 22.938  0.477   9.155   1.00 62.98  ? 98  THR A C   1 
ATOM   637  O  O   . THR A 1 92  ? 23.175  -0.373  10.031  1.00 74.13  ? 98  THR A O   1 
ATOM   638  C  CB  . THR A 1 92  ? 20.636  1.370   9.274   1.00 59.27  ? 98  THR A CB  1 
ATOM   639  O  OG1 . THR A 1 92  ? 20.411  1.199   7.867   1.00 53.99  ? 98  THR A OG1 1 
ATOM   640  C  CG2 . THR A 1 92  ? 19.777  2.502   9.819   1.00 60.77  ? 98  THR A CG2 1 
ATOM   641  N  N   . GLY A 1 93  ? 23.376  0.361   7.909   1.00 58.09  ? 99  GLY A N   1 
ATOM   642  C  CA  . GLY A 1 93  ? 24.100  -0.814  7.450   1.00 61.48  ? 99  GLY A CA  1 
ATOM   643  C  C   . GLY A 1 93  ? 23.229  -1.849  6.761   1.00 69.07  ? 99  GLY A C   1 
ATOM   644  O  O   . GLY A 1 93  ? 23.764  -2.749  6.102   1.00 72.65  ? 99  GLY A O   1 
ATOM   645  N  N   . VAL A 1 94  ? 21.899  -1.710  6.875   1.00 71.41  ? 100 VAL A N   1 
ATOM   646  C  CA  . VAL A 1 94  ? 20.950  -2.656  6.271   1.00 65.99  ? 100 VAL A CA  1 
ATOM   647  C  C   . VAL A 1 94  ? 21.146  -2.650  4.759   1.00 62.25  ? 100 VAL A C   1 
ATOM   648  O  O   . VAL A 1 94  ? 21.389  -1.598  4.168   1.00 57.95  ? 100 VAL A O   1 
ATOM   649  C  CB  . VAL A 1 94  ? 19.437  -2.396  6.628   1.00 65.41  ? 100 VAL A CB  1 
ATOM   650  C  CG1 . VAL A 1 94  ? 19.227  -1.906  8.065   1.00 61.80  ? 100 VAL A CG1 1 
ATOM   651  C  CG2 . VAL A 1 94  ? 18.750  -1.453  5.656   1.00 70.92  ? 100 VAL A CG2 1 
ATOM   652  N  N   . GLU A 1 95  ? 21.022  -3.831  4.158   1.00 66.51  ? 101 GLU A N   1 
ATOM   653  C  CA  . GLU A 1 95  ? 21.106  -4.025  2.705   1.00 69.30  ? 101 GLU A CA  1 
ATOM   654  C  C   . GLU A 1 95  ? 20.107  -3.175  1.926   1.00 61.78  ? 101 GLU A C   1 
ATOM   655  O  O   . GLU A 1 95  ? 18.951  -3.022  2.307   1.00 57.39  ? 101 GLU A O   1 
ATOM   656  C  CB  . GLU A 1 95  ? 20.896  -5.509  2.334   1.00 78.83  ? 101 GLU A CB  1 
ATOM   657  C  CG  . GLU A 1 95  ? 21.271  -5.879  0.897   1.00 81.96  ? 101 GLU A CG  1 
ATOM   658  C  CD  . GLU A 1 95  ? 21.029  -7.355  0.595   1.00 89.49  ? 101 GLU A CD  1 
ATOM   659  O  OE1 . GLU A 1 95  ? 21.624  -8.211  1.294   1.00 89.03  ? 101 GLU A OE1 1 
ATOM   660  O  OE2 . GLU A 1 95  ? 20.241  -7.663  -0.336  1.00 79.81  ? 101 GLU A OE2 1 
ATOM   661  N  N   . LYS A 1 96  ? 20.596  -2.638  0.820   1.00 64.59  ? 102 LYS A N   1 
ATOM   662  C  CA  . LYS A 1 96  ? 19.822  -1.825  -0.100  1.00 67.03  ? 102 LYS A CA  1 
ATOM   663  C  C   . LYS A 1 96  ? 18.872  -2.746  -0.874  1.00 65.59  ? 102 LYS A C   1 
ATOM   664  O  O   . LYS A 1 96  ? 19.330  -3.611  -1.600  1.00 61.16  ? 102 LYS A O   1 
ATOM   665  C  CB  . LYS A 1 96  ? 20.791  -1.108  -1.054  1.00 67.90  ? 102 LYS A CB  1 
ATOM   666  C  CG  . LYS A 1 96  ? 20.142  -0.170  -2.040  1.00 75.92  ? 102 LYS A CG  1 
ATOM   667  C  CD  . LYS A 1 96  ? 21.140  0.402   -3.037  1.00 82.35  ? 102 LYS A CD  1 
ATOM   668  C  CE  . LYS A 1 96  ? 21.921  1.598   -2.501  1.00 82.47  ? 102 LYS A CE  1 
ATOM   669  N  NZ  . LYS A 1 96  ? 23.043  1.237   -1.596  1.00 79.05  ? 102 LYS A NZ  1 
ATOM   670  N  N   . PRO A 1 97  ? 17.550  -2.573  -0.724  1.00 63.28  ? 103 PRO A N   1 
ATOM   671  C  CA  . PRO A 1 97  ? 16.658  -3.431  -1.499  1.00 61.36  ? 103 PRO A CA  1 
ATOM   672  C  C   . PRO A 1 97  ? 16.784  -3.137  -2.981  1.00 56.76  ? 103 PRO A C   1 
ATOM   673  O  O   . PRO A 1 97  ? 17.272  -2.084  -3.354  1.00 56.89  ? 103 PRO A O   1 
ATOM   674  C  CB  . PRO A 1 97  ? 15.280  -3.012  -1.015  1.00 59.37  ? 103 PRO A CB  1 
ATOM   675  C  CG  . PRO A 1 97  ? 15.458  -1.542  -0.810  1.00 58.68  ? 103 PRO A CG  1 
ATOM   676  C  CD  . PRO A 1 97  ? 16.821  -1.418  -0.184  1.00 61.48  ? 103 PRO A CD  1 
ATOM   677  N  N   . LYS A 1 98  ? 16.310  -4.070  -3.792  1.00 60.04  ? 104 LYS A N   1 
ATOM   678  C  CA  . LYS A 1 98  ? 16.454  -4.035  -5.236  1.00 58.56  ? 104 LYS A CA  1 
ATOM   679  C  C   . LYS A 1 98  ? 15.399  -3.151  -5.826  1.00 55.42  ? 104 LYS A C   1 
ATOM   680  O  O   . LYS A 1 98  ? 15.614  -2.506  -6.831  1.00 62.41  ? 104 LYS A O   1 
ATOM   681  C  CB  . LYS A 1 98  ? 16.234  -5.427  -5.824  1.00 64.07  ? 104 LYS A CB  1 
ATOM   682  C  CG  . LYS A 1 98  ? 17.021  -6.535  -5.150  1.00 71.48  ? 104 LYS A CG  1 
ATOM   683  C  CD  . LYS A 1 98  ? 16.135  -7.645  -4.563  1.00 75.22  ? 104 LYS A CD  1 
ATOM   684  C  CE  . LYS A 1 98  ? 16.643  -9.042  -4.920  1.00 77.10  ? 104 LYS A CE  1 
ATOM   685  N  NZ  . LYS A 1 98  ? 18.124  -9.222  -4.820  1.00 72.61  ? 104 LYS A NZ  1 
ATOM   686  N  N   . PHE A 1 99  ? 14.217  -3.228  -5.244  1.00 52.66  ? 105 PHE A N   1 
ATOM   687  C  CA  . PHE A 1 99  ? 13.102  -2.393  -5.584  1.00 48.63  ? 105 PHE A CA  1 
ATOM   688  C  C   . PHE A 1 99  ? 12.771  -1.510  -4.398  1.00 43.28  ? 105 PHE A C   1 
ATOM   689  O  O   . PHE A 1 99  ? 13.146  -1.775  -3.264  1.00 40.95  ? 105 PHE A O   1 
ATOM   690  C  CB  . PHE A 1 99  ? 11.878  -3.256  -5.883  1.00 60.71  ? 105 PHE A CB  1 
ATOM   691  C  CG  . PHE A 1 99  ? 11.916  -3.978  -7.214  1.00 72.06  ? 105 PHE A CG  1 
ATOM   692  C  CD1 . PHE A 1 99  ? 12.593  -3.453  -8.335  1.00 78.72  ? 105 PHE A CD1 1 
ATOM   693  C  CD2 . PHE A 1 99  ? 11.188  -5.169  -7.366  1.00 76.91  ? 105 PHE A CD2 1 
ATOM   694  C  CE1 . PHE A 1 99  ? 12.568  -4.126  -9.557  1.00 90.13  ? 105 PHE A CE1 1 
ATOM   695  C  CE2 . PHE A 1 99  ? 11.152  -5.838  -8.585  1.00 82.52  ? 105 PHE A CE2 1 
ATOM   696  C  CZ  . PHE A 1 99  ? 11.847  -5.321  -9.680  1.00 88.53  ? 105 PHE A CZ  1 
ATOM   697  N  N   . LEU A 1 100 ? 12.044  -0.452  -4.676  1.00 40.99  ? 106 LEU A N   1 
ATOM   698  C  CA  . LEU A 1 100 ? 11.594  0.429   -3.650  1.00 38.71  ? 106 LEU A CA  1 
ATOM   699  C  C   . LEU A 1 100 ? 10.530  -0.291  -2.784  1.00 38.36  ? 106 LEU A C   1 
ATOM   700  O  O   . LEU A 1 100 ? 9.462   -0.661  -3.265  1.00 38.77  ? 106 LEU A O   1 
ATOM   701  C  CB  . LEU A 1 100 ? 11.032  1.700   -4.280  1.00 38.12  ? 106 LEU A CB  1 
ATOM   702  C  CG  . LEU A 1 100 ? 12.114  2.618   -4.794  1.00 37.56  ? 106 LEU A CG  1 
ATOM   703  C  CD1 . LEU A 1 100 ? 11.488  3.715   -5.606  1.00 40.33  ? 106 LEU A CD1 1 
ATOM   704  C  CD2 . LEU A 1 100 ? 12.985  3.222   -3.702  1.00 39.56  ? 106 LEU A CD2 1 
ATOM   705  N  N   . PRO A 1 101 ? 10.820  -0.497  -1.499  1.00 36.38  ? 107 PRO A N   1 
ATOM   706  C  CA  . PRO A 1 101 ? 9.777   -0.924  -0.599  1.00 35.34  ? 107 PRO A CA  1 
ATOM   707  C  C   . PRO A 1 101 ? 8.884   0.271   -0.194  1.00 33.55  ? 107 PRO A C   1 
ATOM   708  O  O   . PRO A 1 101 ? 8.997   1.350   -0.768  1.00 28.36  ? 107 PRO A O   1 
ATOM   709  C  CB  . PRO A 1 101 ? 10.557  -1.505  0.569   1.00 37.55  ? 107 PRO A CB  1 
ATOM   710  C  CG  . PRO A 1 101 ? 11.854  -0.865  0.534   1.00 37.21  ? 107 PRO A CG  1 
ATOM   711  C  CD  . PRO A 1 101 ? 12.078  -0.253  -0.792  1.00 37.84  ? 107 PRO A CD  1 
ATOM   712  N  N   . ASP A 1 102 ? 7.986   0.035   0.741   1.00 33.33  ? 108 ASP A N   1 
ATOM   713  C  CA  . ASP A 1 102 ? 6.934   1.002   1.093   1.00 38.19  ? 108 ASP A CA  1 
ATOM   714  C  C   . ASP A 1 102 ? 7.259   1.880   2.308   1.00 37.78  ? 108 ASP A C   1 
ATOM   715  O  O   . ASP A 1 102 ? 6.888   3.049   2.315   1.00 36.43  ? 108 ASP A O   1 
ATOM   716  C  CB  . ASP A 1 102 ? 5.641   0.248   1.337   1.00 33.13  ? 108 ASP A CB  1 
ATOM   717  C  CG  . ASP A 1 102 ? 5.023   -0.230  0.049   1.00 37.09  ? 108 ASP A CG  1 
ATOM   718  O  OD1 . ASP A 1 102 ? 5.029   0.528   -0.945  1.00 38.11  ? 108 ASP A OD1 1 
ATOM   719  O  OD2 . ASP A 1 102 ? 4.510   -1.348  0.023   1.00 32.58  ? 108 ASP A OD2 1 
ATOM   720  N  N   . LEU A 1 103 ? 7.906   1.272   3.308   1.00 40.15  ? 109 LEU A N   1 
ATOM   721  C  CA  . LEU A 1 103 ? 8.231   1.892   4.604   1.00 43.71  ? 109 LEU A CA  1 
ATOM   722  C  C   . LEU A 1 103 ? 9.584   1.396   5.103   1.00 43.95  ? 109 LEU A C   1 
ATOM   723  O  O   . LEU A 1 103 ? 10.099  0.354   4.652   1.00 40.71  ? 109 LEU A O   1 
ATOM   724  C  CB  . LEU A 1 103 ? 7.197   1.568   5.708   1.00 43.97  ? 109 LEU A CB  1 
ATOM   725  C  CG  . LEU A 1 103 ? 5.686   1.817   5.488   1.00 45.81  ? 109 LEU A CG  1 
ATOM   726  C  CD1 . LEU A 1 103 ? 4.832   1.200   6.558   1.00 47.73  ? 109 LEU A CD1 1 
ATOM   727  C  CD2 . LEU A 1 103 ? 5.354   3.283   5.435   1.00 49.54  ? 109 LEU A CD2 1 
ATOM   728  N  N   . TYR A 1 104 ? 10.157  2.151   6.039   1.00 41.18  ? 110 TYR A N   1 
ATOM   729  C  CA  . TYR A 1 104 ? 11.298  1.650   6.808   1.00 43.03  ? 110 TYR A CA  1 
ATOM   730  C  C   . TYR A 1 104 ? 10.854  1.676   8.243   1.00 40.85  ? 110 TYR A C   1 
ATOM   731  O  O   . TYR A 1 104 ? 10.120  2.572   8.648   1.00 46.74  ? 110 TYR A O   1 
ATOM   732  C  CB  . TYR A 1 104 ? 12.570  2.466   6.546   1.00 42.61  ? 110 TYR A CB  1 
ATOM   733  C  CG  . TYR A 1 104 ? 13.725  1.921   7.322   1.00 48.20  ? 110 TYR A CG  1 
ATOM   734  C  CD1 . TYR A 1 104 ? 14.313  0.723   6.970   1.00 49.04  ? 110 TYR A CD1 1 
ATOM   735  C  CD2 . TYR A 1 104 ? 14.206  2.577   8.452   1.00 49.99  ? 110 TYR A CD2 1 
ATOM   736  C  CE1 . TYR A 1 104 ? 15.362  0.192   7.696   1.00 49.49  ? 110 TYR A CE1 1 
ATOM   737  C  CE2 . TYR A 1 104 ? 15.241  2.051   9.196   1.00 50.23  ? 110 TYR A CE2 1 
ATOM   738  C  CZ  . TYR A 1 104 ? 15.831  0.865   8.812   1.00 53.73  ? 110 TYR A CZ  1 
ATOM   739  O  OH  . TYR A 1 104 ? 16.880  0.349   9.557   1.00 59.68  ? 110 TYR A OH  1 
ATOM   740  N  N   . ASP A 1 105 ? 11.206  0.646   8.991   1.00 39.91  ? 111 ASP A N   1 
ATOM   741  C  CA  . ASP A 1 105 ? 10.852  0.555   10.394  1.00 41.92  ? 111 ASP A CA  1 
ATOM   742  C  C   . ASP A 1 105 ? 12.141  0.806   11.183  1.00 48.03  ? 111 ASP A C   1 
ATOM   743  O  O   . ASP A 1 105 ? 13.061  -0.021  11.165  1.00 43.47  ? 111 ASP A O   1 
ATOM   744  C  CB  . ASP A 1 105 ? 10.286  -0.833  10.700  1.00 40.29  ? 111 ASP A CB  1 
ATOM   745  C  CG  . ASP A 1 105 ? 9.775   -0.956  12.114  1.00 42.65  ? 111 ASP A CG  1 
ATOM   746  O  OD1 . ASP A 1 105 ? 10.172  -0.140  12.980  1.00 44.01  ? 111 ASP A OD1 1 
ATOM   747  O  OD2 . ASP A 1 105 ? 8.984   -1.882  12.406  1.00 41.76  ? 111 ASP A OD2 1 
ATOM   748  N  N   . TYR A 1 106 ? 12.213  1.959   11.850  1.00 53.55  ? 112 TYR A N   1 
ATOM   749  C  CA  . TYR A 1 106 ? 13.346  2.290   12.737  1.00 52.64  ? 112 TYR A CA  1 
ATOM   750  C  C   . TYR A 1 106 ? 13.376  1.483   14.048  1.00 48.90  ? 112 TYR A C   1 
ATOM   751  O  O   . TYR A 1 106 ? 14.431  1.353   14.647  1.00 57.60  ? 112 TYR A O   1 
ATOM   752  C  CB  . TYR A 1 106 ? 13.361  3.785   13.078  1.00 53.40  ? 112 TYR A CB  1 
ATOM   753  C  CG  . TYR A 1 106 ? 13.596  4.715   11.900  1.00 46.53  ? 112 TYR A CG  1 
ATOM   754  C  CD1 . TYR A 1 106 ? 14.842  4.840   11.311  1.00 43.20  ? 112 TYR A CD1 1 
ATOM   755  C  CD2 . TYR A 1 106 ? 12.582  5.500   11.426  1.00 46.07  ? 112 TYR A CD2 1 
ATOM   756  C  CE1 . TYR A 1 106 ? 15.039  5.677   10.241  1.00 40.00  ? 112 TYR A CE1 1 
ATOM   757  C  CE2 . TYR A 1 106 ? 12.780  6.355   10.367  1.00 45.62  ? 112 TYR A CE2 1 
ATOM   758  C  CZ  . TYR A 1 106 ? 13.996  6.434   9.776   1.00 42.25  ? 112 TYR A CZ  1 
ATOM   759  O  OH  . TYR A 1 106 ? 14.110  7.329   8.706   1.00 47.16  ? 112 TYR A OH  1 
ATOM   760  N  N   . LYS A 1 107 ? 12.253  0.950   14.503  1.00 50.57  ? 113 LYS A N   1 
ATOM   761  C  CA  . LYS A 1 107 ? 12.273  0.075   15.687  1.00 54.07  ? 113 LYS A CA  1 
ATOM   762  C  C   . LYS A 1 107 ? 12.881  -1.289  15.393  1.00 55.67  ? 113 LYS A C   1 
ATOM   763  O  O   . LYS A 1 107 ? 13.753  -1.735  16.091  1.00 58.93  ? 113 LYS A O   1 
ATOM   764  C  CB  . LYS A 1 107 ? 10.878  -0.101  16.278  1.00 57.57  ? 113 LYS A CB  1 
ATOM   765  C  CG  . LYS A 1 107 ? 10.783  -1.107  17.427  1.00 58.41  ? 113 LYS A CG  1 
ATOM   766  C  CD  . LYS A 1 107 ? 9.474   -0.903  18.176  1.00 62.66  ? 113 LYS A CD  1 
ATOM   767  C  CE  . LYS A 1 107 ? 8.991   -2.185  18.841  1.00 70.35  ? 113 LYS A CE  1 
ATOM   768  N  NZ  . LYS A 1 107 ? 7.523   -2.130  19.113  1.00 73.11  ? 113 LYS A NZ  1 
ATOM   769  N  N   . GLU A 1 108 ? 12.406  -1.951  14.354  1.00 58.18  ? 114 GLU A N   1 
ATOM   770  C  CA  . GLU A 1 108 ? 12.898  -3.279  13.992  1.00 55.79  ? 114 GLU A CA  1 
ATOM   771  C  C   . GLU A 1 108 ? 14.022  -3.227  12.974  1.00 50.27  ? 114 GLU A C   1 
ATOM   772  O  O   . GLU A 1 108 ? 14.535  -4.256  12.576  1.00 51.37  ? 114 GLU A O   1 
ATOM   773  C  CB  . GLU A 1 108 ? 11.739  -4.098  13.429  1.00 56.97  ? 114 GLU A CB  1 
ATOM   774  C  CG  . GLU A 1 108 ? 10.558  -4.198  14.375  1.00 58.76  ? 114 GLU A CG  1 
ATOM   775  C  CD  . GLU A 1 108 ? 10.897  -4.926  15.658  1.00 70.02  ? 114 GLU A CD  1 
ATOM   776  O  OE1 . GLU A 1 108 ? 11.854  -5.743  15.653  1.00 74.72  ? 114 GLU A OE1 1 
ATOM   777  O  OE2 . GLU A 1 108 ? 10.207  -4.683  16.678  1.00 80.77  ? 114 GLU A OE2 1 
ATOM   778  N  N   . ASN A 1 109 ? 14.357  -2.026  12.509  1.00 55.29  ? 115 ASN A N   1 
ATOM   779  C  CA  . ASN A 1 109 ? 15.455  -1.804  11.590  1.00 54.31  ? 115 ASN A CA  1 
ATOM   780  C  C   . ASN A 1 109 ? 15.338  -2.683  10.373  1.00 51.27  ? 115 ASN A C   1 
ATOM   781  O  O   . ASN A 1 109 ? 16.162  -3.555  10.139  1.00 52.43  ? 115 ASN A O   1 
ATOM   782  C  CB  . ASN A 1 109 ? 16.768  -1.939  12.340  1.00 57.75  ? 115 ASN A CB  1 
ATOM   783  C  CG  . ASN A 1 109 ? 16.875  -0.894  13.439  1.00 63.75  ? 115 ASN A CG  1 
ATOM   784  O  OD1 . ASN A 1 109 ? 17.143  0.287   13.168  1.00 69.14  ? 115 ASN A OD1 1 
ATOM   785  N  ND2 . ASN A 1 109 ? 16.599  -1.302  14.671  1.00 62.33  ? 115 ASN A ND2 1 
ATOM   786  N  N   . ARG A 1 110 ? 14.275  -2.432  9.616   1.00 44.74  ? 116 ARG A N   1 
ATOM   787  C  CA  . ARG A 1 110 ? 13.924  -3.221  8.416   1.00 44.89  ? 116 ARG A CA  1 
ATOM   788  C  C   . ARG A 1 110 ? 12.939  -2.483  7.588   1.00 38.79  ? 116 ARG A C   1 
ATOM   789  O  O   . ARG A 1 110 ? 12.018  -1.883  8.126   1.00 38.21  ? 116 ARG A O   1 
ATOM   790  C  CB  . ARG A 1 110 ? 13.280  -4.593  8.734   1.00 40.73  ? 116 ARG A CB  1 
ATOM   791  C  CG  . ARG A 1 110 ? 11.868  -4.578  9.341   1.00 42.14  ? 116 ARG A CG  1 
ATOM   792  C  CD  . ARG A 1 110 ? 11.636  -5.825  10.176  1.00 39.91  ? 116 ARG A CD  1 
ATOM   793  N  NE  . ARG A 1 110 ? 10.323  -5.853  10.787  1.00 44.37  ? 116 ARG A NE  1 
ATOM   794  C  CZ  . ARG A 1 110 ? 9.935   -6.710  11.748  1.00 46.08  ? 116 ARG A CZ  1 
ATOM   795  N  NH1 . ARG A 1 110 ? 10.755  -7.624  12.232  1.00 51.15  ? 116 ARG A NH1 1 
ATOM   796  N  NH2 . ARG A 1 110 ? 8.712   -6.644  12.248  1.00 45.64  ? 116 ARG A NH2 1 
ATOM   797  N  N   . PHE A 1 111 ? 13.133  -2.573  6.289   1.00 40.12  ? 117 PHE A N   1 
ATOM   798  C  CA  . PHE A 1 111 ? 12.121  -2.205  5.301   1.00 41.40  ? 117 PHE A CA  1 
ATOM   799  C  C   . PHE A 1 111 ? 10.890  -3.064  5.376   1.00 42.57  ? 117 PHE A C   1 
ATOM   800  O  O   . PHE A 1 111 ? 10.936  -4.213  5.849   1.00 41.68  ? 117 PHE A O   1 
ATOM   801  C  CB  . PHE A 1 111 ? 12.691  -2.258  3.913   1.00 40.11  ? 117 PHE A CB  1 
ATOM   802  C  CG  . PHE A 1 111 ? 13.784  -1.270  3.723   1.00 41.58  ? 117 PHE A CG  1 
ATOM   803  C  CD1 . PHE A 1 111 ? 13.485  0.071   3.538   1.00 42.01  ? 117 PHE A CD1 1 
ATOM   804  C  CD2 . PHE A 1 111 ? 15.106  -1.653  3.827   1.00 40.05  ? 117 PHE A CD2 1 
ATOM   805  C  CE1 . PHE A 1 111 ? 14.501  1.008   3.393   1.00 46.14  ? 117 PHE A CE1 1 
ATOM   806  C  CE2 . PHE A 1 111 ? 16.121  -0.734  3.674   1.00 42.12  ? 117 PHE A CE2 1 
ATOM   807  C  CZ  . PHE A 1 111 ? 15.821  0.608   3.456   1.00 44.39  ? 117 PHE A CZ  1 
ATOM   808  N  N   . ILE A 1 112 ? 9.780   -2.459  4.954   1.00 42.13  ? 118 ILE A N   1 
ATOM   809  C  CA  . ILE A 1 112 ? 8.485   -3.138  4.873   1.00 41.80  ? 118 ILE A CA  1 
ATOM   810  C  C   . ILE A 1 112 ? 7.933   -2.961  3.475   1.00 38.08  ? 118 ILE A C   1 
ATOM   811  O  O   . ILE A 1 112 ? 7.945   -1.856  2.919   1.00 35.30  ? 118 ILE A O   1 
ATOM   812  C  CB  . ILE A 1 112 ? 7.460   -2.569  5.904   1.00 41.89  ? 118 ILE A CB  1 
ATOM   813  C  CG1 . ILE A 1 112 ? 7.967   -2.767  7.329   1.00 43.72  ? 118 ILE A CG1 1 
ATOM   814  C  CG2 . ILE A 1 112 ? 6.078   -3.161  5.725   1.00 38.64  ? 118 ILE A CG2 1 
ATOM   815  C  CD1 . ILE A 1 112 ? 7.313   -1.815  8.309   1.00 49.34  ? 118 ILE A CD1 1 
ATOM   816  N  N   . GLU A 1 113 ? 7.433   -4.055  2.924   1.00 38.48  ? 119 GLU A N   1 
ATOM   817  C  CA  . GLU A 1 113 ? 6.622   -4.014  1.726   1.00 36.43  ? 119 GLU A CA  1 
ATOM   818  C  C   . GLU A 1 113 ? 5.202   -4.265  2.168   1.00 36.14  ? 119 GLU A C   1 
ATOM   819  O  O   . GLU A 1 113 ? 4.932   -5.253  2.823   1.00 33.27  ? 119 GLU A O   1 
ATOM   820  C  CB  . GLU A 1 113 ? 7.035   -5.108  0.745   1.00 35.71  ? 119 GLU A CB  1 
ATOM   821  C  CG  . GLU A 1 113 ? 6.093   -5.231  -0.435  1.00 34.41  ? 119 GLU A CG  1 
ATOM   822  C  CD  . GLU A 1 113 ? 5.911   -3.953  -1.184  1.00 35.32  ? 119 GLU A CD  1 
ATOM   823  O  OE1 . GLU A 1 113 ? 6.862   -3.158  -1.224  1.00 37.37  ? 119 GLU A OE1 1 
ATOM   824  O  OE2 . GLU A 1 113 ? 4.808   -3.728  -1.718  1.00 35.79  ? 119 GLU A OE2 1 
ATOM   825  N  N   . ILE A 1 114 ? 4.304   -3.364  1.807   1.00 35.37  ? 120 ILE A N   1 
ATOM   826  C  CA  . ILE A 1 114 ? 2.915   -3.486  2.158   1.00 35.89  ? 120 ILE A CA  1 
ATOM   827  C  C   . ILE A 1 114 ? 2.137   -4.033  0.969   1.00 32.13  ? 120 ILE A C   1 
ATOM   828  O  O   . ILE A 1 114 ? 2.269   -3.514  -0.132  1.00 30.46  ? 120 ILE A O   1 
ATOM   829  C  CB  . ILE A 1 114 ? 2.311   -2.107  2.505   1.00 40.66  ? 120 ILE A CB  1 
ATOM   830  C  CG1 . ILE A 1 114 ? 3.056   -1.448  3.669   1.00 42.13  ? 120 ILE A CG1 1 
ATOM   831  C  CG2 . ILE A 1 114 ? 0.818   -2.242  2.786   1.00 38.38  ? 120 ILE A CG2 1 
ATOM   832  C  CD1 . ILE A 1 114 ? 2.861   -2.142  4.992   1.00 46.55  ? 120 ILE A CD1 1 
ATOM   833  N  N   . GLY A 1 115 ? 1.308   -5.045  1.199   1.00 29.33  ? 121 GLY A N   1 
ATOM   834  C  CA  . GLY A 1 115 ? 0.452   -5.573  0.129   1.00 29.91  ? 121 GLY A CA  1 
ATOM   835  C  C   . GLY A 1 115 ? -1.005  -5.426  0.498   1.00 30.67  ? 121 GLY A C   1 
ATOM   836  O  O   . GLY A 1 115 ? -1.384  -5.605  1.644   1.00 33.85  ? 121 GLY A O   1 
ATOM   837  N  N   . VAL A 1 116 ? -1.821  -5.034  -0.458  1.00 31.66  ? 122 VAL A N   1 
ATOM   838  C  CA  . VAL A 1 116 ? -3.262  -5.045  -0.286  1.00 34.89  ? 122 VAL A CA  1 
ATOM   839  C  C   . VAL A 1 116 ? -3.846  -5.848  -1.413  1.00 33.59  ? 122 VAL A C   1 
ATOM   840  O  O   . VAL A 1 116 ? -3.600  -5.552  -2.570  1.00 34.13  ? 122 VAL A O   1 
ATOM   841  C  CB  . VAL A 1 116 ? -3.882  -3.625  -0.263  1.00 34.43  ? 122 VAL A CB  1 
ATOM   842  C  CG1 . VAL A 1 116 ? -5.378  -3.712  0.035   1.00 33.33  ? 122 VAL A CG1 1 
ATOM   843  C  CG2 . VAL A 1 116 ? -3.174  -2.800  0.804   1.00 38.45  ? 122 VAL A CG2 1 
ATOM   844  N  N   . THR A 1 117 ? -4.614  -6.861  -1.054  1.00 37.42  ? 123 THR A N   1 
ATOM   845  C  CA  . THR A 1 117 ? -5.132  -7.817  -2.010  1.00 38.07  ? 123 THR A CA  1 
ATOM   846  C  C   . THR A 1 117 ? -6.630  -8.038  -1.889  1.00 38.15  ? 123 THR A C   1 
ATOM   847  O  O   . THR A 1 117 ? -7.189  -8.103  -0.801  1.00 38.48  ? 123 THR A O   1 
ATOM   848  C  CB  . THR A 1 117 ? -4.419  -9.210  -1.920  1.00 39.54  ? 123 THR A CB  1 
ATOM   849  O  OG1 . THR A 1 117 ? -4.903  -10.092 -2.970  1.00 39.47  ? 123 THR A OG1 1 
ATOM   850  C  CG2 . THR A 1 117 ? -4.608  -9.878  -0.505  1.00 40.21  ? 123 THR A CG2 1 
ATOM   851  N  N   . ARG A 1 118 ? -7.228  -8.227  -3.058  1.00 40.11  ? 124 ARG A N   1 
ATOM   852  C  CA  . ARG A 1 118 ? -8.565  -8.770  -3.212  1.00 41.92  ? 124 ARG A CA  1 
ATOM   853  C  C   . ARG A 1 118 ? -8.635  -10.292 -3.232  1.00 39.57  ? 124 ARG A C   1 
ATOM   854  O  O   . ARG A 1 118 ? -9.720  -10.819 -3.205  1.00 44.25  ? 124 ARG A O   1 
ATOM   855  C  CB  . ARG A 1 118 ? -9.148  -8.264  -4.522  1.00 40.54  ? 124 ARG A CB  1 
ATOM   856  C  CG  . ARG A 1 118 ? -9.426  -6.793  -4.487  1.00 43.20  ? 124 ARG A CG  1 
ATOM   857  C  CD  . ARG A 1 118 ? -9.192  -6.200  -5.847  1.00 44.11  ? 124 ARG A CD  1 
ATOM   858  N  NE  . ARG A 1 118 ? -7.855  -5.674  -5.952  1.00 44.16  ? 124 ARG A NE  1 
ATOM   859  C  CZ  . ARG A 1 118 ? -7.397  -5.056  -7.024  1.00 40.01  ? 124 ARG A CZ  1 
ATOM   860  N  NH1 . ARG A 1 118 ? -8.166  -4.922  -8.100  1.00 45.55  ? 124 ARG A NH1 1 
ATOM   861  N  NH2 . ARG A 1 118 ? -6.163  -4.602  -7.028  1.00 37.43  ? 124 ARG A NH2 1 
ATOM   862  N  N   . ARG A 1 119 ? -7.501  -10.977 -3.319  1.00 43.11  ? 125 ARG A N   1 
ATOM   863  C  CA  . ARG A 1 119 ? -7.438  -12.449 -3.328  1.00 42.18  ? 125 ARG A CA  1 
ATOM   864  C  C   . ARG A 1 119 ? -7.033  -12.958 -1.948  1.00 49.34  ? 125 ARG A C   1 
ATOM   865  O  O   . ARG A 1 119 ? -6.878  -12.168 -1.032  1.00 53.00  ? 125 ARG A O   1 
ATOM   866  C  CB  . ARG A 1 119 ? -6.401  -12.861 -4.325  1.00 42.44  ? 125 ARG A CB  1 
ATOM   867  C  CG  . ARG A 1 119 ? -6.864  -12.679 -5.755  1.00 47.47  ? 125 ARG A CG  1 
ATOM   868  C  CD  . ARG A 1 119 ? -5.711  -12.946 -6.709  1.00 50.40  ? 125 ARG A CD  1 
ATOM   869  N  NE  . ARG A 1 119 ? -4.650  -11.956 -6.551  1.00 48.21  ? 125 ARG A NE  1 
ATOM   870  C  CZ  . ARG A 1 119 ? -3.357  -12.161 -6.809  1.00 50.62  ? 125 ARG A CZ  1 
ATOM   871  N  NH1 . ARG A 1 119 ? -2.898  -13.345 -7.237  1.00 50.79  ? 125 ARG A NH1 1 
ATOM   872  N  NH2 . ARG A 1 119 ? -2.497  -11.172 -6.605  1.00 49.08  ? 125 ARG A NH2 1 
ATOM   873  N  N   . GLU A 1 120 ? -6.847  -14.263 -1.805  1.00 56.65  ? 126 GLU A N   1 
ATOM   874  C  CA  . GLU A 1 120 ? -6.338  -14.861 -0.559  1.00 58.52  ? 126 GLU A CA  1 
ATOM   875  C  C   . GLU A 1 120 ? -5.018  -14.223 -0.145  1.00 51.66  ? 126 GLU A C   1 
ATOM   876  O  O   . GLU A 1 120 ? -4.128  -14.014 -0.979  1.00 48.64  ? 126 GLU A O   1 
ATOM   877  C  CB  . GLU A 1 120 ? -6.123  -16.381 -0.723  1.00 65.40  ? 126 GLU A CB  1 
ATOM   878  C  CG  . GLU A 1 120 ? -7.394  -17.219 -0.903  1.00 73.69  ? 126 GLU A CG  1 
ATOM   879  C  CD  . GLU A 1 120 ? -8.277  -17.317 0.351   1.00 82.83  ? 126 GLU A CD  1 
ATOM   880  O  OE1 . GLU A 1 120 ? -7.769  -17.321 1.504   1.00 87.32  ? 126 GLU A OE1 1 
ATOM   881  O  OE2 . GLU A 1 120 ? -9.510  -17.422 0.184   1.00 84.79  ? 126 GLU A OE2 1 
ATOM   882  N  N   . VAL A 1 121 ? -4.884  -13.912 1.144   1.00 45.39  ? 127 VAL A N   1 
ATOM   883  C  CA  . VAL A 1 121 ? -3.664  -13.252 1.616   1.00 44.14  ? 127 VAL A CA  1 
ATOM   884  C  C   . VAL A 1 121 ? -2.388  -14.051 1.450   1.00 44.15  ? 127 VAL A C   1 
ATOM   885  O  O   . VAL A 1 121 ? -1.340  -13.461 1.214   1.00 40.40  ? 127 VAL A O   1 
ATOM   886  C  CB  . VAL A 1 121 ? -3.744  -12.772 3.092   1.00 45.07  ? 127 VAL A CB  1 
ATOM   887  C  CG1 . VAL A 1 121 ? -4.808  -11.684 3.242   1.00 45.89  ? 127 VAL A CG1 1 
ATOM   888  C  CG2 . VAL A 1 121 ? -3.965  -13.923 4.066   1.00 41.48  ? 127 VAL A CG2 1 
ATOM   889  N  N   . HIS A 1 122 ? -2.446  -15.372 1.633   1.00 49.30  ? 128 HIS A N   1 
ATOM   890  C  CA  . HIS A 1 122 ? -1.245  -16.226 1.429   1.00 52.03  ? 128 HIS A CA  1 
ATOM   891  C  C   . HIS A 1 122 ? -0.796  -16.169 -0.029  1.00 46.25  ? 128 HIS A C   1 
ATOM   892  O  O   . HIS A 1 122 ? 0.386   -16.144 -0.328  1.00 42.50  ? 128 HIS A O   1 
ATOM   893  C  CB  . HIS A 1 122 ? -1.449  -17.702 1.901   1.00 58.29  ? 128 HIS A CB  1 
ATOM   894  C  CG  . HIS A 1 122 ? -2.390  -18.494 1.045   1.00 62.62  ? 128 HIS A CG  1 
ATOM   895  N  ND1 . HIS A 1 122 ? -3.721  -18.663 1.360   1.00 69.46  ? 128 HIS A ND1 1 
ATOM   896  C  CD2 . HIS A 1 122 ? -2.202  -19.131 -0.135  1.00 69.65  ? 128 HIS A CD2 1 
ATOM   897  C  CE1 . HIS A 1 122 ? -4.314  -19.373 0.417   1.00 67.45  ? 128 HIS A CE1 1 
ATOM   898  N  NE2 . HIS A 1 122 ? -3.416  -19.661 -0.507  1.00 77.11  ? 128 HIS A NE2 1 
ATOM   899  N  N   . ILE A 1 123 ? -1.766  -16.127 -0.925  1.00 47.58  ? 129 ILE A N   1 
ATOM   900  C  CA  . ILE A 1 123 ? -1.469  -16.078 -2.342  1.00 50.49  ? 129 ILE A CA  1 
ATOM   901  C  C   . ILE A 1 123 ? -0.685  -14.823 -2.624  1.00 49.54  ? 129 ILE A C   1 
ATOM   902  O  O   . ILE A 1 123 ? 0.403   -14.903 -3.261  1.00 47.28  ? 129 ILE A O   1 
ATOM   903  C  CB  . ILE A 1 123 ? -2.762  -16.166 -3.181  1.00 52.53  ? 129 ILE A CB  1 
ATOM   904  C  CG1 . ILE A 1 123 ? -3.311  -17.609 -3.082  1.00 58.54  ? 129 ILE A CG1 1 
ATOM   905  C  CG2 . ILE A 1 123 ? -2.522  -15.678 -4.609  1.00 54.12  ? 129 ILE A CG2 1 
ATOM   906  C  CD1 . ILE A 1 123 ? -4.460  -17.931 -4.017  1.00 61.45  ? 129 ILE A CD1 1 
ATOM   907  N  N   . TYR A 1 124 ? -1.207  -13.682 -2.136  1.00 44.54  ? 130 TYR A N   1 
ATOM   908  C  CA  . TYR A 1 124 ? -0.520  -12.407 -2.382  1.00 44.71  ? 130 TYR A CA  1 
ATOM   909  C  C   . TYR A 1 124 ? 0.820   -12.346 -1.658  1.00 39.77  ? 130 TYR A C   1 
ATOM   910  O  O   . TYR A 1 124 ? 1.809   -11.886 -2.226  1.00 35.18  ? 130 TYR A O   1 
ATOM   911  C  CB  . TYR A 1 124 ? -1.398  -11.181 -2.089  1.00 46.60  ? 130 TYR A CB  1 
ATOM   912  C  CG  . TYR A 1 124 ? -0.902  -9.915  -2.762  1.00 44.58  ? 130 TYR A CG  1 
ATOM   913  C  CD1 . TYR A 1 124 ? -0.633  -9.876  -4.138  1.00 47.04  ? 130 TYR A CD1 1 
ATOM   914  C  CD2 . TYR A 1 124 ? -0.703  -8.755  -2.040  1.00 42.94  ? 130 TYR A CD2 1 
ATOM   915  C  CE1 . TYR A 1 124 ? -0.152  -8.728  -4.752  1.00 46.75  ? 130 TYR A CE1 1 
ATOM   916  C  CE2 . TYR A 1 124 ? -0.264  -7.592  -2.663  1.00 46.19  ? 130 TYR A CE2 1 
ATOM   917  C  CZ  . TYR A 1 124 ? 0.022   -7.580  -3.999  1.00 45.31  ? 130 TYR A CZ  1 
ATOM   918  O  OH  . TYR A 1 124 ? 0.474   -6.412  -4.565  1.00 48.02  ? 130 TYR A OH  1 
ATOM   919  N  N   . TYR A 1 125 ? 0.863   -12.883 -0.447  1.00 38.49  ? 131 TYR A N   1 
ATOM   920  C  CA  . TYR A 1 125 ? 2.089   -12.930 0.296   1.00 43.93  ? 131 TYR A CA  1 
ATOM   921  C  C   . TYR A 1 125 ? 3.174   -13.636 -0.512  1.00 46.50  ? 131 TYR A C   1 
ATOM   922  O  O   . TYR A 1 125 ? 4.316   -13.153 -0.573  1.00 44.35  ? 131 TYR A O   1 
ATOM   923  C  CB  . TYR A 1 125 ? 1.907   -13.638 1.652   1.00 47.64  ? 131 TYR A CB  1 
ATOM   924  C  CG  . TYR A 1 125 ? 3.193   -13.643 2.444   1.00 49.43  ? 131 TYR A CG  1 
ATOM   925  C  CD1 . TYR A 1 125 ? 4.177   -14.616 2.215   1.00 53.36  ? 131 TYR A CD1 1 
ATOM   926  C  CD2 . TYR A 1 125 ? 3.468   -12.651 3.370   1.00 47.86  ? 131 TYR A CD2 1 
ATOM   927  C  CE1 . TYR A 1 125 ? 5.389   -14.612 2.911   1.00 47.69  ? 131 TYR A CE1 1 
ATOM   928  C  CE2 . TYR A 1 125 ? 4.682   -12.634 4.061   1.00 53.18  ? 131 TYR A CE2 1 
ATOM   929  C  CZ  . TYR A 1 125 ? 5.628   -13.637 3.819   1.00 53.65  ? 131 TYR A CZ  1 
ATOM   930  O  OH  . TYR A 1 125 ? 6.821   -13.658 4.480   1.00 65.57  ? 131 TYR A OH  1 
ATOM   931  N  N   . LEU A 1 126 ? 2.837   -14.790 -1.104  1.00 46.38  ? 132 LEU A N   1 
ATOM   932  C  CA  . LEU A 1 126 ? 3.820   -15.522 -1.927  1.00 47.37  ? 132 LEU A CA  1 
ATOM   933  C  C   . LEU A 1 126 ? 4.277   -14.719 -3.128  1.00 43.92  ? 132 LEU A C   1 
ATOM   934  O  O   . LEU A 1 126 ? 5.451   -14.736 -3.440  1.00 47.38  ? 132 LEU A O   1 
ATOM   935  C  CB  . LEU A 1 126 ? 3.284   -16.888 -2.401  1.00 47.83  ? 132 LEU A CB  1 
ATOM   936  C  CG  . LEU A 1 126 ? 3.202   -17.851 -1.227  1.00 49.52  ? 132 LEU A CG  1 
ATOM   937  C  CD1 . LEU A 1 126 ? 2.326   -19.022 -1.600  1.00 51.49  ? 132 LEU A CD1 1 
ATOM   938  C  CD2 . LEU A 1 126 ? 4.581   -18.267 -0.731  1.00 50.02  ? 132 LEU A CD2 1 
ATOM   939  N  N   . GLU A 1 127 ? 3.367   -14.020 -3.793  1.00 42.50  ? 133 GLU A N   1 
ATOM   940  C  CA  . GLU A 1 127 ? 3.768   -13.218 -4.919  1.00 44.93  ? 133 GLU A CA  1 
ATOM   941  C  C   . GLU A 1 127 ? 4.783   -12.177 -4.528  1.00 44.89  ? 133 GLU A C   1 
ATOM   942  O  O   . GLU A 1 127 ? 5.785   -11.993 -5.206  1.00 47.40  ? 133 GLU A O   1 
ATOM   943  C  CB  . GLU A 1 127 ? 2.586   -12.546 -5.561  1.00 47.57  ? 133 GLU A CB  1 
ATOM   944  C  CG  . GLU A 1 127 ? 1.710   -13.511 -6.334  1.00 52.55  ? 133 GLU A CG  1 
ATOM   945  C  CD  . GLU A 1 127 ? 0.727   -12.800 -7.250  1.00 59.88  ? 133 GLU A CD  1 
ATOM   946  O  OE1 . GLU A 1 127 ? 0.684   -11.551 -7.261  1.00 63.90  ? 133 GLU A OE1 1 
ATOM   947  O  OE2 . GLU A 1 127 ? 0.003   -13.486 -7.989  1.00 62.20  ? 133 GLU A OE2 1 
ATOM   948  N  N   . LYS A 1 128 ? 4.539   -11.508 -3.411  1.00 46.21  ? 134 LYS A N   1 
ATOM   949  C  CA  . LYS A 1 128 ? 5.476   -10.493 -2.924  1.00 46.01  ? 134 LYS A CA  1 
ATOM   950  C  C   . LYS A 1 128 ? 6.798   -11.083 -2.508  1.00 46.17  ? 134 LYS A C   1 
ATOM   951  O  O   . LYS A 1 128 ? 7.843   -10.534 -2.832  1.00 45.38  ? 134 LYS A O   1 
ATOM   952  C  CB  . LYS A 1 128 ? 4.874   -9.711  -1.744  1.00 48.97  ? 134 LYS A CB  1 
ATOM   953  C  CG  . LYS A 1 128 ? 3.810   -8.721  -2.171  1.00 49.32  ? 134 LYS A CG  1 
ATOM   954  C  CD  . LYS A 1 128 ? 4.452   -7.522  -2.805  1.00 45.78  ? 134 LYS A CD  1 
ATOM   955  C  CE  . LYS A 1 128 ? 3.503   -6.349  -2.922  1.00 46.96  ? 134 LYS A CE  1 
ATOM   956  N  NZ  . LYS A 1 128 ? 4.160   -5.252  -3.703  1.00 52.08  ? 134 LYS A NZ  1 
ATOM   957  N  N   . ALA A 1 129 ? 6.742   -12.191 -1.759  1.00 53.75  ? 135 ALA A N   1 
ATOM   958  C  CA  . ALA A 1 129 ? 7.943   -12.875 -1.292  1.00 51.20  ? 135 ALA A CA  1 
ATOM   959  C  C   . ALA A 1 129 ? 8.711   -13.400 -2.482  1.00 51.96  ? 135 ALA A C   1 
ATOM   960  O  O   . ALA A 1 129 ? 9.921   -13.246 -2.523  1.00 58.34  ? 135 ALA A O   1 
ATOM   961  C  CB  . ALA A 1 129 ? 7.613   -13.985 -0.284  1.00 50.98  ? 135 ALA A CB  1 
ATOM   962  N  N   . ASN A 1 130 ? 8.017   -13.928 -3.491  1.00 53.92  ? 136 ASN A N   1 
ATOM   963  C  CA  . ASN A 1 130 ? 8.709   -14.373 -4.692  1.00 52.23  ? 136 ASN A CA  1 
ATOM   964  C  C   . ASN A 1 130 ? 9.365   -13.198 -5.350  1.00 53.16  ? 136 ASN A C   1 
ATOM   965  O  O   . ASN A 1 130 ? 10.528  -13.294 -5.718  1.00 57.22  ? 136 ASN A O   1 
ATOM   966  C  CB  . ASN A 1 130 ? 7.808   -15.090 -5.709  1.00 56.51  ? 136 ASN A CB  1 
ATOM   967  C  CG  . ASN A 1 130 ? 8.606   -15.686 -6.878  1.00 57.02  ? 136 ASN A CG  1 
ATOM   968  O  OD1 . ASN A 1 130 ? 9.753   -16.095 -6.728  1.00 58.97  ? 136 ASN A OD1 1 
ATOM   969  N  ND2 . ASN A 1 130 ? 8.007   -15.721 -8.037  1.00 60.43  ? 136 ASN A ND2 1 
ATOM   970  N  N   . LYS A 1 131 ? 8.660   -12.074 -5.463  1.00 55.77  ? 137 LYS A N   1 
ATOM   971  C  CA  . LYS A 1 131 ? 9.268   -10.899 -6.108  1.00 59.63  ? 137 LYS A CA  1 
ATOM   972  C  C   . LYS A 1 131 ? 10.486  -10.361 -5.358  1.00 55.90  ? 137 LYS A C   1 
ATOM   973  O  O   . LYS A 1 131 ? 11.359  -9.824  -5.989  1.00 50.49  ? 137 LYS A O   1 
ATOM   974  C  CB  . LYS A 1 131 ? 8.268   -9.770  -6.393  1.00 62.10  ? 137 LYS A CB  1 
ATOM   975  C  CG  . LYS A 1 131 ? 8.860   -8.723  -7.336  1.00 69.89  ? 137 LYS A CG  1 
ATOM   976  C  CD  . LYS A 1 131 ? 7.848   -7.718  -7.869  1.00 80.19  ? 137 LYS A CD  1 
ATOM   977  C  CE  . LYS A 1 131 ? 7.030   -8.255  -9.035  1.00 84.87  ? 137 LYS A CE  1 
ATOM   978  N  NZ  . LYS A 1 131 ? 6.334   -7.138  -9.749  1.00 88.30  ? 137 LYS A NZ  1 
ATOM   979  N  N   . ILE A 1 132 ? 10.556  -10.577 -4.046  1.00 56.28  ? 138 ILE A N   1 
ATOM   980  C  CA  . ILE A 1 132 ? 11.622  -10.063 -3.181  1.00 60.45  ? 138 ILE A CA  1 
ATOM   981  C  C   . ILE A 1 132 ? 12.704  -11.118 -2.913  1.00 59.81  ? 138 ILE A C   1 
ATOM   982  O  O   . ILE A 1 132 ? 13.735  -10.819 -2.301  1.00 52.72  ? 138 ILE A O   1 
ATOM   983  C  CB  . ILE A 1 132 ? 10.959  -9.585  -1.853  1.00 69.63  ? 138 ILE A CB  1 
ATOM   984  C  CG1 . ILE A 1 132 ? 10.097  -8.351  -2.121  1.00 69.02  ? 138 ILE A CG1 1 
ATOM   985  C  CG2 . ILE A 1 132 ? 11.959  -9.282  -0.738  1.00 77.42  ? 138 ILE A CG2 1 
ATOM   986  C  CD1 . ILE A 1 132 ? 9.054   -8.114  -1.055  1.00 72.02  ? 138 ILE A CD1 1 
ATOM   987  N  N   . GLU A 1 135 ? 15.701  -8.846  -0.414  1.00 79.28  ? 141 GLU A N   1 
ATOM   988  C  CA  . GLU A 1 135 ? 15.420  -10.132 0.217   1.00 80.47  ? 141 GLU A CA  1 
ATOM   989  C  C   . GLU A 1 135 ? 15.404  -10.092 1.748   1.00 76.00  ? 141 GLU A C   1 
ATOM   990  O  O   . GLU A 1 135 ? 15.089  -11.104 2.369   1.00 76.04  ? 141 GLU A O   1 
ATOM   991  C  CB  . GLU A 1 135 ? 16.412  -11.204 -0.256  1.00 84.03  ? 141 GLU A CB  1 
ATOM   992  C  CG  . GLU A 1 135 ? 16.794  -11.115 -1.735  1.00 90.06  ? 141 GLU A CG  1 
ATOM   993  C  CD  . GLU A 1 135 ? 17.247  -12.436 -2.356  1.00 92.97  ? 141 GLU A CD  1 
ATOM   994  O  OE1 . GLU A 1 135 ? 17.502  -12.451 -3.586  1.00 85.12  ? 141 GLU A OE1 1 
ATOM   995  O  OE2 . GLU A 1 135 ? 17.366  -13.450 -1.629  1.00 86.53  ? 141 GLU A OE2 1 
ATOM   996  N  N   . LYS A 1 136 ? 15.758  -8.949  2.349   1.00 75.30  ? 142 LYS A N   1 
ATOM   997  C  CA  . LYS A 1 136 ? 15.689  -8.752  3.824   1.00 77.29  ? 142 LYS A CA  1 
ATOM   998  C  C   . LYS A 1 136 ? 14.396  -8.046  4.244   1.00 63.41  ? 142 LYS A C   1 
ATOM   999  O  O   . LYS A 1 136 ? 14.178  -7.816  5.426   1.00 58.62  ? 142 LYS A O   1 
ATOM   1000 C  CB  . LYS A 1 136 ? 16.891  -7.915  4.334   1.00 82.29  ? 142 LYS A CB  1 
ATOM   1001 C  CG  . LYS A 1 136 ? 18.270  -8.534  4.109   1.00 87.18  ? 142 LYS A CG  1 
ATOM   1002 C  CD  . LYS A 1 136 ? 18.495  -9.760  4.995   1.00 91.65  ? 142 LYS A CD  1 
ATOM   1003 C  CE  . LYS A 1 136 ? 19.758  -10.526 4.621   1.00 90.78  ? 142 LYS A CE  1 
ATOM   1004 N  NZ  . LYS A 1 136 ? 20.977  -9.738  4.939   1.00 95.14  ? 142 LYS A NZ  1 
ATOM   1005 N  N   . THR A 1 137 ? 13.556  -7.721  3.263   1.00 55.64  ? 143 THR A N   1 
ATOM   1006 C  CA  . THR A 1 137 ? 12.365  -6.923  3.446   1.00 50.47  ? 143 THR A CA  1 
ATOM   1007 C  C   . THR A 1 137 ? 11.214  -7.655  4.138   1.00 51.76  ? 143 THR A C   1 
ATOM   1008 O  O   . THR A 1 137 ? 10.898  -8.787  3.814   1.00 48.15  ? 143 THR A O   1 
ATOM   1009 C  CB  . THR A 1 137 ? 11.898  -6.351  2.100   1.00 51.44  ? 143 THR A CB  1 
ATOM   1010 O  OG1 . THR A 1 137 ? 12.936  -5.520  1.564   1.00 55.83  ? 143 THR A OG1 1 
ATOM   1011 C  CG2 . THR A 1 137 ? 10.614  -5.519  2.233   1.00 49.29  ? 143 THR A CG2 1 
ATOM   1012 N  N   . HIS A 1 138 ? 10.590  -6.963  5.099   1.00 48.60  ? 144 HIS A N   1 
ATOM   1013 C  CA  . HIS A 1 138 ? 9.483   -7.492  5.837   1.00 42.92  ? 144 HIS A CA  1 
ATOM   1014 C  C   . HIS A 1 138 ? 8.225   -7.254  5.034   1.00 41.30  ? 144 HIS A C   1 
ATOM   1015 O  O   . HIS A 1 138 ? 8.055   -6.202  4.435   1.00 43.93  ? 144 HIS A O   1 
ATOM   1016 C  CB  . HIS A 1 138 ? 9.412   -6.828  7.197   1.00 47.61  ? 144 HIS A CB  1 
ATOM   1017 C  CG  . HIS A 1 138 ? 8.579   -7.569  8.181   1.00 45.27  ? 144 HIS A CG  1 
ATOM   1018 N  ND1 . HIS A 1 138 ? 9.101   -8.542  9.001   1.00 47.74  ? 144 HIS A ND1 1 
ATOM   1019 C  CD2 . HIS A 1 138 ? 7.259   -7.491  8.475   1.00 47.81  ? 144 HIS A CD2 1 
ATOM   1020 C  CE1 . HIS A 1 138 ? 8.138   -9.028  9.770   1.00 50.20  ? 144 HIS A CE1 1 
ATOM   1021 N  NE2 . HIS A 1 138 ? 7.006   -8.415  9.461   1.00 46.29  ? 144 HIS A NE2 1 
ATOM   1022 N  N   . ILE A 1 139 ? 7.344   -8.249  4.999   1.00 42.90  ? 145 ILE A N   1 
ATOM   1023 C  CA  . ILE A 1 139 ? 6.144   -8.186  4.174   1.00 39.39  ? 145 ILE A CA  1 
ATOM   1024 C  C   . ILE A 1 139 ? 4.916   -8.220  5.055   1.00 37.37  ? 145 ILE A C   1 
ATOM   1025 O  O   . ILE A 1 139 ? 4.862   -9.015  5.984   1.00 40.48  ? 145 ILE A O   1 
ATOM   1026 C  CB  . ILE A 1 139 ? 6.065   -9.325  3.169   1.00 37.91  ? 145 ILE A CB  1 
ATOM   1027 C  CG1 . ILE A 1 139 ? 7.240   -9.252  2.191   1.00 41.73  ? 145 ILE A CG1 1 
ATOM   1028 C  CG2 . ILE A 1 139 ? 4.761   -9.209  2.399   1.00 35.93  ? 145 ILE A CG2 1 
ATOM   1029 C  CD1 . ILE A 1 139 ? 7.309   -10.442 1.229   1.00 42.29  ? 145 ILE A CD1 1 
ATOM   1030 N  N   . HIS A 1 140 ? 3.949   -7.347  4.770   1.00 32.66  ? 146 HIS A N   1 
ATOM   1031 C  CA  . HIS A 1 140 ? 2.701   -7.315  5.510   1.00 33.84  ? 146 HIS A CA  1 
ATOM   1032 C  C   . HIS A 1 140 ? 1.636   -7.125  4.476   1.00 32.29  ? 146 HIS A C   1 
ATOM   1033 O  O   . HIS A 1 140 ? 1.651   -6.138  3.751   1.00 37.47  ? 146 HIS A O   1 
ATOM   1034 C  CB  . HIS A 1 140 ? 2.729   -6.167  6.549   1.00 35.38  ? 146 HIS A CB  1 
ATOM   1035 C  CG  . HIS A 1 140 ? 1.671   -6.275  7.612   1.00 35.45  ? 146 HIS A CG  1 
ATOM   1036 N  ND1 . HIS A 1 140 ? 1.833   -5.753  8.878   1.00 39.49  ? 146 HIS A ND1 1 
ATOM   1037 C  CD2 . HIS A 1 140 ? 0.438   -6.834  7.596   1.00 37.77  ? 146 HIS A CD2 1 
ATOM   1038 C  CE1 . HIS A 1 140 ? 0.743   -5.988  9.590   1.00 38.14  ? 146 HIS A CE1 1 
ATOM   1039 N  NE2 . HIS A 1 140 ? -0.109  -6.657  8.841   1.00 36.67  ? 146 HIS A NE2 1 
ATOM   1040 N  N   . ILE A 1 141 ? 0.733   -8.086  4.388   1.00 31.66  ? 147 ILE A N   1 
ATOM   1041 C  CA  . ILE A 1 141 ? -0.351  -8.143  3.391   1.00 30.80  ? 147 ILE A CA  1 
ATOM   1042 C  C   . ILE A 1 141 ? -1.640  -7.924  4.137   1.00 32.93  ? 147 ILE A C   1 
ATOM   1043 O  O   . ILE A 1 141 ? -1.843  -8.531  5.195   1.00 33.69  ? 147 ILE A O   1 
ATOM   1044 C  CB  . ILE A 1 141 ? -0.455  -9.585  2.764   1.00 35.57  ? 147 ILE A CB  1 
ATOM   1045 C  CG1 . ILE A 1 141 ? 0.859   -9.987  2.095   1.00 36.71  ? 147 ILE A CG1 1 
ATOM   1046 C  CG2 . ILE A 1 141 ? -1.646  -9.752  1.821   1.00 34.67  ? 147 ILE A CG2 1 
ATOM   1047 C  CD1 . ILE A 1 141 ? 1.407   -8.993  1.119   1.00 37.58  ? 147 ILE A CD1 1 
ATOM   1048 N  N   . PHE A 1 142 ? -2.523  -7.107  3.571   1.00 33.25  ? 148 PHE A N   1 
ATOM   1049 C  CA  . PHE A 1 142 ? -3.851  -6.888  4.090   1.00 34.80  ? 148 PHE A CA  1 
ATOM   1050 C  C   . PHE A 1 142 ? -4.832  -7.260  2.992   1.00 34.24  ? 148 PHE A C   1 
ATOM   1051 O  O   . PHE A 1 142 ? -4.542  -7.121  1.799   1.00 33.55  ? 148 PHE A O   1 
ATOM   1052 C  CB  . PHE A 1 142 ? -4.054  -5.401  4.406   1.00 35.89  ? 148 PHE A CB  1 
ATOM   1053 C  CG  . PHE A 1 142 ? -3.201  -4.898  5.526   1.00 36.14  ? 148 PHE A CG  1 
ATOM   1054 C  CD1 . PHE A 1 142 ? -3.656  -4.969  6.835   1.00 36.84  ? 148 PHE A CD1 1 
ATOM   1055 C  CD2 . PHE A 1 142 ? -1.976  -4.333  5.275   1.00 32.36  ? 148 PHE A CD2 1 
ATOM   1056 C  CE1 . PHE A 1 142 ? -2.882  -4.509  7.860   1.00 36.36  ? 148 PHE A CE1 1 
ATOM   1057 C  CE2 . PHE A 1 142 ? -1.204  -3.874  6.297   1.00 36.37  ? 148 PHE A CE2 1 
ATOM   1058 C  CZ  . PHE A 1 142 ? -1.647  -3.963  7.590   1.00 36.11  ? 148 PHE A CZ  1 
ATOM   1059 N  N   . SER A 1 143 ? -5.994  -7.736  3.378   1.00 35.00  ? 149 SER A N   1 
ATOM   1060 C  CA  . SER A 1 143 ? -7.028  -7.974  2.402   1.00 38.09  ? 149 SER A CA  1 
ATOM   1061 C  C   . SER A 1 143 ? -8.163  -7.039  2.732   1.00 34.75  ? 149 SER A C   1 
ATOM   1062 O  O   . SER A 1 143 ? -8.100  -6.319  3.682   1.00 38.06  ? 149 SER A O   1 
ATOM   1063 C  CB  . SER A 1 143 ? -7.480  -9.409  2.443   1.00 38.48  ? 149 SER A CB  1 
ATOM   1064 O  OG  . SER A 1 143 ? -8.282  -9.621  3.567   1.00 39.04  ? 149 SER A OG  1 
ATOM   1065 N  N   . PHE A 1 144 ? -9.184  -7.071  1.906   1.00 37.39  ? 150 PHE A N   1 
ATOM   1066 C  CA  . PHE A 1 144 ? -10.453 -6.387  2.148   1.00 37.27  ? 150 PHE A CA  1 
ATOM   1067 C  C   . PHE A 1 144 ? -11.414 -7.234  2.954   1.00 37.63  ? 150 PHE A C   1 
ATOM   1068 O  O   . PHE A 1 144 ? -12.587 -6.923  3.026   1.00 44.22  ? 150 PHE A O   1 
ATOM   1069 C  CB  . PHE A 1 144 ? -11.099 -6.052  0.812   1.00 36.00  ? 150 PHE A CB  1 
ATOM   1070 C  CG  . PHE A 1 144 ? -10.311 -5.092  0.021   1.00 33.21  ? 150 PHE A CG  1 
ATOM   1071 C  CD1 . PHE A 1 144 ? -9.244  -5.526  -0.743  1.00 28.73  ? 150 PHE A CD1 1 
ATOM   1072 C  CD2 . PHE A 1 144 ? -10.579 -3.726  0.116   1.00 28.52  ? 150 PHE A CD2 1 
ATOM   1073 C  CE1 . PHE A 1 144 ? -8.522  -4.633  -1.486  1.00 29.30  ? 150 PHE A CE1 1 
ATOM   1074 C  CE2 . PHE A 1 144 ? -9.848  -2.842  -0.611  1.00 29.47  ? 150 PHE A CE2 1 
ATOM   1075 C  CZ  . PHE A 1 144 ? -8.826  -3.280  -1.425  1.00 29.34  ? 150 PHE A CZ  1 
ATOM   1076 N  N   . THR A 1 145 ? -10.915 -8.272  3.608   1.00 40.84  ? 151 THR A N   1 
ATOM   1077 C  CA  . THR A 1 145 ? -11.776 -9.184  4.352   1.00 43.73  ? 151 THR A CA  1 
ATOM   1078 C  C   . THR A 1 145 ? -11.385 -9.146  5.802   1.00 42.03  ? 151 THR A C   1 
ATOM   1079 O  O   . THR A 1 145 ? -11.985 -9.856  6.606   1.00 47.89  ? 151 THR A O   1 
ATOM   1080 C  CB  . THR A 1 145 ? -11.625 -10.665 3.829   1.00 39.45  ? 151 THR A CB  1 
ATOM   1081 O  OG1 . THR A 1 145 ? -10.243 -11.047 3.862   1.00 45.06  ? 151 THR A OG1 1 
ATOM   1082 C  CG2 . THR A 1 145 ? -12.114 -10.825 2.408   1.00 38.99  ? 151 THR A CG2 1 
ATOM   1083 N  N   . GLY A 1 146 ? -10.385 -8.360  6.170   1.00 41.05  ? 152 GLY A N   1 
ATOM   1084 C  CA  . GLY A 1 146 ? -9.892  -8.408  7.557   1.00 41.67  ? 152 GLY A CA  1 
ATOM   1085 C  C   . GLY A 1 146 ? -8.826  -9.444  7.815   1.00 44.28  ? 152 GLY A C   1 
ATOM   1086 O  O   . GLY A 1 146 ? -8.479  -9.697  8.956   1.00 44.81  ? 152 GLY A O   1 
ATOM   1087 N  N   . GLU A 1 147 ? -8.297  -10.037 6.751   1.00 49.27  ? 153 GLU A N   1 
ATOM   1088 C  CA  . GLU A 1 147 ? -7.213  -10.991 6.853   1.00 47.78  ? 153 GLU A CA  1 
ATOM   1089 C  C   . GLU A 1 147 ? -5.935  -10.232 6.560   1.00 46.55  ? 153 GLU A C   1 
ATOM   1090 O  O   . GLU A 1 147 ? -5.900  -9.230  5.824   1.00 46.17  ? 153 GLU A O   1 
ATOM   1091 C  CB  . GLU A 1 147 ? -7.358  -12.123 5.850   1.00 56.21  ? 153 GLU A CB  1 
ATOM   1092 C  CG  . GLU A 1 147 ? -8.641  -12.949 5.948   1.00 65.81  ? 153 GLU A CG  1 
ATOM   1093 C  CD  . GLU A 1 147 ? -8.837  -13.877 4.744   1.00 78.82  ? 153 GLU A CD  1 
ATOM   1094 O  OE1 . GLU A 1 147 ? -8.362  -13.573 3.610   1.00 91.52  ? 153 GLU A OE1 1 
ATOM   1095 O  OE2 . GLU A 1 147 ? -9.472  -14.935 4.930   1.00 94.69  ? 153 GLU A OE2 1 
ATOM   1096 N  N   . GLU A 1 148 ? -4.878  -10.718 7.163   1.00 44.28  ? 154 GLU A N   1 
ATOM   1097 C  CA  . GLU A 1 148 ? -3.583  -10.177 6.948   1.00 44.72  ? 154 GLU A CA  1 
ATOM   1098 C  C   . GLU A 1 148 ? -2.617  -11.311 7.085   1.00 44.55  ? 154 GLU A C   1 
ATOM   1099 O  O   . GLU A 1 148 ? -2.968  -12.352 7.627   1.00 46.52  ? 154 GLU A O   1 
ATOM   1100 C  CB  . GLU A 1 148 ? -3.271  -9.091  7.959   1.00 48.40  ? 154 GLU A CB  1 
ATOM   1101 C  CG  . GLU A 1 148 ? -3.331  -9.518  9.408   1.00 50.06  ? 154 GLU A CG  1 
ATOM   1102 C  CD  . GLU A 1 148 ? -3.157  -8.352  10.372  1.00 49.59  ? 154 GLU A CD  1 
ATOM   1103 O  OE1 . GLU A 1 148 ? -2.453  -7.359  10.086  1.00 49.24  ? 154 GLU A OE1 1 
ATOM   1104 O  OE2 . GLU A 1 148 ? -3.752  -8.424  11.443  1.00 49.70  ? 154 GLU A OE2 1 
ATOM   1105 N  N   . MET A 1 149 ? -1.417  -11.097 6.571   1.00 39.16  ? 155 MET A N   1 
ATOM   1106 C  CA  . MET A 1 149 ? -0.346  -12.044 6.718   1.00 39.04  ? 155 MET A CA  1 
ATOM   1107 C  C   . MET A 1 149 ? 0.949   -11.282 6.675   1.00 38.49  ? 155 MET A C   1 
ATOM   1108 O  O   . MET A 1 149 ? 1.118   -10.350 5.894   1.00 39.53  ? 155 MET A O   1 
ATOM   1109 C  CB  . MET A 1 149 ? -0.397  -13.095 5.619   1.00 37.85  ? 155 MET A CB  1 
ATOM   1110 C  CG  . MET A 1 149 ? 0.692   -14.113 5.739   1.00 43.44  ? 155 MET A CG  1 
ATOM   1111 S  SD  . MET A 1 149 ? 0.501   -15.372 4.475   1.00 52.97  ? 155 MET A SD  1 
ATOM   1112 C  CE  . MET A 1 149 ? 2.137   -16.124 4.513   1.00 56.60  ? 155 MET A CE  1 
ATOM   1113 N  N   . ALA A 1 150 ? 1.865   -11.683 7.524   1.00 37.47  ? 156 ALA A N   1 
ATOM   1114 C  CA  . ALA A 1 150 ? 3.057   -10.930 7.689   1.00 42.56  ? 156 ALA A CA  1 
ATOM   1115 C  C   . ALA A 1 150 ? 4.242   -11.861 7.932   1.00 42.07  ? 156 ALA A C   1 
ATOM   1116 O  O   . ALA A 1 150 ? 4.088   -12.945 8.493   1.00 43.11  ? 156 ALA A O   1 
ATOM   1117 C  CB  . ALA A 1 150 ? 2.871   -9.923  8.831   1.00 41.73  ? 156 ALA A CB  1 
ATOM   1118 N  N   . THR A 1 151 ? 5.416   -11.431 7.494   1.00 41.11  ? 157 THR A N   1 
ATOM   1119 C  CA  . THR A 1 151 ? 6.607   -12.225 7.630   1.00 43.53  ? 157 THR A CA  1 
ATOM   1120 C  C   . THR A 1 151 ? 6.768   -12.698 9.072   1.00 46.23  ? 157 THR A C   1 
ATOM   1121 O  O   . THR A 1 151 ? 6.752   -11.888 10.024  1.00 44.46  ? 157 THR A O   1 
ATOM   1122 C  CB  . THR A 1 151 ? 7.824   -11.431 7.178   1.00 43.02  ? 157 THR A CB  1 
ATOM   1123 O  OG1 . THR A 1 151 ? 7.591   -11.015 5.840   1.00 42.84  ? 157 THR A OG1 1 
ATOM   1124 C  CG2 . THR A 1 151 ? 9.109   -12.271 7.264   1.00 43.83  ? 157 THR A CG2 1 
ATOM   1125 N  N   . LYS A 1 152 ? 6.876   -14.027 9.199   1.00 50.67  ? 158 LYS A N   1 
ATOM   1126 C  CA  . LYS A 1 152 ? 7.079   -14.733 10.461  1.00 51.42  ? 158 LYS A CA  1 
ATOM   1127 C  C   . LYS A 1 152 ? 5.952   -14.448 11.431  1.00 52.43  ? 158 LYS A C   1 
ATOM   1128 O  O   . LYS A 1 152 ? 6.176   -14.449 12.630  1.00 54.15  ? 158 LYS A O   1 
ATOM   1129 C  CB  . LYS A 1 152 ? 8.458   -14.398 11.084  1.00 57.15  ? 158 LYS A CB  1 
ATOM   1130 C  CG  . LYS A 1 152 ? 9.621   -15.097 10.396  1.00 65.65  ? 158 LYS A CG  1 
ATOM   1131 C  CD  . LYS A 1 152 ? 10.937  -14.345 10.551  1.00 73.80  ? 158 LYS A CD  1 
ATOM   1132 C  CE  . LYS A 1 152 ? 12.026  -14.937 9.658   1.00 81.18  ? 158 LYS A CE  1 
ATOM   1133 N  NZ  . LYS A 1 152 ? 12.970  -13.905 9.134   1.00 83.08  ? 158 LYS A NZ  1 
ATOM   1134 N  N   . ALA A 1 153 ? 4.745   -14.182 10.920  1.00 52.98  ? 159 ALA A N   1 
ATOM   1135 C  CA  . ALA A 1 153 ? 3.599   -13.769 11.750  1.00 50.20  ? 159 ALA A CA  1 
ATOM   1136 C  C   . ALA A 1 153 ? 3.925   -12.630 12.713  1.00 50.48  ? 159 ALA A C   1 
ATOM   1137 O  O   . ALA A 1 153 ? 3.361   -12.523 13.786  1.00 56.16  ? 159 ALA A O   1 
ATOM   1138 C  CB  . ALA A 1 153 ? 3.038   -14.956 12.506  1.00 49.83  ? 159 ALA A CB  1 
ATOM   1139 N  N   . ASP A 1 154 ? 4.835   -11.764 12.304  1.00 45.23  ? 160 ASP A N   1 
ATOM   1140 C  CA  . ASP A 1 154 ? 5.192   -10.632 13.082  1.00 43.65  ? 160 ASP A CA  1 
ATOM   1141 C  C   . ASP A 1 154 ? 4.467   -9.435  12.385  1.00 47.07  ? 160 ASP A C   1 
ATOM   1142 O  O   . ASP A 1 154 ? 4.836   -8.980  11.300  1.00 45.92  ? 160 ASP A O   1 
ATOM   1143 C  CB  . ASP A 1 154 ? 6.705   -10.482 13.078  1.00 44.70  ? 160 ASP A CB  1 
ATOM   1144 C  CG  . ASP A 1 154 ? 7.150   -9.214  13.736  1.00 53.52  ? 160 ASP A CG  1 
ATOM   1145 O  OD1 . ASP A 1 154 ? 6.278   -8.489  14.302  1.00 66.28  ? 160 ASP A OD1 1 
ATOM   1146 O  OD2 . ASP A 1 154 ? 8.361   -8.912  13.673  1.00 53.30  ? 160 ASP A OD2 1 
ATOM   1147 N  N   . TYR A 1 155 ? 3.423   -8.948  13.019  1.00 43.72  ? 161 TYR A N   1 
ATOM   1148 C  CA  . TYR A 1 155 ? 2.553   -7.967  12.427  1.00 42.49  ? 161 TYR A CA  1 
ATOM   1149 C  C   . TYR A 1 155 ? 2.996   -6.517  12.644  1.00 44.42  ? 161 TYR A C   1 
ATOM   1150 O  O   . TYR A 1 155 ? 2.301   -5.606  12.198  1.00 41.01  ? 161 TYR A O   1 
ATOM   1151 C  CB  . TYR A 1 155 ? 1.137   -8.216  12.947  1.00 46.10  ? 161 TYR A CB  1 
ATOM   1152 C  CG  . TYR A 1 155 ? 0.642   -9.549  12.492  1.00 46.36  ? 161 TYR A CG  1 
ATOM   1153 C  CD1 . TYR A 1 155 ? 0.228   -9.712  11.168  1.00 47.17  ? 161 TYR A CD1 1 
ATOM   1154 C  CD2 . TYR A 1 155 ? 0.678   -10.677 13.322  1.00 47.63  ? 161 TYR A CD2 1 
ATOM   1155 C  CE1 . TYR A 1 155 ? -0.186  -10.923 10.687  1.00 44.19  ? 161 TYR A CE1 1 
ATOM   1156 C  CE2 . TYR A 1 155 ? 0.244   -11.909 12.843  1.00 48.14  ? 161 TYR A CE2 1 
ATOM   1157 C  CZ  . TYR A 1 155 ? -0.197  -12.001 11.516  1.00 47.77  ? 161 TYR A CZ  1 
ATOM   1158 O  OH  . TYR A 1 155 ? -0.597  -13.158 10.939  1.00 55.95  ? 161 TYR A OH  1 
ATOM   1159 N  N   . THR A 1 156 ? 4.144   -6.301  13.300  1.00 45.21  ? 162 THR A N   1 
ATOM   1160 C  CA  . THR A 1 156 ? 4.754   -4.993  13.443  1.00 47.80  ? 162 THR A CA  1 
ATOM   1161 C  C   . THR A 1 156 ? 3.931   -4.019  14.276  1.00 48.57  ? 162 THR A C   1 
ATOM   1162 O  O   . THR A 1 156 ? 4.427   -3.436  15.217  1.00 49.15  ? 162 THR A O   1 
ATOM   1163 C  CB  . THR A 1 156 ? 5.047   -4.356  12.065  1.00 48.51  ? 162 THR A CB  1 
ATOM   1164 O  OG1 . THR A 1 156 ? 5.904   -5.225  11.308  1.00 48.20  ? 162 THR A OG1 1 
ATOM   1165 C  CG2 . THR A 1 156 ? 5.676   -2.965  12.228  1.00 49.49  ? 162 THR A CG2 1 
ATOM   1166 N  N   . LEU A 1 157 ? 2.696   -3.776  13.859  1.00 54.01  ? 163 LEU A N   1 
ATOM   1167 C  CA  . LEU A 1 157 ? 1.820   -2.852  14.539  1.00 51.85  ? 163 LEU A CA  1 
ATOM   1168 C  C   . LEU A 1 157 ? 1.099   -3.560  15.638  1.00 47.79  ? 163 LEU A C   1 
ATOM   1169 O  O   . LEU A 1 157 ? 1.049   -4.770  15.699  1.00 39.33  ? 163 LEU A O   1 
ATOM   1170 C  CB  . LEU A 1 157 ? 0.784   -2.269  13.585  1.00 55.07  ? 163 LEU A CB  1 
ATOM   1171 C  CG  . LEU A 1 157 ? 1.317   -1.341  12.511  1.00 55.86  ? 163 LEU A CG  1 
ATOM   1172 C  CD1 . LEU A 1 157 ? 0.170   -0.970  11.581  1.00 55.08  ? 163 LEU A CD1 1 
ATOM   1173 C  CD2 . LEU A 1 157 ? 1.979   -0.125  13.131  1.00 53.55  ? 163 LEU A CD2 1 
ATOM   1174 N  N   . ASP A 1 158 ? 0.504   -2.748  16.484  1.00 49.48  ? 164 ASP A N   1 
ATOM   1175 C  CA  . ASP A 1 158 ? -0.350  -3.230  17.533  1.00 54.70  ? 164 ASP A CA  1 
ATOM   1176 C  C   . ASP A 1 158 ? -1.730  -3.433  16.921  1.00 50.57  ? 164 ASP A C   1 
ATOM   1177 O  O   . ASP A 1 158 ? -2.014  -2.959  15.801  1.00 41.59  ? 164 ASP A O   1 
ATOM   1178 C  CB  . ASP A 1 158 ? -0.372  -2.239  18.697  1.00 59.92  ? 164 ASP A CB  1 
ATOM   1179 C  CG  . ASP A 1 158 ? -0.553  -0.804  18.223  1.00 71.38  ? 164 ASP A CG  1 
ATOM   1180 O  OD1 . ASP A 1 158 ? 0.433   -0.196  17.707  1.00 88.84  ? 164 ASP A OD1 1 
ATOM   1181 O  OD2 . ASP A 1 158 ? -1.684  -0.324  18.316  1.00 60.36  ? 164 ASP A OD2 1 
ATOM   1182 N  N   . GLU A 1 159 ? -2.574  -4.120  17.679  1.00 47.33  ? 165 GLU A N   1 
ATOM   1183 C  CA  . GLU A 1 159 ? -3.811  -4.659  17.141  1.00 55.50  ? 165 GLU A CA  1 
ATOM   1184 C  C   . GLU A 1 159 ? -4.819  -3.581  16.739  1.00 54.47  ? 165 GLU A C   1 
ATOM   1185 O  O   . GLU A 1 159 ? -5.589  -3.755  15.797  1.00 48.49  ? 165 GLU A O   1 
ATOM   1186 C  CB  . GLU A 1 159 ? -4.421  -5.653  18.124  1.00 59.35  ? 165 GLU A CB  1 
ATOM   1187 C  CG  . GLU A 1 159 ? -3.583  -6.914  18.197  1.00 71.51  ? 165 GLU A CG  1 
ATOM   1188 C  CD  . GLU A 1 159 ? -4.065  -7.913  19.223  1.00 89.39  ? 165 GLU A CD  1 
ATOM   1189 O  OE1 . GLU A 1 159 ? -5.301  -8.023  19.440  1.00 98.78  ? 165 GLU A OE1 1 
ATOM   1190 O  OE2 . GLU A 1 159 ? -3.196  -8.612  19.793  1.00 100.81 ? 165 GLU A OE2 1 
ATOM   1191 N  N   . GLU A 1 160 ? -4.780  -2.461  17.439  1.00 52.82  ? 166 GLU A N   1 
ATOM   1192 C  CA  . GLU A 1 160 ? -5.696  -1.376  17.213  1.00 50.29  ? 166 GLU A CA  1 
ATOM   1193 C  C   . GLU A 1 160 ? -5.386  -0.659  15.895  1.00 44.63  ? 166 GLU A C   1 
ATOM   1194 O  O   . GLU A 1 160 ? -6.300  -0.279  15.182  1.00 42.81  ? 166 GLU A O   1 
ATOM   1195 C  CB  . GLU A 1 160 ? -5.613  -0.373  18.369  1.00 54.64  ? 166 GLU A CB  1 
ATOM   1196 C  CG  . GLU A 1 160 ? -6.783  0.587   18.389  1.00 61.62  ? 166 GLU A CG  1 
ATOM   1197 C  CD  . GLU A 1 160 ? -6.394  1.999   18.743  1.00 71.91  ? 166 GLU A CD  1 
ATOM   1198 O  OE1 . GLU A 1 160 ? -5.666  2.194   19.747  1.00 78.70  ? 166 GLU A OE1 1 
ATOM   1199 O  OE2 . GLU A 1 160 ? -6.856  2.915   18.029  1.00 85.97  ? 166 GLU A OE2 1 
ATOM   1200 N  N   . SER A 1 161 ? -4.104  -0.432  15.622  1.00 38.66  ? 167 SER A N   1 
ATOM   1201 C  CA  . SER A 1 161 ? -3.686  0.164   14.376  1.00 41.20  ? 167 SER A CA  1 
ATOM   1202 C  C   . SER A 1 161 ? -4.040  -0.769  13.199  1.00 43.27  ? 167 SER A C   1 
ATOM   1203 O  O   . SER A 1 161 ? -4.596  -0.341  12.185  1.00 37.89  ? 167 SER A O   1 
ATOM   1204 C  CB  . SER A 1 161 ? -2.202  0.412   14.439  1.00 42.40  ? 167 SER A CB  1 
ATOM   1205 O  OG  . SER A 1 161 ? -1.937  1.231   15.547  1.00 46.59  ? 167 SER A OG  1 
ATOM   1206 N  N   . ARG A 1 162 ? -3.757  -2.053  13.372  1.00 39.23  ? 168 ARG A N   1 
ATOM   1207 C  CA  . ARG A 1 162 ? -4.083  -3.006  12.352  1.00 40.35  ? 168 ARG A CA  1 
ATOM   1208 C  C   . ARG A 1 162 ? -5.574  -3.083  12.082  1.00 39.04  ? 168 ARG A C   1 
ATOM   1209 O  O   . ARG A 1 162 ? -5.993  -3.137  10.909  1.00 33.07  ? 168 ARG A O   1 
ATOM   1210 C  CB  . ARG A 1 162 ? -3.541  -4.370  12.707  1.00 41.97  ? 168 ARG A CB  1 
ATOM   1211 C  CG  . ARG A 1 162 ? -2.033  -4.388  12.664  1.00 44.25  ? 168 ARG A CG  1 
ATOM   1212 C  CD  . ARG A 1 162 ? -1.571  -5.822  12.723  1.00 49.93  ? 168 ARG A CD  1 
ATOM   1213 N  NE  . ARG A 1 162 ? -1.513  -6.299  14.083  1.00 56.24  ? 168 ARG A NE  1 
ATOM   1214 C  CZ  . ARG A 1 162 ? -1.853  -7.512  14.514  1.00 55.22  ? 168 ARG A CZ  1 
ATOM   1215 N  NH1 . ARG A 1 162 ? -2.336  -8.443  13.716  1.00 57.92  ? 168 ARG A NH1 1 
ATOM   1216 N  NH2 . ARG A 1 162 ? -1.709  -7.781  15.793  1.00 59.68  ? 168 ARG A NH2 1 
ATOM   1217 N  N   . ALA A 1 163 ? -6.348  -3.037  13.162  1.00 36.23  ? 169 ALA A N   1 
ATOM   1218 C  CA  . ALA A 1 163 ? -7.800  -3.016  13.103  1.00 36.95  ? 169 ALA A CA  1 
ATOM   1219 C  C   . ALA A 1 163 ? -8.343  -1.782  12.386  1.00 38.33  ? 169 ALA A C   1 
ATOM   1220 O  O   . ALA A 1 163 ? -9.351  -1.857  11.665  1.00 37.72  ? 169 ALA A O   1 
ATOM   1221 C  CB  . ALA A 1 163 ? -8.367  -3.096  14.496  1.00 37.85  ? 169 ALA A CB  1 
ATOM   1222 N  N   . ARG A 1 164 ? -7.693  -0.649  12.593  1.00 36.50  ? 170 ARG A N   1 
ATOM   1223 C  CA  . ARG A 1 164 ? -8.069  0.531   11.850  1.00 42.24  ? 170 ARG A CA  1 
ATOM   1224 C  C   . ARG A 1 164 ? -7.812  0.366   10.319  1.00 38.51  ? 170 ARG A C   1 
ATOM   1225 O  O   . ARG A 1 164 ? -8.627  0.756   9.502   1.00 35.12  ? 170 ARG A O   1 
ATOM   1226 C  CB  . ARG A 1 164 ? -7.381  1.783   12.422  1.00 49.57  ? 170 ARG A CB  1 
ATOM   1227 C  CG  . ARG A 1 164 ? -8.065  2.316   13.677  1.00 62.00  ? 170 ARG A CG  1 
ATOM   1228 C  CD  . ARG A 1 164 ? -7.747  3.784   13.986  1.00 72.96  ? 170 ARG A CD  1 
ATOM   1229 N  NE  . ARG A 1 164 ? -6.916  3.955   15.188  1.00 86.23  ? 170 ARG A NE  1 
ATOM   1230 C  CZ  . ARG A 1 164 ? -6.366  5.108   15.585  1.00 95.27  ? 170 ARG A CZ  1 
ATOM   1231 N  NH1 . ARG A 1 164 ? -6.558  6.234   14.890  1.00 99.11  ? 170 ARG A NH1 1 
ATOM   1232 N  NH2 . ARG A 1 164 ? -5.606  5.137   16.685  1.00 88.63  ? 170 ARG A NH2 1 
ATOM   1233 N  N   . ILE A 1 165 ? -6.688  -0.216  9.942   1.00 35.92  ? 171 ILE A N   1 
ATOM   1234 C  CA  . ILE A 1 165 ? -6.383  -0.420  8.526   1.00 38.08  ? 171 ILE A CA  1 
ATOM   1235 C  C   . ILE A 1 165 ? -7.437  -1.338  7.934   1.00 39.89  ? 171 ILE A C   1 
ATOM   1236 O  O   . ILE A 1 165 ? -8.003  -1.057  6.872   1.00 38.13  ? 171 ILE A O   1 
ATOM   1237 C  CB  . ILE A 1 165 ? -4.941  -0.963  8.346   1.00 39.40  ? 171 ILE A CB  1 
ATOM   1238 C  CG1 . ILE A 1 165 ? -3.973  0.171   8.646   1.00 37.91  ? 171 ILE A CG1 1 
ATOM   1239 C  CG2 . ILE A 1 165 ? -4.694  -1.497  6.948   1.00 36.88  ? 171 ILE A CG2 1 
ATOM   1240 C  CD1 . ILE A 1 165 ? -2.554  -0.268  8.843   1.00 40.68  ? 171 ILE A CD1 1 
ATOM   1241 N  N   . LYS A 1 166 ? -7.773  -2.400  8.654   1.00 37.70  ? 172 LYS A N   1 
ATOM   1242 C  CA  . LYS A 1 166 ? -8.676  -3.372  8.098   1.00 33.15  ? 172 LYS A CA  1 
ATOM   1243 C  C   . LYS A 1 166 ? -10.033 -2.789  8.005   1.00 33.93  ? 172 LYS A C   1 
ATOM   1244 O  O   . LYS A 1 166 ? -10.786 -3.097  7.063   1.00 32.17  ? 172 LYS A O   1 
ATOM   1245 C  CB  . LYS A 1 166 ? -8.712  -4.601  8.957   1.00 34.12  ? 172 LYS A CB  1 
ATOM   1246 C  CG  . LYS A 1 166 ? -7.387  -5.354  9.033   1.00 35.69  ? 172 LYS A CG  1 
ATOM   1247 C  CD  . LYS A 1 166 ? -7.457  -6.338  10.151  1.00 36.86  ? 172 LYS A CD  1 
ATOM   1248 C  CE  . LYS A 1 166 ? -6.277  -7.227  10.118  1.00 43.74  ? 172 LYS A CE  1 
ATOM   1249 N  NZ  . LYS A 1 166 ? -6.310  -8.117  11.303  1.00 42.72  ? 172 LYS A NZ  1 
ATOM   1250 N  N   . THR A 1 167 ? -10.382 -1.943  8.988   1.00 34.28  ? 173 THR A N   1 
ATOM   1251 C  CA  . THR A 1 167 ? -11.708 -1.308  8.956   1.00 31.81  ? 173 THR A CA  1 
ATOM   1252 C  C   . THR A 1 167 ? -11.821 -0.392  7.754   1.00 31.85  ? 173 THR A C   1 
ATOM   1253 O  O   . THR A 1 167 ? -12.854 -0.408  7.037   1.00 30.08  ? 173 THR A O   1 
ATOM   1254 C  CB  . THR A 1 167 ? -12.023 -0.546  10.246  1.00 33.48  ? 173 THR A CB  1 
ATOM   1255 O  OG1 . THR A 1 167 ? -12.031 -1.489  11.345  1.00 34.88  ? 173 THR A OG1 1 
ATOM   1256 C  CG2 . THR A 1 167 ? -13.402 0.182   10.145  1.00 30.61  ? 173 THR A CG2 1 
ATOM   1257 N  N   . ARG A 1 168 ? -10.754 0.373   7.503   1.00 31.30  ? 174 ARG A N   1 
ATOM   1258 C  CA  . ARG A 1 168 ? -10.746 1.283   6.358   1.00 34.70  ? 174 ARG A CA  1 
ATOM   1259 C  C   . ARG A 1 168 ? -10.911 0.492   5.027   1.00 33.26  ? 174 ARG A C   1 
ATOM   1260 O  O   . ARG A 1 168 ? -11.732 0.830   4.128   1.00 36.97  ? 174 ARG A O   1 
ATOM   1261 C  CB  . ARG A 1 168 ? -9.486  2.100   6.378   1.00 34.45  ? 174 ARG A CB  1 
ATOM   1262 C  CG  . ARG A 1 168 ? -9.333  3.011   5.183   1.00 39.82  ? 174 ARG A CG  1 
ATOM   1263 C  CD  . ARG A 1 168 ? -10.303 4.174   5.228   1.00 42.76  ? 174 ARG A CD  1 
ATOM   1264 N  NE  . ARG A 1 168 ? -10.138 5.004   4.039   1.00 44.48  ? 174 ARG A NE  1 
ATOM   1265 C  CZ  . ARG A 1 168 ? -11.095 5.353   3.173   1.00 42.53  ? 174 ARG A CZ  1 
ATOM   1266 N  NH1 . ARG A 1 168 ? -12.370 5.040   3.347   1.00 46.56  ? 174 ARG A NH1 1 
ATOM   1267 N  NH2 . ARG A 1 168 ? -10.766 6.080   2.127   1.00 43.79  ? 174 ARG A NH2 1 
ATOM   1268 N  N   . LEU A 1 169 ? -10.144 -0.565  4.930   1.00 32.04  ? 175 LEU A N   1 
ATOM   1269 C  CA  . LEU A 1 169 ? -10.162 -1.442  3.745   1.00 31.97  ? 175 LEU A CA  1 
ATOM   1270 C  C   . LEU A 1 169 ? -11.489 -2.138  3.581   1.00 30.98  ? 175 LEU A C   1 
ATOM   1271 O  O   . LEU A 1 169 ? -12.039 -2.153  2.483   1.00 34.71  ? 175 LEU A O   1 
ATOM   1272 C  CB  . LEU A 1 169 ? -9.085  -2.478  3.820   1.00 30.83  ? 175 LEU A CB  1 
ATOM   1273 C  CG  . LEU A 1 169 ? -7.671  -1.995  3.674   1.00 32.76  ? 175 LEU A CG  1 
ATOM   1274 C  CD1 . LEU A 1 169 ? -6.756  -3.132  4.057   1.00 34.51  ? 175 LEU A CD1 1 
ATOM   1275 C  CD2 . LEU A 1 169 ? -7.407  -1.582  2.251   1.00 32.49  ? 175 LEU A CD2 1 
ATOM   1276 N  N   . PHE A 1 170 ? -12.046 -2.675  4.648   1.00 29.30  ? 176 PHE A N   1 
ATOM   1277 C  CA  . PHE A 1 170 ? -13.377 -3.243  4.508   1.00 29.57  ? 176 PHE A CA  1 
ATOM   1278 C  C   . PHE A 1 170 ? -14.421 -2.171  4.112   1.00 31.93  ? 176 PHE A C   1 
ATOM   1279 O  O   . PHE A 1 170 ? -15.364 -2.446  3.368   1.00 35.47  ? 176 PHE A O   1 
ATOM   1280 C  CB  . PHE A 1 170 ? -13.764 -3.970  5.788   1.00 29.20  ? 176 PHE A CB  1 
ATOM   1281 C  CG  . PHE A 1 170 ? -15.035 -4.769  5.692   1.00 29.40  ? 176 PHE A CG  1 
ATOM   1282 C  CD1 . PHE A 1 170 ? -15.006 -6.113  5.271   1.00 33.07  ? 176 PHE A CD1 1 
ATOM   1283 C  CD2 . PHE A 1 170 ? -16.243 -4.214  6.039   1.00 28.11  ? 176 PHE A CD2 1 
ATOM   1284 C  CE1 . PHE A 1 170 ? -16.184 -6.869  5.166   1.00 35.70  ? 176 PHE A CE1 1 
ATOM   1285 C  CE2 . PHE A 1 170 ? -17.433 -4.971  5.956   1.00 34.28  ? 176 PHE A CE2 1 
ATOM   1286 C  CZ  . PHE A 1 170 ? -17.405 -6.307  5.530   1.00 34.17  ? 176 PHE A CZ  1 
ATOM   1287 N  N   . THR A 1 171 ? -14.276 -0.948  4.599   1.00 31.51  ? 177 THR A N   1 
ATOM   1288 C  CA  . THR A 1 171 ? -15.219 0.122   4.261   1.00 32.03  ? 177 THR A CA  1 
ATOM   1289 C  C   . THR A 1 171 ? -15.096 0.553   2.806   1.00 30.69  ? 177 THR A C   1 
ATOM   1290 O  O   . THR A 1 171 ? -16.082 0.797   2.147   1.00 31.89  ? 177 THR A O   1 
ATOM   1291 C  CB  . THR A 1 171 ? -14.942 1.346   5.151   1.00 38.64  ? 177 THR A CB  1 
ATOM   1292 O  OG1 . THR A 1 171 ? -14.925 0.931   6.529   1.00 38.29  ? 177 THR A OG1 1 
ATOM   1293 C  CG2 . THR A 1 171 ? -15.977 2.471   4.902   1.00 36.90  ? 177 THR A CG2 1 
ATOM   1294 N  N   . ILE A 1 172 ? -13.881 0.623   2.298   1.00 31.88  ? 178 ILE A N   1 
ATOM   1295 C  CA  . ILE A 1 172 ? -13.666 0.795   0.857   1.00 32.10  ? 178 ILE A CA  1 
ATOM   1296 C  C   . ILE A 1 172 ? -14.401 -0.268  0.068   1.00 33.69  ? 178 ILE A C   1 
ATOM   1297 O  O   . ILE A 1 172 ? -15.181 0.051   -0.845  1.00 32.97  ? 178 ILE A O   1 
ATOM   1298 C  CB  . ILE A 1 172 ? -12.161 0.825   0.481   1.00 33.77  ? 178 ILE A CB  1 
ATOM   1299 C  CG1 . ILE A 1 172 ? -11.475 2.096   1.070   1.00 31.84  ? 178 ILE A CG1 1 
ATOM   1300 C  CG2 . ILE A 1 172 ? -11.979 0.793   -1.041  1.00 34.49  ? 178 ILE A CG2 1 
ATOM   1301 C  CD1 . ILE A 1 172 ? -9.937  2.093   1.043   1.00 33.82  ? 178 ILE A CD1 1 
ATOM   1302 N  N   . ARG A 1 173 ? -14.212 -1.532  0.436   1.00 33.32  ? 179 ARG A N   1 
ATOM   1303 C  CA  . ARG A 1 173 ? -14.936 -2.593  -0.257  1.00 33.43  ? 179 ARG A CA  1 
ATOM   1304 C  C   . ARG A 1 173 ? -16.445 -2.346  -0.293  1.00 34.23  ? 179 ARG A C   1 
ATOM   1305 O  O   . ARG A 1 173 ? -17.106 -2.498  -1.326  1.00 32.48  ? 179 ARG A O   1 
ATOM   1306 C  CB  . ARG A 1 173 ? -14.651 -3.938  0.382   1.00 33.50  ? 179 ARG A CB  1 
ATOM   1307 C  CG  . ARG A 1 173 ? -15.632 -5.046  0.027   1.00 34.78  ? 179 ARG A CG  1 
ATOM   1308 C  CD  . ARG A 1 173 ? -15.064 -6.376  0.500   1.00 39.91  ? 179 ARG A CD  1 
ATOM   1309 N  NE  . ARG A 1 173 ? -16.107 -7.376  0.661   1.00 42.58  ? 179 ARG A NE  1 
ATOM   1310 C  CZ  . ARG A 1 173 ? -16.013 -8.457  1.423   1.00 44.97  ? 179 ARG A CZ  1 
ATOM   1311 N  NH1 . ARG A 1 173 ? -14.898 -8.738  2.125   1.00 49.37  ? 179 ARG A NH1 1 
ATOM   1312 N  NH2 . ARG A 1 173 ? -17.040 -9.284  1.483   1.00 49.55  ? 179 ARG A NH2 1 
ATOM   1313 N  N   . GLN A 1 174 ? -16.990 -2.006  0.860   1.00 33.44  ? 180 GLN A N   1 
ATOM   1314 C  CA  . GLN A 1 174 ? -18.425 -1.908  0.994   1.00 33.21  ? 180 GLN A CA  1 
ATOM   1315 C  C   . GLN A 1 174 ? -18.932 -0.705  0.276   1.00 35.07  ? 180 GLN A C   1 
ATOM   1316 O  O   . GLN A 1 174 ? -19.988 -0.754  -0.315  1.00 37.60  ? 180 GLN A O   1 
ATOM   1317 C  CB  . GLN A 1 174 ? -18.832 -1.900  2.453   1.00 31.07  ? 180 GLN A CB  1 
ATOM   1318 C  CG  . GLN A 1 174 ? -18.526 -3.245  3.120   1.00 34.39  ? 180 GLN A CG  1 
ATOM   1319 C  CD  . GLN A 1 174 ? -19.342 -4.384  2.514   1.00 34.70  ? 180 GLN A CD  1 
ATOM   1320 O  OE1 . GLN A 1 174 ? -20.477 -4.184  2.088   1.00 38.77  ? 180 GLN A OE1 1 
ATOM   1321 N  NE2 . GLN A 1 174 ? -18.784 -5.558  2.483   1.00 35.77  ? 180 GLN A NE2 1 
ATOM   1322 N  N   . GLU A 1 175 ? -18.179 0.373   0.317   1.00 37.09  ? 181 GLU A N   1 
ATOM   1323 C  CA  . GLU A 1 175 ? -18.536 1.545   -0.470  1.00 40.35  ? 181 GLU A CA  1 
ATOM   1324 C  C   . GLU A 1 175 ? -18.604 1.208   -1.949  1.00 36.67  ? 181 GLU A C   1 
ATOM   1325 O  O   . GLU A 1 175 ? -19.591 1.553   -2.619  1.00 36.88  ? 181 GLU A O   1 
ATOM   1326 C  CB  . GLU A 1 175 ? -17.548 2.701   -0.257  1.00 44.61  ? 181 GLU A CB  1 
ATOM   1327 C  CG  . GLU A 1 175 ? -18.031 3.781   0.677   1.00 52.77  ? 181 GLU A CG  1 
ATOM   1328 C  CD  . GLU A 1 175 ? -19.351 4.363   0.208   1.00 57.05  ? 181 GLU A CD  1 
ATOM   1329 O  OE1 . GLU A 1 175 ? -19.524 4.589   -1.025  1.00 58.64  ? 181 GLU A OE1 1 
ATOM   1330 O  OE2 . GLU A 1 175 ? -20.227 4.549   1.078   1.00 63.73  ? 181 GLU A OE2 1 
ATOM   1331 N  N   . MET A 1 176 ? -17.561 0.538   -2.438  1.00 37.63  ? 182 MET A N   1 
ATOM   1332 C  CA  . MET A 1 176 ? -17.505 0.070   -3.832  1.00 37.28  ? 182 MET A CA  1 
ATOM   1333 C  C   . MET A 1 176 ? -18.697 -0.772  -4.102  1.00 40.68  ? 182 MET A C   1 
ATOM   1334 O  O   . MET A 1 176 ? -19.385 -0.551  -5.107  1.00 40.69  ? 182 MET A O   1 
ATOM   1335 C  CB  . MET A 1 176 ? -16.236 -0.704  -4.130  1.00 38.09  ? 182 MET A CB  1 
ATOM   1336 C  CG  . MET A 1 176 ? -14.998 0.192   -4.170  1.00 41.96  ? 182 MET A CG  1 
ATOM   1337 S  SD  . MET A 1 176 ? -13.596 -0.705  -4.834  1.00 44.04  ? 182 MET A SD  1 
ATOM   1338 C  CE  . MET A 1 176 ? -12.205 0.392   -4.650  1.00 45.24  ? 182 MET A CE  1 
ATOM   1339 N  N   . ALA A 1 177 ? -19.003 -1.691  -3.180  1.00 38.65  ? 183 ALA A N   1 
ATOM   1340 C  CA  . ALA A 1 177 ? -20.189 -2.531  -3.362  1.00 40.86  ? 183 ALA A CA  1 
ATOM   1341 C  C   . ALA A 1 177 ? -21.532 -1.718  -3.343  1.00 42.39  ? 183 ALA A C   1 
ATOM   1342 O  O   . ALA A 1 177 ? -22.447 -2.025  -4.108  1.00 44.60  ? 183 ALA A O   1 
ATOM   1343 C  CB  . ALA A 1 177 ? -20.202 -3.688  -2.358  1.00 37.69  ? 183 ALA A CB  1 
ATOM   1344 N  N   . SER A 1 178 ? -21.649 -0.688  -2.508  1.00 42.54  ? 184 SER A N   1 
ATOM   1345 C  CA  . SER A 1 178 ? -22.818 0.196   -2.556  1.00 44.33  ? 184 SER A CA  1 
ATOM   1346 C  C   . SER A 1 178 ? -23.004 0.777   -3.948  1.00 46.92  ? 184 SER A C   1 
ATOM   1347 O  O   . SER A 1 178 ? -24.139 0.972   -4.395  1.00 47.73  ? 184 SER A O   1 
ATOM   1348 C  CB  . SER A 1 178 ? -22.668 1.376   -1.615  1.00 46.18  ? 184 SER A CB  1 
ATOM   1349 O  OG  . SER A 1 178 ? -22.603 0.962   -0.269  1.00 55.97  ? 184 SER A OG  1 
ATOM   1350 N  N   . ARG A 1 179 ? -21.886 1.070   -4.620  1.00 46.84  ? 185 ARG A N   1 
ATOM   1351 C  CA  . ARG A 1 179 ? -21.901 1.658   -5.959  1.00 46.15  ? 185 ARG A CA  1 
ATOM   1352 C  C   . ARG A 1 179 ? -21.735 0.633   -7.102  1.00 44.15  ? 185 ARG A C   1 
ATOM   1353 O  O   . ARG A 1 179 ? -21.360 0.998   -8.201  1.00 46.20  ? 185 ARG A O   1 
ATOM   1354 C  CB  . ARG A 1 179 ? -20.797 2.713   -6.034  1.00 46.27  ? 185 ARG A CB  1 
ATOM   1355 C  CG  . ARG A 1 179 ? -20.957 3.847   -5.025  1.00 44.43  ? 185 ARG A CG  1 
ATOM   1356 C  CD  . ARG A 1 179 ? -19.673 4.645   -4.986  1.00 49.42  ? 185 ARG A CD  1 
ATOM   1357 N  NE  . ARG A 1 179 ? -19.583 5.573   -3.847  1.00 58.81  ? 185 ARG A NE  1 
ATOM   1358 C  CZ  . ARG A 1 179 ? -19.345 6.890   -3.919  1.00 64.76  ? 185 ARG A CZ  1 
ATOM   1359 N  NH1 . ARG A 1 179 ? -19.158 7.515   -5.079  1.00 74.92  ? 185 ARG A NH1 1 
ATOM   1360 N  NH2 . ARG A 1 179 ? -19.271 7.604   -2.806  1.00 64.81  ? 185 ARG A NH2 1 
ATOM   1361 N  N   . SER A 1 180 ? -21.983 -0.648  -6.831  1.00 45.00  ? 186 SER A N   1 
ATOM   1362 C  CA  . SER A 1 180 ? -21.785 -1.735  -7.804  1.00 42.04  ? 186 SER A CA  1 
ATOM   1363 C  C   . SER A 1 180 ? -20.471 -1.657  -8.531  1.00 42.53  ? 186 SER A C   1 
ATOM   1364 O  O   . SER A 1 180 ? -20.423 -1.881  -9.723  1.00 49.50  ? 186 SER A O   1 
ATOM   1365 C  CB  . SER A 1 180 ? -22.938 -1.728  -8.803  1.00 48.05  ? 186 SER A CB  1 
ATOM   1366 O  OG  . SER A 1 180 ? -24.090 -2.321  -8.219  1.00 53.90  ? 186 SER A OG  1 
ATOM   1367 N  N   . LEU A 1 181 ? -19.392 -1.311  -7.829  1.00 43.66  ? 187 LEU A N   1 
ATOM   1368 C  CA  . LEU A 1 181 ? -18.036 -1.326  -8.409  1.00 40.76  ? 187 LEU A CA  1 
ATOM   1369 C  C   . LEU A 1 181 ? -17.147 -2.436  -7.920  1.00 37.68  ? 187 LEU A C   1 
ATOM   1370 O  O   . LEU A 1 181 ? -16.040 -2.613  -8.434  1.00 38.33  ? 187 LEU A O   1 
ATOM   1371 C  CB  . LEU A 1 181 ? -17.340 -0.029  -8.106  1.00 43.93  ? 187 LEU A CB  1 
ATOM   1372 C  CG  . LEU A 1 181 ? -18.101 1.250   -8.385  1.00 47.77  ? 187 LEU A CG  1 
ATOM   1373 C  CD1 . LEU A 1 181 ? -17.255 2.403   -7.861  1.00 49.95  ? 187 LEU A CD1 1 
ATOM   1374 C  CD2 . LEU A 1 181 ? -18.362 1.402   -9.868  1.00 48.19  ? 187 LEU A CD2 1 
ATOM   1375 N  N   . TRP A 1 182 ? -17.623 -3.176  -6.910  1.00 40.59  ? 188 TRP A N   1 
ATOM   1376 C  CA  . TRP A 1 182 ? -16.777 -4.114  -6.191  1.00 40.05  ? 188 TRP A CA  1 
ATOM   1377 C  C   . TRP A 1 182 ? -16.430 -5.351  -7.029  1.00 37.43  ? 188 TRP A C   1 
ATOM   1378 O  O   . TRP A 1 182 ? -15.288 -5.829  -6.976  1.00 38.45  ? 188 TRP A O   1 
ATOM   1379 C  CB  . TRP A 1 182 ? -17.389 -4.511  -4.818  1.00 40.36  ? 188 TRP A CB  1 
ATOM   1380 C  CG  . TRP A 1 182 ? -16.602 -5.596  -4.196  1.00 37.34  ? 188 TRP A CG  1 
ATOM   1381 C  CD1 . TRP A 1 182 ? -16.969 -6.917  -4.107  1.00 38.04  ? 188 TRP A CD1 1 
ATOM   1382 C  CD2 . TRP A 1 182 ? -15.234 -5.524  -3.738  1.00 37.17  ? 188 TRP A CD2 1 
ATOM   1383 N  NE1 . TRP A 1 182 ? -15.926 -7.660  -3.559  1.00 40.66  ? 188 TRP A NE1 1 
ATOM   1384 C  CE2 . TRP A 1 182 ? -14.866 -6.823  -3.309  1.00 39.39  ? 188 TRP A CE2 1 
ATOM   1385 C  CE3 . TRP A 1 182 ? -14.309 -4.489  -3.597  1.00 38.38  ? 188 TRP A CE3 1 
ATOM   1386 C  CZ2 . TRP A 1 182 ? -13.630 -7.100  -2.757  1.00 36.58  ? 188 TRP A CZ2 1 
ATOM   1387 C  CZ3 . TRP A 1 182 ? -13.100 -4.759  -3.014  1.00 36.64  ? 188 TRP A CZ3 1 
ATOM   1388 C  CH2 . TRP A 1 182 ? -12.761 -6.066  -2.615  1.00 39.15  ? 188 TRP A CH2 1 
ATOM   1389 N  N   . ASP A 1 183 ? -17.406 -5.857  -7.776  1.00 41.20  ? 189 ASP A N   1 
ATOM   1390 C  CA  . ASP A 1 183 ? -17.243 -7.070  -8.616  1.00 45.37  ? 189 ASP A CA  1 
ATOM   1391 C  C   . ASP A 1 183 ? -16.177 -6.884  -9.680  1.00 43.99  ? 189 ASP A C   1 
ATOM   1392 O  O   . ASP A 1 183 ? -15.270 -7.703  -9.803  1.00 47.18  ? 189 ASP A O   1 
ATOM   1393 C  CB  . ASP A 1 183 ? -18.586 -7.482  -9.251  1.00 49.30  ? 189 ASP A CB  1 
ATOM   1394 C  CG  . ASP A 1 183 ? -19.520 -8.158  -8.258  1.00 52.97  ? 189 ASP A CG  1 
ATOM   1395 O  OD1 . ASP A 1 183 ? -19.074 -8.598  -7.173  1.00 58.77  ? 189 ASP A OD1 1 
ATOM   1396 O  OD2 . ASP A 1 183 ? -20.722 -8.257  -8.559  1.00 70.81  ? 189 ASP A OD2 1 
ATOM   1397 N  N   . SER A 1 184 ? -16.281 -5.762  -10.385 1.00 41.20  ? 190 SER A N   1 
ATOM   1398 C  CA  . SER A 1 184 ? -15.246 -5.272  -11.267 1.00 39.38  ? 190 SER A CA  1 
ATOM   1399 C  C   . SER A 1 184 ? -13.944 -5.103  -10.526 1.00 37.62  ? 190 SER A C   1 
ATOM   1400 O  O   . SER A 1 184 ? -12.932 -5.605  -10.941 1.00 34.55  ? 190 SER A O   1 
ATOM   1401 C  CB  . SER A 1 184 ? -15.676 -3.908  -11.872 1.00 43.41  ? 190 SER A CB  1 
ATOM   1402 O  OG  . SER A 1 184 ? -14.649 -3.315  -12.663 1.00 42.37  ? 190 SER A OG  1 
ATOM   1403 N  N   . PHE A 1 185 ? -13.958 -4.377  -9.413  1.00 39.14  ? 191 PHE A N   1 
ATOM   1404 C  CA  . PHE A 1 185 ? -12.687 -4.111  -8.735  1.00 37.26  ? 191 PHE A CA  1 
ATOM   1405 C  C   . PHE A 1 185 ? -11.985 -5.416  -8.281  1.00 35.40  ? 191 PHE A C   1 
ATOM   1406 O  O   . PHE A 1 185 ? -10.784 -5.588  -8.446  1.00 39.04  ? 191 PHE A O   1 
ATOM   1407 C  CB  . PHE A 1 185 ? -12.904 -3.144  -7.570  1.00 35.17  ? 191 PHE A CB  1 
ATOM   1408 C  CG  . PHE A 1 185 ? -11.627 -2.754  -6.881  1.00 35.50  ? 191 PHE A CG  1 
ATOM   1409 C  CD1 . PHE A 1 185 ? -10.654 -2.009  -7.549  1.00 33.19  ? 191 PHE A CD1 1 
ATOM   1410 C  CD2 . PHE A 1 185 ? -11.370 -3.165  -5.599  1.00 36.72  ? 191 PHE A CD2 1 
ATOM   1411 C  CE1 . PHE A 1 185 ? -9.487  -1.641  -6.936  1.00 33.91  ? 191 PHE A CE1 1 
ATOM   1412 C  CE2 . PHE A 1 185 ? -10.172 -2.822  -4.980  1.00 37.36  ? 191 PHE A CE2 1 
ATOM   1413 C  CZ  . PHE A 1 185 ? -9.229  -2.063  -5.650  1.00 37.35  ? 191 PHE A CZ  1 
ATOM   1414 N  N   . ARG A 1 186 ? -12.762 -6.342  -7.776  1.00 35.54  ? 192 ARG A N   1 
ATOM   1415 C  CA  . ARG A 1 186 ? -12.272 -7.620  -7.275  1.00 41.52  ? 192 ARG A CA  1 
ATOM   1416 C  C   . ARG A 1 186 ? -11.613 -8.457  -8.362  1.00 39.91  ? 192 ARG A C   1 
ATOM   1417 O  O   . ARG A 1 186 ? -10.606 -9.090  -8.146  1.00 42.93  ? 192 ARG A O   1 
ATOM   1418 C  CB  . ARG A 1 186 ? -13.467 -8.415  -6.694  1.00 46.28  ? 192 ARG A CB  1 
ATOM   1419 C  CG  . ARG A 1 186 ? -13.080 -9.440  -5.651  1.00 56.06  ? 192 ARG A CG  1 
ATOM   1420 C  CD  . ARG A 1 186 ? -13.567 -10.844 -5.989  1.00 62.15  ? 192 ARG A CD  1 
ATOM   1421 N  NE  . ARG A 1 186 ? -14.849 -10.850 -6.725  1.00 66.62  ? 192 ARG A NE  1 
ATOM   1422 C  CZ  . ARG A 1 186 ? -15.225 -11.794 -7.601  1.00 59.33  ? 192 ARG A CZ  1 
ATOM   1423 N  NH1 . ARG A 1 186 ? -16.402 -11.692 -8.219  1.00 54.48  ? 192 ARG A NH1 1 
ATOM   1424 N  NH2 . ARG A 1 186 ? -14.428 -12.832 -7.878  1.00 64.59  ? 192 ARG A NH2 1 
ATOM   1425 N  N   . GLN A 1 187 ? -12.188 -8.478  -9.551  1.00 40.38  ? 193 GLN A N   1 
ATOM   1426 C  CA  . GLN A 1 187 ? -11.637 -9.352  -10.596 1.00 37.30  ? 193 GLN A CA  1 
ATOM   1427 C  C   . GLN A 1 187 ? -10.484 -8.721  -11.380 1.00 42.21  ? 193 GLN A C   1 
ATOM   1428 O  O   . GLN A 1 187 ? -9.924  -9.373  -12.242 1.00 44.69  ? 193 GLN A O   1 
ATOM   1429 C  CB  . GLN A 1 187 ? -12.743 -9.775  -11.530 1.00 36.08  ? 193 GLN A CB  1 
ATOM   1430 C  CG  . GLN A 1 187 ? -13.819 -10.570 -10.824 1.00 38.75  ? 193 GLN A CG  1 
ATOM   1431 C  CD  . GLN A 1 187 ? -14.944 -10.907 -11.754 1.00 41.89  ? 193 GLN A CD  1 
ATOM   1432 O  OE1 . GLN A 1 187 ? -14.780 -11.685 -12.667 1.00 41.36  ? 193 GLN A OE1 1 
ATOM   1433 N  NE2 . GLN A 1 187 ? -16.089 -10.308 -11.530 1.00 44.06  ? 193 GLN A NE2 1 
ATOM   1434 N  N   . SER A 1 188 ? -10.110 -7.469  -11.100 1.00 39.56  ? 194 SER A N   1 
ATOM   1435 C  CA  . SER A 1 188 ? -9.018  -6.850  -11.859 1.00 43.23  ? 194 SER A CA  1 
ATOM   1436 C  C   . SER A 1 188 ? -7.638  -6.849  -11.187 1.00 42.00  ? 194 SER A C   1 
ATOM   1437 O  O   . SER A 1 188 ? -6.779  -6.117  -11.620 1.00 49.09  ? 194 SER A O   1 
ATOM   1438 C  CB  . SER A 1 188 ? -9.442  -5.424  -12.239 1.00 43.09  ? 194 SER A CB  1 
ATOM   1439 O  OG  . SER A 1 188 ? -9.599  -4.706  -11.070 1.00 47.26  ? 194 SER A OG  1 
ATOM   1440 N  N   . GLU A 1 189 ? -7.392  -7.677  -10.170 1.00 44.49  ? 195 GLU A N   1 
ATOM   1441 C  CA  . GLU A 1 189 ? -6.089  -7.642  -9.473  1.00 49.01  ? 195 GLU A CA  1 
ATOM   1442 C  C   . GLU A 1 189 ? -4.985  -8.281  -10.355 1.00 58.40  ? 195 GLU A C   1 
ATOM   1443 O  O   . GLU A 1 189 ? -5.112  -9.441  -10.804 1.00 58.44  ? 195 GLU A O   1 
ATOM   1444 C  CB  . GLU A 1 189 ? -6.152  -8.297  -8.062  1.00 45.53  ? 195 GLU A CB  1 
ATOM   1445 C  CG  . GLU A 1 189 ? -4.780  -8.378  -7.372  1.00 48.79  ? 195 GLU A CG  1 
ATOM   1446 C  CD  . GLU A 1 189 ? -4.812  -8.483  -5.841  1.00 50.87  ? 195 GLU A CD  1 
ATOM   1447 O  OE1 . GLU A 1 189 ? -5.469  -7.642  -5.184  1.00 53.88  ? 195 GLU A OE1 1 
ATOM   1448 O  OE2 . GLU A 1 189 ? -4.158  -9.393  -5.286  1.00 42.50  ? 195 GLU A OE2 1 
HETATM 1449 MN MN  . MN  B 2 .   ? 5.570   0.418   -2.983  1.00 41.14  ? 201 MN  A MN  1 
HETATM 1450 MN MN  . MN  C 2 .   ? 3.363   -2.206  -1.521  1.00 35.22  ? 202 MN  A MN  1 
HETATM 1451 O  OAV . HWJ D 3 .   ? 5.761   0.297   -4.938  1.00 40.00  ? 203 HWJ A OAV 1 
HETATM 1452 C  CAU . HWJ D 3 .   ? 4.798   0.060   -5.725  1.00 42.77  ? 203 HWJ A CAU 1 
HETATM 1453 O  OAW . HWJ D 3 .   ? 4.892   0.352   -6.905  1.00 42.84  ? 203 HWJ A OAW 1 
HETATM 1454 C  CAR . HWJ D 3 .   ? 3.692   -0.709  -5.430  1.00 41.60  ? 203 HWJ A CAR 1 
HETATM 1455 N  NAQ . HWJ D 3 .   ? 2.786   -0.784  -6.486  1.00 43.28  ? 203 HWJ A NAQ 1 
HETATM 1456 C  CAS . HWJ D 3 .   ? 3.453   -1.420  -4.254  1.00 36.53  ? 203 HWJ A CAS 1 
HETATM 1457 O  OAT . HWJ D 3 .   ? 4.313   -1.351  -3.241  1.00 37.31  ? 203 HWJ A OAT 1 
HETATM 1458 C  CAO . HWJ D 3 .   ? 2.331   -2.226  -4.101  1.00 42.94  ? 203 HWJ A CAO 1 
HETATM 1459 O  OAP . HWJ D 3 .   ? 2.085   -2.876  -3.065  1.00 36.60  ? 203 HWJ A OAP 1 
HETATM 1460 C  CAN . HWJ D 3 .   ? 1.442   -2.286  -5.173  1.00 42.30  ? 203 HWJ A CAN 1 
HETATM 1461 C  CAM . HWJ D 3 .   ? 1.652   -1.559  -6.345  1.00 43.33  ? 203 HWJ A CAM 1 
HETATM 1462 C  CAL . HWJ D 3 .   ? 0.699   -1.683  -7.349  1.00 45.11  ? 203 HWJ A CAL 1 
HETATM 1463 C  CAH . HWJ D 3 .   ? -0.642  -1.256  -7.136  1.00 45.82  ? 203 HWJ A CAH 1 
HETATM 1464 C  CAI . HWJ D 3 .   ? -1.117  -0.657  -5.938  1.00 50.01  ? 203 HWJ A CAI 1 
HETATM 1465 C  CAG . HWJ D 3 .   ? -1.574  -1.448  -8.135  1.00 45.07  ? 203 HWJ A CAG 1 
HETATM 1466 C  CAK . HWJ D 3 .   ? 1.083   -2.282  -8.552  1.00 42.71  ? 203 HWJ A CAK 1 
HETATM 1467 C  CAJ . HWJ D 3 .   ? 0.134   -2.453  -9.558  1.00 46.32  ? 203 HWJ A CAJ 1 
HETATM 1468 C  CAF . HWJ D 3 .   ? -1.195  -2.026  -9.344  1.00 46.89  ? 203 HWJ A CAF 1 
HETATM 1469 C  CAE . HWJ D 3 .   ? -2.140  -2.200  -10.249 1.00 50.71  ? 203 HWJ A CAE 1 
HETATM 1470 N  NAD . HWJ D 3 .   ? -3.451  -2.221  -9.945  1.00 49.91  ? 203 HWJ A NAD 1 
HETATM 1471 N  NAA . HWJ D 3 .   ? -4.038  -2.455  -10.975 1.00 48.44  ? 203 HWJ A NAA 1 
HETATM 1472 N  NAB . HWJ D 3 .   ? -3.132  -2.592  -11.972 1.00 48.73  ? 203 HWJ A NAB 1 
HETATM 1473 N  NAC . HWJ D 3 .   ? -1.955  -2.448  -11.545 1.00 48.00  ? 203 HWJ A NAC 1 
HETATM 1474 O  O   . HOH E 4 .   ? -4.301  -4.278  -8.434  1.00 53.69  ? 301 HOH A O   1 
HETATM 1475 O  O   . HOH E 4 .   ? 7.191   -1.188  -2.677  1.00 28.72  ? 302 HOH A O   1 
HETATM 1476 O  O   . HOH E 4 .   ? -0.074  -4.092  -2.830  1.00 33.28  ? 303 HOH A O   1 
HETATM 1477 O  O   . HOH E 4 .   ? 7.364   2.061   -2.841  1.00 37.57  ? 304 HOH A O   1 
HETATM 1478 O  O   . HOH E 4 .   ? 6.160   -3.648  -4.793  1.00 61.18  ? 305 HOH A O   1 
HETATM 1479 O  O   . HOH E 4 .   ? 2.297   0.709   -8.825  1.00 53.99  ? 306 HOH A O   1 
HETATM 1480 O  O   . HOH E 4 .   ? 1.888   -6.150  -7.076  1.00 55.18  ? 307 HOH A O   1 
HETATM 1481 O  O   . HOH E 4 .   ? -7.114  -2.794  -9.760  1.00 59.36  ? 308 HOH A O   1 
HETATM 1482 O  O   . HOH E 4 .   ? 0.050   3.056   -4.229  1.00 44.11  ? 309 HOH A O   1 
HETATM 1483 O  O   . HOH E 4 .   ? -5.813  -4.268  -4.061  1.00 53.04  ? 310 HOH A O   1 
HETATM 1484 O  O   . HOH E 4 .   ? 2.104   2.457   -5.933  1.00 66.16  ? 311 HOH A O   1 
HETATM 1485 O  O   . HOH E 4 .   ? 6.034   4.217   -7.004  1.00 60.73  ? 312 HOH A O   1 
HETATM 1486 O  O   . HOH E 4 .   ? 1.636   5.468   -5.185  1.00 66.27  ? 313 HOH A O   1 
HETATM 1487 O  O   . HOH E 4 .   ? -2.773  -5.373  -5.750  1.00 57.66  ? 314 HOH A O   1 
HETATM 1488 O  O   . HOH E 4 .   ? 7.519   3.380   -4.999  1.00 36.42  ? 315 HOH A O   1 
HETATM 1489 O  O   . HOH E 4 .   ? 3.859   -4.173  -7.254  1.00 49.86  ? 316 HOH A O   1 
# 
loop_
_pdbx_poly_seq_scheme.asym_id 
_pdbx_poly_seq_scheme.entity_id 
_pdbx_poly_seq_scheme.seq_id 
_pdbx_poly_seq_scheme.mon_id 
_pdbx_poly_seq_scheme.ndb_seq_num 
_pdbx_poly_seq_scheme.pdb_seq_num 
_pdbx_poly_seq_scheme.auth_seq_num 
_pdbx_poly_seq_scheme.pdb_mon_id 
_pdbx_poly_seq_scheme.auth_mon_id 
_pdbx_poly_seq_scheme.pdb_strand_id 
_pdbx_poly_seq_scheme.pdb_ins_code 
_pdbx_poly_seq_scheme.hetero 
A 1 1   MET 1   -5  ?   ?   ?   A . n 
A 1 2   GLY 2   -4  ?   ?   ?   A . n 
A 1 3   SER 3   -3  ?   ?   ?   A . n 
A 1 4   GLY 4   -2  ?   ?   ?   A . n 
A 1 5   MET 5   -1  -1  MET MET A . n 
A 1 6   ALA 6   0   0   ALA ALA A . n 
A 1 7   MET 7   1   1   MET MET A . n 
A 1 8   GLU 8   2   2   GLU GLU A . n 
A 1 9   ASP 9   3   3   ASP ASP A . n 
A 1 10  PHE 10  4   4   PHE PHE A . n 
A 1 11  VAL 11  5   5   VAL VAL A . n 
A 1 12  ARG 12  6   6   ARG ARG A . n 
A 1 13  GLN 13  7   7   GLN GLN A . n 
A 1 14  CYS 14  8   8   CYS CYS A . n 
A 1 15  PHE 15  9   9   PHE PHE A . n 
A 1 16  ASN 16  10  10  ASN ASN A . n 
A 1 17  PRO 17  11  11  PRO PRO A . n 
A 1 18  MET 18  12  12  MET MET A . n 
A 1 19  ILE 19  13  13  ILE ILE A . n 
A 1 20  VAL 20  14  14  VAL VAL A . n 
A 1 21  GLU 21  15  15  GLU GLU A . n 
A 1 22  LEU 22  16  16  LEU LEU A . n 
A 1 23  ALA 23  17  17  ALA ALA A . n 
A 1 24  GLU 24  18  18  GLU GLU A . n 
A 1 25  LYS 25  19  19  LYS LYS A . n 
A 1 26  ALA 26  20  20  ALA ALA A . n 
A 1 27  MET 27  21  21  MET MET A . n 
A 1 28  LYS 28  22  22  LYS LYS A . n 
A 1 29  GLU 29  23  23  GLU GLU A . n 
A 1 30  TYR 30  24  24  TYR TYR A . n 
A 1 31  GLY 31  25  25  GLY GLY A . n 
A 1 32  GLU 32  26  26  GLU GLU A . n 
A 1 33  ASP 33  27  27  ASP ASP A . n 
A 1 34  PRO 34  28  28  PRO PRO A . n 
A 1 35  LYS 35  29  29  LYS LYS A . n 
A 1 36  ILE 36  30  30  ILE ILE A . n 
A 1 37  GLU 37  31  31  GLU GLU A . n 
A 1 38  THR 38  32  32  THR THR A . n 
A 1 39  ASN 39  33  33  ASN ASN A . n 
A 1 40  LYS 40  34  34  LYS LYS A . n 
A 1 41  PHE 41  35  35  PHE PHE A . n 
A 1 42  ALA 42  36  36  ALA ALA A . n 
A 1 43  ALA 43  37  37  ALA ALA A . n 
A 1 44  ILE 44  38  38  ILE ILE A . n 
A 1 45  CYS 45  39  39  CYS CYS A . n 
A 1 46  THR 46  40  40  THR THR A . n 
A 1 47  HIS 47  41  41  HIS HIS A . n 
A 1 48  LEU 48  42  42  LEU LEU A . n 
A 1 49  GLU 49  43  43  GLU GLU A . n 
A 1 50  VAL 50  44  44  VAL VAL A . n 
A 1 51  CYS 51  45  45  CYS CYS A . n 
A 1 52  PHE 52  46  46  PHE PHE A . n 
A 1 53  MET 53  47  47  MET MET A . n 
A 1 54  TYR 54  48  48  TYR TYR A . n 
A 1 55  SER 55  49  49  SER SER A . n 
A 1 56  ASP 56  50  50  ASP ASP A . n 
A 1 57  PHE 57  51  51  PHE PHE A . n 
A 1 58  GLY 58  52  52  GLY GLY A . n 
A 1 59  SER 59  65  ?   ?   ?   A . n 
A 1 60  GLY 60  66  ?   ?   ?   A . n 
A 1 61  ASP 61  67  ?   ?   ?   A . n 
A 1 62  PRO 62  68  ?   ?   ?   A . n 
A 1 63  ASN 63  69  ?   ?   ?   A . n 
A 1 64  ALA 64  70  ?   ?   ?   A . n 
A 1 65  LEU 65  71  ?   ?   ?   A . n 
A 1 66  LEU 66  72  ?   ?   ?   A . n 
A 1 67  LYS 67  73  ?   ?   ?   A . n 
A 1 68  HIS 68  74  74  HIS HIS A . n 
A 1 69  ARG 69  75  75  ARG ARG A . n 
A 1 70  PHE 70  76  76  PHE PHE A . n 
A 1 71  GLU 71  77  77  GLU GLU A . n 
A 1 72  ILE 72  78  78  ILE ILE A . n 
A 1 73  ILE 73  79  79  ILE ILE A . n 
A 1 74  GLU 74  80  80  GLU GLU A . n 
A 1 75  GLY 75  81  81  GLY GLY A . n 
A 1 76  ARG 76  82  82  ARG ARG A . n 
A 1 77  ASP 77  83  83  ASP ASP A . n 
A 1 78  ARG 78  84  84  ARG ARG A . n 
A 1 79  ILE 79  85  85  ILE ILE A . n 
A 1 80  MET 80  86  86  MET MET A . n 
A 1 81  ALA 81  87  87  ALA ALA A . n 
A 1 82  TRP 82  88  88  TRP TRP A . n 
A 1 83  THR 83  89  89  THR THR A . n 
A 1 84  VAL 84  90  90  VAL VAL A . n 
A 1 85  VAL 85  91  91  VAL VAL A . n 
A 1 86  ASN 86  92  92  ASN ASN A . n 
A 1 87  SER 87  93  93  SER SER A . n 
A 1 88  ILE 88  94  94  ILE ILE A . n 
A 1 89  CYS 89  95  95  CYS CYS A . n 
A 1 90  ASN 90  96  96  ASN ASN A . n 
A 1 91  THR 91  97  97  THR THR A . n 
A 1 92  THR 92  98  98  THR THR A . n 
A 1 93  GLY 93  99  99  GLY GLY A . n 
A 1 94  VAL 94  100 100 VAL VAL A . n 
A 1 95  GLU 95  101 101 GLU GLU A . n 
A 1 96  LYS 96  102 102 LYS LYS A . n 
A 1 97  PRO 97  103 103 PRO PRO A . n 
A 1 98  LYS 98  104 104 LYS LYS A . n 
A 1 99  PHE 99  105 105 PHE PHE A . n 
A 1 100 LEU 100 106 106 LEU LEU A . n 
A 1 101 PRO 101 107 107 PRO PRO A . n 
A 1 102 ASP 102 108 108 ASP ASP A . n 
A 1 103 LEU 103 109 109 LEU LEU A . n 
A 1 104 TYR 104 110 110 TYR TYR A . n 
A 1 105 ASP 105 111 111 ASP ASP A . n 
A 1 106 TYR 106 112 112 TYR TYR A . n 
A 1 107 LYS 107 113 113 LYS LYS A . n 
A 1 108 GLU 108 114 114 GLU GLU A . n 
A 1 109 ASN 109 115 115 ASN ASN A . n 
A 1 110 ARG 110 116 116 ARG ARG A . n 
A 1 111 PHE 111 117 117 PHE PHE A . n 
A 1 112 ILE 112 118 118 ILE ILE A . n 
A 1 113 GLU 113 119 119 GLU GLU A . n 
A 1 114 ILE 114 120 120 ILE ILE A . n 
A 1 115 GLY 115 121 121 GLY GLY A . n 
A 1 116 VAL 116 122 122 VAL VAL A . n 
A 1 117 THR 117 123 123 THR THR A . n 
A 1 118 ARG 118 124 124 ARG ARG A . n 
A 1 119 ARG 119 125 125 ARG ARG A . n 
A 1 120 GLU 120 126 126 GLU GLU A . n 
A 1 121 VAL 121 127 127 VAL VAL A . n 
A 1 122 HIS 122 128 128 HIS HIS A . n 
A 1 123 ILE 123 129 129 ILE ILE A . n 
A 1 124 TYR 124 130 130 TYR TYR A . n 
A 1 125 TYR 125 131 131 TYR TYR A . n 
A 1 126 LEU 126 132 132 LEU LEU A . n 
A 1 127 GLU 127 133 133 GLU GLU A . n 
A 1 128 LYS 128 134 134 LYS LYS A . n 
A 1 129 ALA 129 135 135 ALA ALA A . n 
A 1 130 ASN 130 136 136 ASN ASN A . n 
A 1 131 LYS 131 137 137 LYS LYS A . n 
A 1 132 ILE 132 138 138 ILE ILE A . n 
A 1 133 LYS 133 139 ?   ?   ?   A . n 
A 1 134 SER 134 140 ?   ?   ?   A . n 
A 1 135 GLU 135 141 141 GLU GLU A . n 
A 1 136 LYS 136 142 142 LYS LYS A . n 
A 1 137 THR 137 143 143 THR THR A . n 
A 1 138 HIS 138 144 144 HIS HIS A . n 
A 1 139 ILE 139 145 145 ILE ILE A . n 
A 1 140 HIS 140 146 146 HIS HIS A . n 
A 1 141 ILE 141 147 147 ILE ILE A . n 
A 1 142 PHE 142 148 148 PHE PHE A . n 
A 1 143 SER 143 149 149 SER SER A . n 
A 1 144 PHE 144 150 150 PHE PHE A . n 
A 1 145 THR 145 151 151 THR THR A . n 
A 1 146 GLY 146 152 152 GLY GLY A . n 
A 1 147 GLU 147 153 153 GLU GLU A . n 
A 1 148 GLU 148 154 154 GLU GLU A . n 
A 1 149 MET 149 155 155 MET MET A . n 
A 1 150 ALA 150 156 156 ALA ALA A . n 
A 1 151 THR 151 157 157 THR THR A . n 
A 1 152 LYS 152 158 158 LYS LYS A . n 
A 1 153 ALA 153 159 159 ALA ALA A . n 
A 1 154 ASP 154 160 160 ASP ASP A . n 
A 1 155 TYR 155 161 161 TYR TYR A . n 
A 1 156 THR 156 162 162 THR THR A . n 
A 1 157 LEU 157 163 163 LEU LEU A . n 
A 1 158 ASP 158 164 164 ASP ASP A . n 
A 1 159 GLU 159 165 165 GLU GLU A . n 
A 1 160 GLU 160 166 166 GLU GLU A . n 
A 1 161 SER 161 167 167 SER SER A . n 
A 1 162 ARG 162 168 168 ARG ARG A . n 
A 1 163 ALA 163 169 169 ALA ALA A . n 
A 1 164 ARG 164 170 170 ARG ARG A . n 
A 1 165 ILE 165 171 171 ILE ILE A . n 
A 1 166 LYS 166 172 172 LYS LYS A . n 
A 1 167 THR 167 173 173 THR THR A . n 
A 1 168 ARG 168 174 174 ARG ARG A . n 
A 1 169 LEU 169 175 175 LEU LEU A . n 
A 1 170 PHE 170 176 176 PHE PHE A . n 
A 1 171 THR 171 177 177 THR THR A . n 
A 1 172 ILE 172 178 178 ILE ILE A . n 
A 1 173 ARG 173 179 179 ARG ARG A . n 
A 1 174 GLN 174 180 180 GLN GLN A . n 
A 1 175 GLU 175 181 181 GLU GLU A . n 
A 1 176 MET 176 182 182 MET MET A . n 
A 1 177 ALA 177 183 183 ALA ALA A . n 
A 1 178 SER 178 184 184 SER SER A . n 
A 1 179 ARG 179 185 185 ARG ARG A . n 
A 1 180 SER 180 186 186 SER SER A . n 
A 1 181 LEU 181 187 187 LEU LEU A . n 
A 1 182 TRP 182 188 188 TRP TRP A . n 
A 1 183 ASP 183 189 189 ASP ASP A . n 
A 1 184 SER 184 190 190 SER SER A . n 
A 1 185 PHE 185 191 191 PHE PHE A . n 
A 1 186 ARG 186 192 192 ARG ARG A . n 
A 1 187 GLN 187 193 193 GLN GLN A . n 
A 1 188 SER 188 194 194 SER SER A . n 
A 1 189 GLU 189 195 195 GLU GLU A . n 
A 1 190 ARG 190 196 ?   ?   ?   A . n 
A 1 191 GLY 191 197 ?   ?   ?   A . n 
A 1 192 GLU 192 198 ?   ?   ?   A . n 
# 
loop_
_pdbx_nonpoly_scheme.asym_id 
_pdbx_nonpoly_scheme.entity_id 
_pdbx_nonpoly_scheme.mon_id 
_pdbx_nonpoly_scheme.ndb_seq_num 
_pdbx_nonpoly_scheme.pdb_seq_num 
_pdbx_nonpoly_scheme.auth_seq_num 
_pdbx_nonpoly_scheme.pdb_mon_id 
_pdbx_nonpoly_scheme.auth_mon_id 
_pdbx_nonpoly_scheme.pdb_strand_id 
_pdbx_nonpoly_scheme.pdb_ins_code 
B 2 MN  1  201 196 MN  MN  A . 
C 2 MN  1  202 197 MN  MN  A . 
D 3 HWJ 1  203 198 HWJ DRG A . 
E 4 HOH 1  301 213 HOH HOH A . 
E 4 HOH 2  302 203 HOH HOH A . 
E 4 HOH 3  303 199 HOH HOH A . 
E 4 HOH 4  304 204 HOH HOH A . 
E 4 HOH 5  305 207 HOH HOH A . 
E 4 HOH 6  306 208 HOH HOH A . 
E 4 HOH 7  307 200 HOH HOH A . 
E 4 HOH 8  308 214 HOH HOH A . 
E 4 HOH 9  309 209 HOH HOH A . 
E 4 HOH 10 310 202 HOH HOH A . 
E 4 HOH 11 311 210 HOH HOH A . 
E 4 HOH 12 312 205 HOH HOH A . 
E 4 HOH 13 313 211 HOH HOH A . 
E 4 HOH 14 314 201 HOH HOH A . 
E 4 HOH 15 315 206 HOH HOH A . 
E 4 HOH 16 316 212 HOH HOH A . 
# 
_pdbx_struct_assembly.id                   1 
_pdbx_struct_assembly.details              author_and_software_defined_assembly 
_pdbx_struct_assembly.method_details       PISA 
_pdbx_struct_assembly.oligomeric_details   monomeric 
_pdbx_struct_assembly.oligomeric_count     1 
# 
_pdbx_struct_assembly_gen.assembly_id       1 
_pdbx_struct_assembly_gen.oper_expression   1 
_pdbx_struct_assembly_gen.asym_id_list      A,B,C,D,E 
# 
loop_
_pdbx_struct_assembly_prop.biol_id 
_pdbx_struct_assembly_prop.type 
_pdbx_struct_assembly_prop.value 
_pdbx_struct_assembly_prop.details 
1 'ABSA (A^2)' 150  ? 
1 MORE         -7   ? 
1 'SSA (A^2)'  9270 ? 
# 
_pdbx_struct_oper_list.id                   1 
_pdbx_struct_oper_list.type                 'identity operation' 
_pdbx_struct_oper_list.name                 1_555 
_pdbx_struct_oper_list.symmetry_operation   x,y,z 
_pdbx_struct_oper_list.matrix[1][1]         1.0000000000 
_pdbx_struct_oper_list.matrix[1][2]         0.0000000000 
_pdbx_struct_oper_list.matrix[1][3]         0.0000000000 
_pdbx_struct_oper_list.vector[1]            0.0000000000 
_pdbx_struct_oper_list.matrix[2][1]         0.0000000000 
_pdbx_struct_oper_list.matrix[2][2]         1.0000000000 
_pdbx_struct_oper_list.matrix[2][3]         0.0000000000 
_pdbx_struct_oper_list.vector[2]            0.0000000000 
_pdbx_struct_oper_list.matrix[3][1]         0.0000000000 
_pdbx_struct_oper_list.matrix[3][2]         0.0000000000 
_pdbx_struct_oper_list.matrix[3][3]         1.0000000000 
_pdbx_struct_oper_list.vector[3]            0.0000000000 
# 
loop_
_pdbx_struct_conn_angle.id 
_pdbx_struct_conn_angle.ptnr1_label_atom_id 
_pdbx_struct_conn_angle.ptnr1_label_alt_id 
_pdbx_struct_conn_angle.ptnr1_label_asym_id 
_pdbx_struct_conn_angle.ptnr1_label_comp_id 
_pdbx_struct_conn_angle.ptnr1_label_seq_id 
_pdbx_struct_conn_angle.ptnr1_auth_atom_id 
_pdbx_struct_conn_angle.ptnr1_auth_asym_id 
_pdbx_struct_conn_angle.ptnr1_auth_comp_id 
_pdbx_struct_conn_angle.ptnr1_auth_seq_id 
_pdbx_struct_conn_angle.ptnr1_PDB_ins_code 
_pdbx_struct_conn_angle.ptnr1_symmetry 
_pdbx_struct_conn_angle.ptnr2_label_atom_id 
_pdbx_struct_conn_angle.ptnr2_label_alt_id 
_pdbx_struct_conn_angle.ptnr2_label_asym_id 
_pdbx_struct_conn_angle.ptnr2_label_comp_id 
_pdbx_struct_conn_angle.ptnr2_label_seq_id 
_pdbx_struct_conn_angle.ptnr2_auth_atom_id 
_pdbx_struct_conn_angle.ptnr2_auth_asym_id 
_pdbx_struct_conn_angle.ptnr2_auth_comp_id 
_pdbx_struct_conn_angle.ptnr2_auth_seq_id 
_pdbx_struct_conn_angle.ptnr2_PDB_ins_code 
_pdbx_struct_conn_angle.ptnr2_symmetry 
_pdbx_struct_conn_angle.ptnr3_label_atom_id 
_pdbx_struct_conn_angle.ptnr3_label_alt_id 
_pdbx_struct_conn_angle.ptnr3_label_asym_id 
_pdbx_struct_conn_angle.ptnr3_label_comp_id 
_pdbx_struct_conn_angle.ptnr3_label_seq_id 
_pdbx_struct_conn_angle.ptnr3_auth_atom_id 
_pdbx_struct_conn_angle.ptnr3_auth_asym_id 
_pdbx_struct_conn_angle.ptnr3_auth_comp_id 
_pdbx_struct_conn_angle.ptnr3_auth_seq_id 
_pdbx_struct_conn_angle.ptnr3_PDB_ins_code 
_pdbx_struct_conn_angle.ptnr3_symmetry 
_pdbx_struct_conn_angle.value 
_pdbx_struct_conn_angle.value_esd 
1  NE2 ? A HIS 47  ? A HIS 41  ? 1_555 MN ? C MN . ? A MN 202 ? 1_555 OD2 ? A ASP 102 ? A ASP 108 ? 1_555 97.5  ? 
2  NE2 ? A HIS 47  ? A HIS 41  ? 1_555 MN ? C MN . ? A MN 202 ? 1_555 OE2 ? A GLU 113 ? A GLU 119 ? 1_555 169.1 ? 
3  OD2 ? A ASP 102 ? A ASP 108 ? 1_555 MN ? C MN . ? A MN 202 ? 1_555 OE2 ? A GLU 113 ? A GLU 119 ? 1_555 89.4  ? 
4  NE2 ? A HIS 47  ? A HIS 41  ? 1_555 MN ? C MN . ? A MN 202 ? 1_555 O   ? A ILE 114 ? A ILE 120 ? 1_555 82.9  ? 
5  OD2 ? A ASP 102 ? A ASP 108 ? 1_555 MN ? C MN . ? A MN 202 ? 1_555 O   ? A ILE 114 ? A ILE 120 ? 1_555 92.9  ? 
6  OE2 ? A GLU 113 ? A GLU 119 ? 1_555 MN ? C MN . ? A MN 202 ? 1_555 O   ? A ILE 114 ? A ILE 120 ? 1_555 88.3  ? 
7  NE2 ? A HIS 47  ? A HIS 41  ? 1_555 MN ? C MN . ? A MN 202 ? 1_555 OAT ? D HWJ .   ? A HWJ 203 ? 1_555 102.1 ? 
8  OD2 ? A ASP 102 ? A ASP 108 ? 1_555 MN ? C MN . ? A MN 202 ? 1_555 OAT ? D HWJ .   ? A HWJ 203 ? 1_555 100.6 ? 
9  OE2 ? A GLU 113 ? A GLU 119 ? 1_555 MN ? C MN . ? A MN 202 ? 1_555 OAT ? D HWJ .   ? A HWJ 203 ? 1_555 84.8  ? 
10 O   ? A ILE 114 ? A ILE 120 ? 1_555 MN ? C MN . ? A MN 202 ? 1_555 OAT ? D HWJ .   ? A HWJ 203 ? 1_555 164.8 ? 
11 NE2 ? A HIS 47  ? A HIS 41  ? 1_555 MN ? C MN . ? A MN 202 ? 1_555 OAP ? D HWJ .   ? A HWJ 203 ? 1_555 76.6  ? 
12 OD2 ? A ASP 102 ? A ASP 108 ? 1_555 MN ? C MN . ? A MN 202 ? 1_555 OAP ? D HWJ .   ? A HWJ 203 ? 1_555 173.8 ? 
13 OE2 ? A GLU 113 ? A GLU 119 ? 1_555 MN ? C MN . ? A MN 202 ? 1_555 OAP ? D HWJ .   ? A HWJ 203 ? 1_555 96.7  ? 
14 O   ? A ILE 114 ? A ILE 120 ? 1_555 MN ? C MN . ? A MN 202 ? 1_555 OAP ? D HWJ .   ? A HWJ 203 ? 1_555 88.4  ? 
15 OAT ? D HWJ .   ? A HWJ 203 ? 1_555 MN ? C MN . ? A MN 202 ? 1_555 OAP ? D HWJ .   ? A HWJ 203 ? 1_555 79.0  ? 
16 OE2 ? A GLU 74  ? A GLU 80  ? 1_555 MN ? B MN . ? A MN 201 ? 1_555 OD1 ? A ASP 102 ? A ASP 108 ? 1_555 87.9  ? 
17 OE2 ? A GLU 74  ? A GLU 80  ? 1_555 MN ? B MN . ? A MN 201 ? 1_555 OAV ? D HWJ .   ? A HWJ 203 ? 1_555 86.7  ? 
18 OD1 ? A ASP 102 ? A ASP 108 ? 1_555 MN ? B MN . ? A MN 201 ? 1_555 OAV ? D HWJ .   ? A HWJ 203 ? 1_555 170.7 ? 
19 OE2 ? A GLU 74  ? A GLU 80  ? 1_555 MN ? B MN . ? A MN 201 ? 1_555 OAT ? D HWJ .   ? A HWJ 203 ? 1_555 105.7 ? 
20 OD1 ? A ASP 102 ? A ASP 108 ? 1_555 MN ? B MN . ? A MN 201 ? 1_555 OAT ? D HWJ .   ? A HWJ 203 ? 1_555 90.5  ? 
21 OAV ? D HWJ .   ? A HWJ 203 ? 1_555 MN ? B MN . ? A MN 201 ? 1_555 OAT ? D HWJ .   ? A HWJ 203 ? 1_555 83.6  ? 
22 OE2 ? A GLU 74  ? A GLU 80  ? 1_555 MN ? B MN . ? A MN 201 ? 1_555 O   ? E HOH .   ? A HOH 302 ? 1_555 172.0 ? 
23 OD1 ? A ASP 102 ? A ASP 108 ? 1_555 MN ? B MN . ? A MN 201 ? 1_555 O   ? E HOH .   ? A HOH 302 ? 1_555 95.1  ? 
24 OAV ? D HWJ .   ? A HWJ 203 ? 1_555 MN ? B MN . ? A MN 201 ? 1_555 O   ? E HOH .   ? A HOH 302 ? 1_555 91.2  ? 
25 OAT ? D HWJ .   ? A HWJ 203 ? 1_555 MN ? B MN . ? A MN 201 ? 1_555 O   ? E HOH .   ? A HOH 302 ? 1_555 81.7  ? 
26 OE2 ? A GLU 74  ? A GLU 80  ? 1_555 MN ? B MN . ? A MN 201 ? 1_555 O   ? E HOH .   ? A HOH 304 ? 1_555 85.5  ? 
27 OD1 ? A ASP 102 ? A ASP 108 ? 1_555 MN ? B MN . ? A MN 201 ? 1_555 O   ? E HOH .   ? A HOH 304 ? 1_555 95.6  ? 
28 OAV ? D HWJ .   ? A HWJ 203 ? 1_555 MN ? B MN . ? A MN 201 ? 1_555 O   ? E HOH .   ? A HOH 304 ? 1_555 91.6  ? 
29 OAT ? D HWJ .   ? A HWJ 203 ? 1_555 MN ? B MN . ? A MN 201 ? 1_555 O   ? E HOH .   ? A HOH 304 ? 1_555 167.5 ? 
30 O   ? E HOH .   ? A HOH 302 ? 1_555 MN ? B MN . ? A MN 201 ? 1_555 O   ? E HOH .   ? A HOH 304 ? 1_555 86.8  ? 
# 
loop_
_pdbx_audit_revision_history.ordinal 
_pdbx_audit_revision_history.data_content_type 
_pdbx_audit_revision_history.major_revision 
_pdbx_audit_revision_history.minor_revision 
_pdbx_audit_revision_history.revision_date 
1 'Structure model' 1 0 2019-07-31 
2 'Structure model' 1 1 2020-01-01 
3 'Structure model' 1 2 2020-02-12 
4 'Structure model' 1 3 2023-10-11 
# 
_pdbx_audit_revision_details.ordinal             1 
_pdbx_audit_revision_details.revision_ordinal    1 
_pdbx_audit_revision_details.data_content_type   'Structure model' 
_pdbx_audit_revision_details.provider            repository 
_pdbx_audit_revision_details.type                'Initial release' 
_pdbx_audit_revision_details.description         ? 
_pdbx_audit_revision_details.details             ? 
# 
loop_
_pdbx_audit_revision_group.ordinal 
_pdbx_audit_revision_group.revision_ordinal 
_pdbx_audit_revision_group.data_content_type 
_pdbx_audit_revision_group.group 
1 2 'Structure model' 'Author supporting evidence' 
2 3 'Structure model' 'Database references'        
3 4 'Structure model' 'Data collection'            
4 4 'Structure model' 'Database references'        
5 4 'Structure model' 'Derived calculations'       
6 4 'Structure model' 'Refinement description'     
# 
loop_
_pdbx_audit_revision_category.ordinal 
_pdbx_audit_revision_category.revision_ordinal 
_pdbx_audit_revision_category.data_content_type 
_pdbx_audit_revision_category.category 
1 2 'Structure model' pdbx_audit_support            
2 3 'Structure model' citation                      
3 3 'Structure model' citation_author               
4 4 'Structure model' chem_comp_atom                
5 4 'Structure model' chem_comp_bond                
6 4 'Structure model' database_2                    
7 4 'Structure model' pdbx_initial_refinement_model 
8 4 'Structure model' pdbx_struct_conn_angle        
9 4 'Structure model' struct_conn                   
# 
loop_
_pdbx_audit_revision_item.ordinal 
_pdbx_audit_revision_item.revision_ordinal 
_pdbx_audit_revision_item.data_content_type 
_pdbx_audit_revision_item.item 
1  2 'Structure model' '_pdbx_audit_support.funding_organization'    
2  3 'Structure model' '_citation.country'                           
3  3 'Structure model' '_citation.journal_abbrev'                    
4  3 'Structure model' '_citation.journal_id_ASTM'                   
5  3 'Structure model' '_citation.journal_id_CSD'                    
6  3 'Structure model' '_citation.journal_id_ISSN'                   
7  3 'Structure model' '_citation.journal_volume'                    
8  3 'Structure model' '_citation.page_first'                        
9  3 'Structure model' '_citation.page_last'                         
10 3 'Structure model' '_citation.pdbx_database_id_DOI'              
11 3 'Structure model' '_citation.pdbx_database_id_PubMed'           
12 3 'Structure model' '_citation.title'                             
13 3 'Structure model' '_citation.year'                              
14 4 'Structure model' '_database_2.pdbx_DOI'                        
15 4 'Structure model' '_database_2.pdbx_database_accession'         
16 4 'Structure model' '_pdbx_struct_conn_angle.ptnr1_auth_comp_id'  
17 4 'Structure model' '_pdbx_struct_conn_angle.ptnr1_auth_seq_id'   
18 4 'Structure model' '_pdbx_struct_conn_angle.ptnr1_label_asym_id' 
19 4 'Structure model' '_pdbx_struct_conn_angle.ptnr1_label_atom_id' 
20 4 'Structure model' '_pdbx_struct_conn_angle.ptnr1_label_comp_id' 
21 4 'Structure model' '_pdbx_struct_conn_angle.ptnr3_auth_comp_id'  
22 4 'Structure model' '_pdbx_struct_conn_angle.ptnr3_auth_seq_id'   
23 4 'Structure model' '_pdbx_struct_conn_angle.ptnr3_label_asym_id' 
24 4 'Structure model' '_pdbx_struct_conn_angle.ptnr3_label_atom_id' 
25 4 'Structure model' '_pdbx_struct_conn_angle.ptnr3_label_comp_id' 
26 4 'Structure model' '_pdbx_struct_conn_angle.value'               
27 4 'Structure model' '_struct_conn.pdbx_dist_value'                
28 4 'Structure model' '_struct_conn.ptnr2_auth_comp_id'             
29 4 'Structure model' '_struct_conn.ptnr2_auth_seq_id'              
30 4 'Structure model' '_struct_conn.ptnr2_label_asym_id'            
31 4 'Structure model' '_struct_conn.ptnr2_label_atom_id'            
32 4 'Structure model' '_struct_conn.ptnr2_label_comp_id'            
# 
loop_
_software.citation_id 
_software.classification 
_software.compiler_name 
_software.compiler_version 
_software.contact_author 
_software.contact_author_email 
_software.date 
_software.description 
_software.dependencies 
_software.hardware 
_software.language 
_software.location 
_software.mods 
_software.name 
_software.os 
_software.os_version 
_software.type 
_software.version 
_software.pdbx_ordinal 
? refinement       ? ? ? ? ? ? ? ? ? ? ? REFMAC  ? ? ? 5.8.0135 1 
? 'data reduction' ? ? ? ? ? ? ? ? ? ? ? iMOSFLM ? ? ? .        2 
? 'data scaling'   ? ? ? ? ? ? ? ? ? ? ? Aimless ? ? ? .        3 
? phasing          ? ? ? ? ? ? ? ? ? ? ? PHASER  ? ? ? .        4 
# 
loop_
_pdbx_validate_torsion.id 
_pdbx_validate_torsion.PDB_model_num 
_pdbx_validate_torsion.auth_comp_id 
_pdbx_validate_torsion.auth_asym_id 
_pdbx_validate_torsion.auth_seq_id 
_pdbx_validate_torsion.PDB_ins_code 
_pdbx_validate_torsion.label_alt_id 
_pdbx_validate_torsion.phi 
_pdbx_validate_torsion.psi 
1 1 PHE A 51  ? ? -79.11 49.69  
2 1 THR A 162 ? ? 65.57  -57.61 
# 
loop_
_pdbx_unobs_or_zero_occ_residues.id 
_pdbx_unobs_or_zero_occ_residues.PDB_model_num 
_pdbx_unobs_or_zero_occ_residues.polymer_flag 
_pdbx_unobs_or_zero_occ_residues.occupancy_flag 
_pdbx_unobs_or_zero_occ_residues.auth_asym_id 
_pdbx_unobs_or_zero_occ_residues.auth_comp_id 
_pdbx_unobs_or_zero_occ_residues.auth_seq_id 
_pdbx_unobs_or_zero_occ_residues.PDB_ins_code 
_pdbx_unobs_or_zero_occ_residues.label_asym_id 
_pdbx_unobs_or_zero_occ_residues.label_comp_id 
_pdbx_unobs_or_zero_occ_residues.label_seq_id 
1  1 Y 1 A MET -5  ? A MET 1   
2  1 Y 1 A GLY -4  ? A GLY 2   
3  1 Y 1 A SER -3  ? A SER 3   
4  1 Y 1 A GLY -2  ? A GLY 4   
5  1 Y 1 A SER 65  ? A SER 59  
6  1 Y 1 A GLY 66  ? A GLY 60  
7  1 Y 1 A ASP 67  ? A ASP 61  
8  1 Y 1 A PRO 68  ? A PRO 62  
9  1 Y 1 A ASN 69  ? A ASN 63  
10 1 Y 1 A ALA 70  ? A ALA 64  
11 1 Y 1 A LEU 71  ? A LEU 65  
12 1 Y 1 A LEU 72  ? A LEU 66  
13 1 Y 1 A LYS 73  ? A LYS 67  
14 1 Y 1 A LYS 139 ? A LYS 133 
15 1 Y 1 A SER 140 ? A SER 134 
16 1 Y 1 A ARG 196 ? A ARG 190 
17 1 Y 1 A GLY 197 ? A GLY 191 
18 1 Y 1 A GLU 198 ? A GLU 192 
# 
loop_
_chem_comp_atom.comp_id 
_chem_comp_atom.atom_id 
_chem_comp_atom.type_symbol 
_chem_comp_atom.pdbx_aromatic_flag 
_chem_comp_atom.pdbx_stereo_config 
_chem_comp_atom.pdbx_ordinal 
ALA N    N  N N 1   
ALA CA   C  N S 2   
ALA C    C  N N 3   
ALA O    O  N N 4   
ALA CB   C  N N 5   
ALA OXT  O  N N 6   
ALA H    H  N N 7   
ALA H2   H  N N 8   
ALA HA   H  N N 9   
ALA HB1  H  N N 10  
ALA HB2  H  N N 11  
ALA HB3  H  N N 12  
ALA HXT  H  N N 13  
ARG N    N  N N 14  
ARG CA   C  N S 15  
ARG C    C  N N 16  
ARG O    O  N N 17  
ARG CB   C  N N 18  
ARG CG   C  N N 19  
ARG CD   C  N N 20  
ARG NE   N  N N 21  
ARG CZ   C  N N 22  
ARG NH1  N  N N 23  
ARG NH2  N  N N 24  
ARG OXT  O  N N 25  
ARG H    H  N N 26  
ARG H2   H  N N 27  
ARG HA   H  N N 28  
ARG HB2  H  N N 29  
ARG HB3  H  N N 30  
ARG HG2  H  N N 31  
ARG HG3  H  N N 32  
ARG HD2  H  N N 33  
ARG HD3  H  N N 34  
ARG HE   H  N N 35  
ARG HH11 H  N N 36  
ARG HH12 H  N N 37  
ARG HH21 H  N N 38  
ARG HH22 H  N N 39  
ARG HXT  H  N N 40  
ASN N    N  N N 41  
ASN CA   C  N S 42  
ASN C    C  N N 43  
ASN O    O  N N 44  
ASN CB   C  N N 45  
ASN CG   C  N N 46  
ASN OD1  O  N N 47  
ASN ND2  N  N N 48  
ASN OXT  O  N N 49  
ASN H    H  N N 50  
ASN H2   H  N N 51  
ASN HA   H  N N 52  
ASN HB2  H  N N 53  
ASN HB3  H  N N 54  
ASN HD21 H  N N 55  
ASN HD22 H  N N 56  
ASN HXT  H  N N 57  
ASP N    N  N N 58  
ASP CA   C  N S 59  
ASP C    C  N N 60  
ASP O    O  N N 61  
ASP CB   C  N N 62  
ASP CG   C  N N 63  
ASP OD1  O  N N 64  
ASP OD2  O  N N 65  
ASP OXT  O  N N 66  
ASP H    H  N N 67  
ASP H2   H  N N 68  
ASP HA   H  N N 69  
ASP HB2  H  N N 70  
ASP HB3  H  N N 71  
ASP HD2  H  N N 72  
ASP HXT  H  N N 73  
CYS N    N  N N 74  
CYS CA   C  N R 75  
CYS C    C  N N 76  
CYS O    O  N N 77  
CYS CB   C  N N 78  
CYS SG   S  N N 79  
CYS OXT  O  N N 80  
CYS H    H  N N 81  
CYS H2   H  N N 82  
CYS HA   H  N N 83  
CYS HB2  H  N N 84  
CYS HB3  H  N N 85  
CYS HG   H  N N 86  
CYS HXT  H  N N 87  
GLN N    N  N N 88  
GLN CA   C  N S 89  
GLN C    C  N N 90  
GLN O    O  N N 91  
GLN CB   C  N N 92  
GLN CG   C  N N 93  
GLN CD   C  N N 94  
GLN OE1  O  N N 95  
GLN NE2  N  N N 96  
GLN OXT  O  N N 97  
GLN H    H  N N 98  
GLN H2   H  N N 99  
GLN HA   H  N N 100 
GLN HB2  H  N N 101 
GLN HB3  H  N N 102 
GLN HG2  H  N N 103 
GLN HG3  H  N N 104 
GLN HE21 H  N N 105 
GLN HE22 H  N N 106 
GLN HXT  H  N N 107 
GLU N    N  N N 108 
GLU CA   C  N S 109 
GLU C    C  N N 110 
GLU O    O  N N 111 
GLU CB   C  N N 112 
GLU CG   C  N N 113 
GLU CD   C  N N 114 
GLU OE1  O  N N 115 
GLU OE2  O  N N 116 
GLU OXT  O  N N 117 
GLU H    H  N N 118 
GLU H2   H  N N 119 
GLU HA   H  N N 120 
GLU HB2  H  N N 121 
GLU HB3  H  N N 122 
GLU HG2  H  N N 123 
GLU HG3  H  N N 124 
GLU HE2  H  N N 125 
GLU HXT  H  N N 126 
GLY N    N  N N 127 
GLY CA   C  N N 128 
GLY C    C  N N 129 
GLY O    O  N N 130 
GLY OXT  O  N N 131 
GLY H    H  N N 132 
GLY H2   H  N N 133 
GLY HA2  H  N N 134 
GLY HA3  H  N N 135 
GLY HXT  H  N N 136 
HIS N    N  N N 137 
HIS CA   C  N S 138 
HIS C    C  N N 139 
HIS O    O  N N 140 
HIS CB   C  N N 141 
HIS CG   C  Y N 142 
HIS ND1  N  Y N 143 
HIS CD2  C  Y N 144 
HIS CE1  C  Y N 145 
HIS NE2  N  Y N 146 
HIS OXT  O  N N 147 
HIS H    H  N N 148 
HIS H2   H  N N 149 
HIS HA   H  N N 150 
HIS HB2  H  N N 151 
HIS HB3  H  N N 152 
HIS HD1  H  N N 153 
HIS HD2  H  N N 154 
HIS HE1  H  N N 155 
HIS HE2  H  N N 156 
HIS HXT  H  N N 157 
HOH O    O  N N 158 
HOH H1   H  N N 159 
HOH H2   H  N N 160 
HWJ OAV  O  N N 161 
HWJ CAU  C  N N 162 
HWJ OAW  O  N N 163 
HWJ CAR  C  N N 164 
HWJ NAQ  N  N N 165 
HWJ CAS  C  N N 166 
HWJ OAT  O  N N 167 
HWJ CAO  C  N N 168 
HWJ OAP  O  N N 169 
HWJ CAN  C  N N 170 
HWJ CAM  C  N N 171 
HWJ CAL  C  Y N 172 
HWJ CAH  C  Y N 173 
HWJ CAI  C  N N 174 
HWJ CAG  C  Y N 175 
HWJ CAK  C  Y N 176 
HWJ CAJ  C  Y N 177 
HWJ CAF  C  Y N 178 
HWJ CAE  C  Y N 179 
HWJ NAD  N  Y N 180 
HWJ NAA  N  Y N 181 
HWJ NAB  N  Y N 182 
HWJ NAC  N  Y N 183 
HWJ H1   H  N N 184 
HWJ H2   H  N N 185 
HWJ H3   H  N N 186 
HWJ H5   H  N N 187 
HWJ H6   H  N N 188 
HWJ H7   H  N N 189 
HWJ H8   H  N N 190 
HWJ H9   H  N N 191 
HWJ H10  H  N N 192 
HWJ H11  H  N N 193 
HWJ H12  H  N N 194 
ILE N    N  N N 195 
ILE CA   C  N S 196 
ILE C    C  N N 197 
ILE O    O  N N 198 
ILE CB   C  N S 199 
ILE CG1  C  N N 200 
ILE CG2  C  N N 201 
ILE CD1  C  N N 202 
ILE OXT  O  N N 203 
ILE H    H  N N 204 
ILE H2   H  N N 205 
ILE HA   H  N N 206 
ILE HB   H  N N 207 
ILE HG12 H  N N 208 
ILE HG13 H  N N 209 
ILE HG21 H  N N 210 
ILE HG22 H  N N 211 
ILE HG23 H  N N 212 
ILE HD11 H  N N 213 
ILE HD12 H  N N 214 
ILE HD13 H  N N 215 
ILE HXT  H  N N 216 
LEU N    N  N N 217 
LEU CA   C  N S 218 
LEU C    C  N N 219 
LEU O    O  N N 220 
LEU CB   C  N N 221 
LEU CG   C  N N 222 
LEU CD1  C  N N 223 
LEU CD2  C  N N 224 
LEU OXT  O  N N 225 
LEU H    H  N N 226 
LEU H2   H  N N 227 
LEU HA   H  N N 228 
LEU HB2  H  N N 229 
LEU HB3  H  N N 230 
LEU HG   H  N N 231 
LEU HD11 H  N N 232 
LEU HD12 H  N N 233 
LEU HD13 H  N N 234 
LEU HD21 H  N N 235 
LEU HD22 H  N N 236 
LEU HD23 H  N N 237 
LEU HXT  H  N N 238 
LYS N    N  N N 239 
LYS CA   C  N S 240 
LYS C    C  N N 241 
LYS O    O  N N 242 
LYS CB   C  N N 243 
LYS CG   C  N N 244 
LYS CD   C  N N 245 
LYS CE   C  N N 246 
LYS NZ   N  N N 247 
LYS OXT  O  N N 248 
LYS H    H  N N 249 
LYS H2   H  N N 250 
LYS HA   H  N N 251 
LYS HB2  H  N N 252 
LYS HB3  H  N N 253 
LYS HG2  H  N N 254 
LYS HG3  H  N N 255 
LYS HD2  H  N N 256 
LYS HD3  H  N N 257 
LYS HE2  H  N N 258 
LYS HE3  H  N N 259 
LYS HZ1  H  N N 260 
LYS HZ2  H  N N 261 
LYS HZ3  H  N N 262 
LYS HXT  H  N N 263 
MET N    N  N N 264 
MET CA   C  N S 265 
MET C    C  N N 266 
MET O    O  N N 267 
MET CB   C  N N 268 
MET CG   C  N N 269 
MET SD   S  N N 270 
MET CE   C  N N 271 
MET OXT  O  N N 272 
MET H    H  N N 273 
MET H2   H  N N 274 
MET HA   H  N N 275 
MET HB2  H  N N 276 
MET HB3  H  N N 277 
MET HG2  H  N N 278 
MET HG3  H  N N 279 
MET HE1  H  N N 280 
MET HE2  H  N N 281 
MET HE3  H  N N 282 
MET HXT  H  N N 283 
MN  MN   MN N N 284 
PHE N    N  N N 285 
PHE CA   C  N S 286 
PHE C    C  N N 287 
PHE O    O  N N 288 
PHE CB   C  N N 289 
PHE CG   C  Y N 290 
PHE CD1  C  Y N 291 
PHE CD2  C  Y N 292 
PHE CE1  C  Y N 293 
PHE CE2  C  Y N 294 
PHE CZ   C  Y N 295 
PHE OXT  O  N N 296 
PHE H    H  N N 297 
PHE H2   H  N N 298 
PHE HA   H  N N 299 
PHE HB2  H  N N 300 
PHE HB3  H  N N 301 
PHE HD1  H  N N 302 
PHE HD2  H  N N 303 
PHE HE1  H  N N 304 
PHE HE2  H  N N 305 
PHE HZ   H  N N 306 
PHE HXT  H  N N 307 
PRO N    N  N N 308 
PRO CA   C  N S 309 
PRO C    C  N N 310 
PRO O    O  N N 311 
PRO CB   C  N N 312 
PRO CG   C  N N 313 
PRO CD   C  N N 314 
PRO OXT  O  N N 315 
PRO H    H  N N 316 
PRO HA   H  N N 317 
PRO HB2  H  N N 318 
PRO HB3  H  N N 319 
PRO HG2  H  N N 320 
PRO HG3  H  N N 321 
PRO HD2  H  N N 322 
PRO HD3  H  N N 323 
PRO HXT  H  N N 324 
SER N    N  N N 325 
SER CA   C  N S 326 
SER C    C  N N 327 
SER O    O  N N 328 
SER CB   C  N N 329 
SER OG   O  N N 330 
SER OXT  O  N N 331 
SER H    H  N N 332 
SER H2   H  N N 333 
SER HA   H  N N 334 
SER HB2  H  N N 335 
SER HB3  H  N N 336 
SER HG   H  N N 337 
SER HXT  H  N N 338 
THR N    N  N N 339 
THR CA   C  N S 340 
THR C    C  N N 341 
THR O    O  N N 342 
THR CB   C  N R 343 
THR OG1  O  N N 344 
THR CG2  C  N N 345 
THR OXT  O  N N 346 
THR H    H  N N 347 
THR H2   H  N N 348 
THR HA   H  N N 349 
THR HB   H  N N 350 
THR HG1  H  N N 351 
THR HG21 H  N N 352 
THR HG22 H  N N 353 
THR HG23 H  N N 354 
THR HXT  H  N N 355 
TRP N    N  N N 356 
TRP CA   C  N S 357 
TRP C    C  N N 358 
TRP O    O  N N 359 
TRP CB   C  N N 360 
TRP CG   C  Y N 361 
TRP CD1  C  Y N 362 
TRP CD2  C  Y N 363 
TRP NE1  N  Y N 364 
TRP CE2  C  Y N 365 
TRP CE3  C  Y N 366 
TRP CZ2  C  Y N 367 
TRP CZ3  C  Y N 368 
TRP CH2  C  Y N 369 
TRP OXT  O  N N 370 
TRP H    H  N N 371 
TRP H2   H  N N 372 
TRP HA   H  N N 373 
TRP HB2  H  N N 374 
TRP HB3  H  N N 375 
TRP HD1  H  N N 376 
TRP HE1  H  N N 377 
TRP HE3  H  N N 378 
TRP HZ2  H  N N 379 
TRP HZ3  H  N N 380 
TRP HH2  H  N N 381 
TRP HXT  H  N N 382 
TYR N    N  N N 383 
TYR CA   C  N S 384 
TYR C    C  N N 385 
TYR O    O  N N 386 
TYR CB   C  N N 387 
TYR CG   C  Y N 388 
TYR CD1  C  Y N 389 
TYR CD2  C  Y N 390 
TYR CE1  C  Y N 391 
TYR CE2  C  Y N 392 
TYR CZ   C  Y N 393 
TYR OH   O  N N 394 
TYR OXT  O  N N 395 
TYR H    H  N N 396 
TYR H2   H  N N 397 
TYR HA   H  N N 398 
TYR HB2  H  N N 399 
TYR HB3  H  N N 400 
TYR HD1  H  N N 401 
TYR HD2  H  N N 402 
TYR HE1  H  N N 403 
TYR HE2  H  N N 404 
TYR HH   H  N N 405 
TYR HXT  H  N N 406 
VAL N    N  N N 407 
VAL CA   C  N S 408 
VAL C    C  N N 409 
VAL O    O  N N 410 
VAL CB   C  N N 411 
VAL CG1  C  N N 412 
VAL CG2  C  N N 413 
VAL OXT  O  N N 414 
VAL H    H  N N 415 
VAL H2   H  N N 416 
VAL HA   H  N N 417 
VAL HB   H  N N 418 
VAL HG11 H  N N 419 
VAL HG12 H  N N 420 
VAL HG13 H  N N 421 
VAL HG21 H  N N 422 
VAL HG22 H  N N 423 
VAL HG23 H  N N 424 
VAL HXT  H  N N 425 
# 
loop_
_chem_comp_bond.comp_id 
_chem_comp_bond.atom_id_1 
_chem_comp_bond.atom_id_2 
_chem_comp_bond.value_order 
_chem_comp_bond.pdbx_aromatic_flag 
_chem_comp_bond.pdbx_stereo_config 
_chem_comp_bond.pdbx_ordinal 
ALA N   CA   sing N N 1   
ALA N   H    sing N N 2   
ALA N   H2   sing N N 3   
ALA CA  C    sing N N 4   
ALA CA  CB   sing N N 5   
ALA CA  HA   sing N N 6   
ALA C   O    doub N N 7   
ALA C   OXT  sing N N 8   
ALA CB  HB1  sing N N 9   
ALA CB  HB2  sing N N 10  
ALA CB  HB3  sing N N 11  
ALA OXT HXT  sing N N 12  
ARG N   CA   sing N N 13  
ARG N   H    sing N N 14  
ARG N   H2   sing N N 15  
ARG CA  C    sing N N 16  
ARG CA  CB   sing N N 17  
ARG CA  HA   sing N N 18  
ARG C   O    doub N N 19  
ARG C   OXT  sing N N 20  
ARG CB  CG   sing N N 21  
ARG CB  HB2  sing N N 22  
ARG CB  HB3  sing N N 23  
ARG CG  CD   sing N N 24  
ARG CG  HG2  sing N N 25  
ARG CG  HG3  sing N N 26  
ARG CD  NE   sing N N 27  
ARG CD  HD2  sing N N 28  
ARG CD  HD3  sing N N 29  
ARG NE  CZ   sing N N 30  
ARG NE  HE   sing N N 31  
ARG CZ  NH1  sing N N 32  
ARG CZ  NH2  doub N N 33  
ARG NH1 HH11 sing N N 34  
ARG NH1 HH12 sing N N 35  
ARG NH2 HH21 sing N N 36  
ARG NH2 HH22 sing N N 37  
ARG OXT HXT  sing N N 38  
ASN N   CA   sing N N 39  
ASN N   H    sing N N 40  
ASN N   H2   sing N N 41  
ASN CA  C    sing N N 42  
ASN CA  CB   sing N N 43  
ASN CA  HA   sing N N 44  
ASN C   O    doub N N 45  
ASN C   OXT  sing N N 46  
ASN CB  CG   sing N N 47  
ASN CB  HB2  sing N N 48  
ASN CB  HB3  sing N N 49  
ASN CG  OD1  doub N N 50  
ASN CG  ND2  sing N N 51  
ASN ND2 HD21 sing N N 52  
ASN ND2 HD22 sing N N 53  
ASN OXT HXT  sing N N 54  
ASP N   CA   sing N N 55  
ASP N   H    sing N N 56  
ASP N   H2   sing N N 57  
ASP CA  C    sing N N 58  
ASP CA  CB   sing N N 59  
ASP CA  HA   sing N N 60  
ASP C   O    doub N N 61  
ASP C   OXT  sing N N 62  
ASP CB  CG   sing N N 63  
ASP CB  HB2  sing N N 64  
ASP CB  HB3  sing N N 65  
ASP CG  OD1  doub N N 66  
ASP CG  OD2  sing N N 67  
ASP OD2 HD2  sing N N 68  
ASP OXT HXT  sing N N 69  
CYS N   CA   sing N N 70  
CYS N   H    sing N N 71  
CYS N   H2   sing N N 72  
CYS CA  C    sing N N 73  
CYS CA  CB   sing N N 74  
CYS CA  HA   sing N N 75  
CYS C   O    doub N N 76  
CYS C   OXT  sing N N 77  
CYS CB  SG   sing N N 78  
CYS CB  HB2  sing N N 79  
CYS CB  HB3  sing N N 80  
CYS SG  HG   sing N N 81  
CYS OXT HXT  sing N N 82  
GLN N   CA   sing N N 83  
GLN N   H    sing N N 84  
GLN N   H2   sing N N 85  
GLN CA  C    sing N N 86  
GLN CA  CB   sing N N 87  
GLN CA  HA   sing N N 88  
GLN C   O    doub N N 89  
GLN C   OXT  sing N N 90  
GLN CB  CG   sing N N 91  
GLN CB  HB2  sing N N 92  
GLN CB  HB3  sing N N 93  
GLN CG  CD   sing N N 94  
GLN CG  HG2  sing N N 95  
GLN CG  HG3  sing N N 96  
GLN CD  OE1  doub N N 97  
GLN CD  NE2  sing N N 98  
GLN NE2 HE21 sing N N 99  
GLN NE2 HE22 sing N N 100 
GLN OXT HXT  sing N N 101 
GLU N   CA   sing N N 102 
GLU N   H    sing N N 103 
GLU N   H2   sing N N 104 
GLU CA  C    sing N N 105 
GLU CA  CB   sing N N 106 
GLU CA  HA   sing N N 107 
GLU C   O    doub N N 108 
GLU C   OXT  sing N N 109 
GLU CB  CG   sing N N 110 
GLU CB  HB2  sing N N 111 
GLU CB  HB3  sing N N 112 
GLU CG  CD   sing N N 113 
GLU CG  HG2  sing N N 114 
GLU CG  HG3  sing N N 115 
GLU CD  OE1  doub N N 116 
GLU CD  OE2  sing N N 117 
GLU OE2 HE2  sing N N 118 
GLU OXT HXT  sing N N 119 
GLY N   CA   sing N N 120 
GLY N   H    sing N N 121 
GLY N   H2   sing N N 122 
GLY CA  C    sing N N 123 
GLY CA  HA2  sing N N 124 
GLY CA  HA3  sing N N 125 
GLY C   O    doub N N 126 
GLY C   OXT  sing N N 127 
GLY OXT HXT  sing N N 128 
HIS N   CA   sing N N 129 
HIS N   H    sing N N 130 
HIS N   H2   sing N N 131 
HIS CA  C    sing N N 132 
HIS CA  CB   sing N N 133 
HIS CA  HA   sing N N 134 
HIS C   O    doub N N 135 
HIS C   OXT  sing N N 136 
HIS CB  CG   sing N N 137 
HIS CB  HB2  sing N N 138 
HIS CB  HB3  sing N N 139 
HIS CG  ND1  sing Y N 140 
HIS CG  CD2  doub Y N 141 
HIS ND1 CE1  doub Y N 142 
HIS ND1 HD1  sing N N 143 
HIS CD2 NE2  sing Y N 144 
HIS CD2 HD2  sing N N 145 
HIS CE1 NE2  sing Y N 146 
HIS CE1 HE1  sing N N 147 
HIS NE2 HE2  sing N N 148 
HIS OXT HXT  sing N N 149 
HOH O   H1   sing N N 150 
HOH O   H2   sing N N 151 
HWJ OAP CAO  doub N N 152 
HWJ OAT CAS  sing N N 153 
HWJ CAO CAS  sing N N 154 
HWJ CAO CAN  sing N N 155 
HWJ CAS CAR  doub N N 156 
HWJ CAN CAM  doub N N 157 
HWJ OAV CAU  doub N N 158 
HWJ CAR CAU  sing N N 159 
HWJ CAR NAQ  sing N N 160 
HWJ CAI CAH  sing N N 161 
HWJ CAM NAQ  sing N N 162 
HWJ CAM CAL  sing N N 163 
HWJ CAU OAW  sing N N 164 
HWJ CAH CAL  doub Y N 165 
HWJ CAH CAG  sing Y N 166 
HWJ CAL CAK  sing Y N 167 
HWJ CAG CAF  doub Y N 168 
HWJ CAK CAJ  doub Y N 169 
HWJ CAF CAJ  sing Y N 170 
HWJ CAF CAE  sing N N 171 
HWJ NAD CAE  sing Y N 172 
HWJ NAD NAA  sing Y N 173 
HWJ CAE NAC  doub Y N 174 
HWJ NAA NAB  doub Y N 175 
HWJ NAC NAB  sing Y N 176 
HWJ OAW H1   sing N N 177 
HWJ OAT H2   sing N N 178 
HWJ CAN H3   sing N N 179 
HWJ CAI H5   sing N N 180 
HWJ CAI H6   sing N N 181 
HWJ CAI H7   sing N N 182 
HWJ CAG H8   sing N N 183 
HWJ CAK H9   sing N N 184 
HWJ CAJ H10  sing N N 185 
HWJ NAD H11  sing N N 186 
HWJ NAQ H12  sing N N 187 
ILE N   CA   sing N N 188 
ILE N   H    sing N N 189 
ILE N   H2   sing N N 190 
ILE CA  C    sing N N 191 
ILE CA  CB   sing N N 192 
ILE CA  HA   sing N N 193 
ILE C   O    doub N N 194 
ILE C   OXT  sing N N 195 
ILE CB  CG1  sing N N 196 
ILE CB  CG2  sing N N 197 
ILE CB  HB   sing N N 198 
ILE CG1 CD1  sing N N 199 
ILE CG1 HG12 sing N N 200 
ILE CG1 HG13 sing N N 201 
ILE CG2 HG21 sing N N 202 
ILE CG2 HG22 sing N N 203 
ILE CG2 HG23 sing N N 204 
ILE CD1 HD11 sing N N 205 
ILE CD1 HD12 sing N N 206 
ILE CD1 HD13 sing N N 207 
ILE OXT HXT  sing N N 208 
LEU N   CA   sing N N 209 
LEU N   H    sing N N 210 
LEU N   H2   sing N N 211 
LEU CA  C    sing N N 212 
LEU CA  CB   sing N N 213 
LEU CA  HA   sing N N 214 
LEU C   O    doub N N 215 
LEU C   OXT  sing N N 216 
LEU CB  CG   sing N N 217 
LEU CB  HB2  sing N N 218 
LEU CB  HB3  sing N N 219 
LEU CG  CD1  sing N N 220 
LEU CG  CD2  sing N N 221 
LEU CG  HG   sing N N 222 
LEU CD1 HD11 sing N N 223 
LEU CD1 HD12 sing N N 224 
LEU CD1 HD13 sing N N 225 
LEU CD2 HD21 sing N N 226 
LEU CD2 HD22 sing N N 227 
LEU CD2 HD23 sing N N 228 
LEU OXT HXT  sing N N 229 
LYS N   CA   sing N N 230 
LYS N   H    sing N N 231 
LYS N   H2   sing N N 232 
LYS CA  C    sing N N 233 
LYS CA  CB   sing N N 234 
LYS CA  HA   sing N N 235 
LYS C   O    doub N N 236 
LYS C   OXT  sing N N 237 
LYS CB  CG   sing N N 238 
LYS CB  HB2  sing N N 239 
LYS CB  HB3  sing N N 240 
LYS CG  CD   sing N N 241 
LYS CG  HG2  sing N N 242 
LYS CG  HG3  sing N N 243 
LYS CD  CE   sing N N 244 
LYS CD  HD2  sing N N 245 
LYS CD  HD3  sing N N 246 
LYS CE  NZ   sing N N 247 
LYS CE  HE2  sing N N 248 
LYS CE  HE3  sing N N 249 
LYS NZ  HZ1  sing N N 250 
LYS NZ  HZ2  sing N N 251 
LYS NZ  HZ3  sing N N 252 
LYS OXT HXT  sing N N 253 
MET N   CA   sing N N 254 
MET N   H    sing N N 255 
MET N   H2   sing N N 256 
MET CA  C    sing N N 257 
MET CA  CB   sing N N 258 
MET CA  HA   sing N N 259 
MET C   O    doub N N 260 
MET C   OXT  sing N N 261 
MET CB  CG   sing N N 262 
MET CB  HB2  sing N N 263 
MET CB  HB3  sing N N 264 
MET CG  SD   sing N N 265 
MET CG  HG2  sing N N 266 
MET CG  HG3  sing N N 267 
MET SD  CE   sing N N 268 
MET CE  HE1  sing N N 269 
MET CE  HE2  sing N N 270 
MET CE  HE3  sing N N 271 
MET OXT HXT  sing N N 272 
PHE N   CA   sing N N 273 
PHE N   H    sing N N 274 
PHE N   H2   sing N N 275 
PHE CA  C    sing N N 276 
PHE CA  CB   sing N N 277 
PHE CA  HA   sing N N 278 
PHE C   O    doub N N 279 
PHE C   OXT  sing N N 280 
PHE CB  CG   sing N N 281 
PHE CB  HB2  sing N N 282 
PHE CB  HB3  sing N N 283 
PHE CG  CD1  doub Y N 284 
PHE CG  CD2  sing Y N 285 
PHE CD1 CE1  sing Y N 286 
PHE CD1 HD1  sing N N 287 
PHE CD2 CE2  doub Y N 288 
PHE CD2 HD2  sing N N 289 
PHE CE1 CZ   doub Y N 290 
PHE CE1 HE1  sing N N 291 
PHE CE2 CZ   sing Y N 292 
PHE CE2 HE2  sing N N 293 
PHE CZ  HZ   sing N N 294 
PHE OXT HXT  sing N N 295 
PRO N   CA   sing N N 296 
PRO N   CD   sing N N 297 
PRO N   H    sing N N 298 
PRO CA  C    sing N N 299 
PRO CA  CB   sing N N 300 
PRO CA  HA   sing N N 301 
PRO C   O    doub N N 302 
PRO C   OXT  sing N N 303 
PRO CB  CG   sing N N 304 
PRO CB  HB2  sing N N 305 
PRO CB  HB3  sing N N 306 
PRO CG  CD   sing N N 307 
PRO CG  HG2  sing N N 308 
PRO CG  HG3  sing N N 309 
PRO CD  HD2  sing N N 310 
PRO CD  HD3  sing N N 311 
PRO OXT HXT  sing N N 312 
SER N   CA   sing N N 313 
SER N   H    sing N N 314 
SER N   H2   sing N N 315 
SER CA  C    sing N N 316 
SER CA  CB   sing N N 317 
SER CA  HA   sing N N 318 
SER C   O    doub N N 319 
SER C   OXT  sing N N 320 
SER CB  OG   sing N N 321 
SER CB  HB2  sing N N 322 
SER CB  HB3  sing N N 323 
SER OG  HG   sing N N 324 
SER OXT HXT  sing N N 325 
THR N   CA   sing N N 326 
THR N   H    sing N N 327 
THR N   H2   sing N N 328 
THR CA  C    sing N N 329 
THR CA  CB   sing N N 330 
THR CA  HA   sing N N 331 
THR C   O    doub N N 332 
THR C   OXT  sing N N 333 
THR CB  OG1  sing N N 334 
THR CB  CG2  sing N N 335 
THR CB  HB   sing N N 336 
THR OG1 HG1  sing N N 337 
THR CG2 HG21 sing N N 338 
THR CG2 HG22 sing N N 339 
THR CG2 HG23 sing N N 340 
THR OXT HXT  sing N N 341 
TRP N   CA   sing N N 342 
TRP N   H    sing N N 343 
TRP N   H2   sing N N 344 
TRP CA  C    sing N N 345 
TRP CA  CB   sing N N 346 
TRP CA  HA   sing N N 347 
TRP C   O    doub N N 348 
TRP C   OXT  sing N N 349 
TRP CB  CG   sing N N 350 
TRP CB  HB2  sing N N 351 
TRP CB  HB3  sing N N 352 
TRP CG  CD1  doub Y N 353 
TRP CG  CD2  sing Y N 354 
TRP CD1 NE1  sing Y N 355 
TRP CD1 HD1  sing N N 356 
TRP CD2 CE2  doub Y N 357 
TRP CD2 CE3  sing Y N 358 
TRP NE1 CE2  sing Y N 359 
TRP NE1 HE1  sing N N 360 
TRP CE2 CZ2  sing Y N 361 
TRP CE3 CZ3  doub Y N 362 
TRP CE3 HE3  sing N N 363 
TRP CZ2 CH2  doub Y N 364 
TRP CZ2 HZ2  sing N N 365 
TRP CZ3 CH2  sing Y N 366 
TRP CZ3 HZ3  sing N N 367 
TRP CH2 HH2  sing N N 368 
TRP OXT HXT  sing N N 369 
TYR N   CA   sing N N 370 
TYR N   H    sing N N 371 
TYR N   H2   sing N N 372 
TYR CA  C    sing N N 373 
TYR CA  CB   sing N N 374 
TYR CA  HA   sing N N 375 
TYR C   O    doub N N 376 
TYR C   OXT  sing N N 377 
TYR CB  CG   sing N N 378 
TYR CB  HB2  sing N N 379 
TYR CB  HB3  sing N N 380 
TYR CG  CD1  doub Y N 381 
TYR CG  CD2  sing Y N 382 
TYR CD1 CE1  sing Y N 383 
TYR CD1 HD1  sing N N 384 
TYR CD2 CE2  doub Y N 385 
TYR CD2 HD2  sing N N 386 
TYR CE1 CZ   doub Y N 387 
TYR CE1 HE1  sing N N 388 
TYR CE2 CZ   sing Y N 389 
TYR CE2 HE2  sing N N 390 
TYR CZ  OH   sing N N 391 
TYR OH  HH   sing N N 392 
TYR OXT HXT  sing N N 393 
VAL N   CA   sing N N 394 
VAL N   H    sing N N 395 
VAL N   H2   sing N N 396 
VAL CA  C    sing N N 397 
VAL CA  CB   sing N N 398 
VAL CA  HA   sing N N 399 
VAL C   O    doub N N 400 
VAL C   OXT  sing N N 401 
VAL CB  CG1  sing N N 402 
VAL CB  CG2  sing N N 403 
VAL CB  HB   sing N N 404 
VAL CG1 HG11 sing N N 405 
VAL CG1 HG12 sing N N 406 
VAL CG1 HG13 sing N N 407 
VAL CG2 HG21 sing N N 408 
VAL CG2 HG22 sing N N 409 
VAL CG2 HG23 sing N N 410 
VAL OXT HXT  sing N N 411 
# 
_pdbx_audit_support.funding_organization   
'National Institutes of Health/National Institute of General Medical Sciences (NIH/NIGMS)' 
_pdbx_audit_support.country                'United States' 
_pdbx_audit_support.grant_number           'R01 GM098435' 
_pdbx_audit_support.ordinal                1 
# 
_pdbx_entity_instance_feature.ordinal        1 
_pdbx_entity_instance_feature.comp_id        HWJ 
_pdbx_entity_instance_feature.asym_id        ? 
_pdbx_entity_instance_feature.seq_num        ? 
_pdbx_entity_instance_feature.auth_comp_id   HWJ 
_pdbx_entity_instance_feature.auth_asym_id   ? 
_pdbx_entity_instance_feature.auth_seq_num   ? 
_pdbx_entity_instance_feature.feature_type   'SUBJECT OF INVESTIGATION' 
_pdbx_entity_instance_feature.details        ? 
# 
loop_
_pdbx_entity_nonpoly.entity_id 
_pdbx_entity_nonpoly.name 
_pdbx_entity_nonpoly.comp_id 
2 'MANGANESE (II) ION'                                                                            MN  
3 '3-hydroxy-6-[2-methyl-4-(1H-tetrazol-5-yl)phenyl]-4-oxo-1,4-dihydropyridine-2-carboxylic acid' HWJ 
4 water                                                                                           HOH 
# 
_pdbx_initial_refinement_model.id               1 
_pdbx_initial_refinement_model.entity_id_list   ? 
_pdbx_initial_refinement_model.type             'experimental model' 
_pdbx_initial_refinement_model.source_name      PDB 
_pdbx_initial_refinement_model.accession_code   4AWM 
_pdbx_initial_refinement_model.details          'PDB entry 4AWM' 
# 
_pdbx_struct_assembly_auth_evidence.id                     1 
_pdbx_struct_assembly_auth_evidence.assembly_id            1 
_pdbx_struct_assembly_auth_evidence.experimental_support   'gel filtration' 
_pdbx_struct_assembly_auth_evidence.details                ? 
# 
